data_3NXY
# 
_entry.id   3NXY 
# 
_audit_conform.dict_name       mmcif_pdbx.dic 
_audit_conform.dict_version    5.379 
_audit_conform.dict_location   http://mmcif.pdb.org/dictionaries/ascii/mmcif_pdbx.dic 
# 
loop_
_database_2.database_id 
_database_2.database_code 
_database_2.pdbx_database_accession 
_database_2.pdbx_DOI 
PDB   3NXY         pdb_00003nxy 10.2210/pdb3nxy/pdb 
RCSB  RCSB060418   ?            ?                   
WWPDB D_1000060418 ?            ?                   
# 
loop_
_pdbx_database_related.db_name 
_pdbx_database_related.db_id 
_pdbx_database_related.details 
_pdbx_database_related.content_type 
PDB 3NXO . unspecified 
PDB 3NXR . unspecified 
PDB 3NXT . unspecified 
PDB 3NXV . unspecified 
PDB 3NXX . unspecified 
PDB 3NXY . unspecified 
PDB 3NZ6 . unspecified 
PDB 3NZ9 . unspecified 
PDB 3NZA . unspecified 
PDB 3NZB . unspecified 
PDB 3NZC . unspecified 
PDB 3NZD . unspecified 
PDB 3gyf . unspecified 
PDB 3d7y . unspecified 
PDB 3d7x . unspecified 
# 
_pdbx_database_status.status_code                     REL 
_pdbx_database_status.entry_id                        3NXY 
_pdbx_database_status.recvd_initial_deposition_date   2010-07-14 
_pdbx_database_status.deposit_site                    RCSB 
_pdbx_database_status.process_site                    RCSB 
_pdbx_database_status.status_code_sf                  REL 
_pdbx_database_status.status_code_mr                  ? 
_pdbx_database_status.SG_entry                        ? 
_pdbx_database_status.status_code_cs                  ? 
_pdbx_database_status.pdb_format_compatible           Y 
_pdbx_database_status.methods_development_category    ? 
_pdbx_database_status.status_code_nmr_data            ? 
# 
_audit_author.name           'Cody, V.' 
_audit_author.pdbx_ordinal   1 
# 
_citation.id                        primary 
_citation.title                     
;Preferential selection of isomer binding from chiral mixtures: alternate binding modes observed for the E and Z isomers of a series of 5-substituted 2,4-diaminofuro[2,3-d]pyrimidines as ternary complexes with NADPH and human dihydrofolate reductase.
;
_citation.journal_abbrev            'Acta Crystallogr.,Sect.D' 
_citation.journal_volume            66 
_citation.page_first                1271 
_citation.page_last                 1277 
_citation.year                      2010 
_citation.journal_id_ASTM           ABCRE6 
_citation.country                   DK 
_citation.journal_id_ISSN           0907-4449 
_citation.journal_id_CSD            0766 
_citation.book_publisher            ? 
_citation.pdbx_database_id_PubMed   21123866 
_citation.pdbx_database_id_DOI      10.1107/S0907444910035808 
# 
loop_
_citation_author.citation_id 
_citation_author.name 
_citation_author.ordinal 
_citation_author.identifier_ORCID 
primary 'Cody, V.'    1 ? 
primary 'Piraino, J.' 2 ? 
primary 'Pace, J.'    3 ? 
primary 'Li, W.'      4 ? 
primary 'Gangjee, A.' 5 ? 
# 
_cell.entry_id           3NXY 
_cell.length_a           84.424 
_cell.length_b           84.424 
_cell.length_c           77.348 
_cell.angle_alpha        90.00 
_cell.angle_beta         90.00 
_cell.angle_gamma        120.00 
_cell.Z_PDB              9 
_cell.pdbx_unique_axis   ? 
_cell.length_a_esd       ? 
_cell.length_b_esd       ? 
_cell.length_c_esd       ? 
_cell.angle_alpha_esd    ? 
_cell.angle_beta_esd     ? 
_cell.angle_gamma_esd    ? 
# 
_symmetry.entry_id                         3NXY 
_symmetry.space_group_name_H-M             'H 3' 
_symmetry.pdbx_full_space_group_name_H-M   ? 
_symmetry.cell_setting                     ? 
_symmetry.Int_Tables_number                146 
_symmetry.space_group_name_Hall            ? 
# 
loop_
_entity.id 
_entity.type 
_entity.src_method 
_entity.pdbx_description 
_entity.formula_weight 
_entity.pdbx_number_of_molecules 
_entity.pdbx_ec 
_entity.pdbx_mutation 
_entity.pdbx_fragment 
_entity.details 
1 polymer     man 'Dihydrofolate reductase'                                                                 21349.525 1  1.5.1.3 ? 
? ? 
2 non-polymer syn 'NADPH DIHYDRO-NICOTINAMIDE-ADENINE-DINUCLEOTIDE PHOSPHATE'                               745.421   1  ?       ? 
? ? 
3 non-polymer syn '5-[(1E,3R)-2-(2-methoxyphenyl)-3-methylpent-1-en-1-yl]furo[2,3-d]pyrimidine-2,4-diamine' 338.404   1  ?       ? 
? ? 
4 non-polymer syn 'SULFATE ION'                                                                             96.063    2  ?       ? 
? ? 
5 water       nat water                                                                                     18.015    55 ?       ? 
? ? 
# 
_entity_poly.entity_id                      1 
_entity_poly.type                           'polypeptide(L)' 
_entity_poly.nstd_linkage                   no 
_entity_poly.nstd_monomer                   no 
_entity_poly.pdbx_seq_one_letter_code       
;VGSLNCIVAVSQNMGIGKNGDLPWPPLRNEFRYFQRMTTTSSVEGKQNLVIMGKKTWFSIPEKNRPLKGRINLVLSRELK
EPPQGAHFLSRSLDDALKLTEQPELANKVDMVWIVGGSSVYKEAMNHPGHLKLFVTRIMQDFESDTFFPEIDLEKYKLLP
EYPGVLSDVQEEKGIKYKFEVYEKND
;
_entity_poly.pdbx_seq_one_letter_code_can   
;VGSLNCIVAVSQNMGIGKNGDLPWPPLRNEFRYFQRMTTTSSVEGKQNLVIMGKKTWFSIPEKNRPLKGRINLVLSRELK
EPPQGAHFLSRSLDDALKLTEQPELANKVDMVWIVGGSSVYKEAMNHPGHLKLFVTRIMQDFESDTFFPEIDLEKYKLLP
EYPGVLSDVQEEKGIKYKFEVYEKND
;
_entity_poly.pdbx_strand_id                 A 
_entity_poly.pdbx_target_identifier         ? 
# 
loop_
_entity_poly_seq.entity_id 
_entity_poly_seq.num 
_entity_poly_seq.mon_id 
_entity_poly_seq.hetero 
1 1   VAL n 
1 2   GLY n 
1 3   SER n 
1 4   LEU n 
1 5   ASN n 
1 6   CYS n 
1 7   ILE n 
1 8   VAL n 
1 9   ALA n 
1 10  VAL n 
1 11  SER n 
1 12  GLN n 
1 13  ASN n 
1 14  MET n 
1 15  GLY n 
1 16  ILE n 
1 17  GLY n 
1 18  LYS n 
1 19  ASN n 
1 20  GLY n 
1 21  ASP n 
1 22  LEU n 
1 23  PRO n 
1 24  TRP n 
1 25  PRO n 
1 26  PRO n 
1 27  LEU n 
1 28  ARG n 
1 29  ASN n 
1 30  GLU n 
1 31  PHE n 
1 32  ARG n 
1 33  TYR n 
1 34  PHE n 
1 35  GLN n 
1 36  ARG n 
1 37  MET n 
1 38  THR n 
1 39  THR n 
1 40  THR n 
1 41  SER n 
1 42  SER n 
1 43  VAL n 
1 44  GLU n 
1 45  GLY n 
1 46  LYS n 
1 47  GLN n 
1 48  ASN n 
1 49  LEU n 
1 50  VAL n 
1 51  ILE n 
1 52  MET n 
1 53  GLY n 
1 54  LYS n 
1 55  LYS n 
1 56  THR n 
1 57  TRP n 
1 58  PHE n 
1 59  SER n 
1 60  ILE n 
1 61  PRO n 
1 62  GLU n 
1 63  LYS n 
1 64  ASN n 
1 65  ARG n 
1 66  PRO n 
1 67  LEU n 
1 68  LYS n 
1 69  GLY n 
1 70  ARG n 
1 71  ILE n 
1 72  ASN n 
1 73  LEU n 
1 74  VAL n 
1 75  LEU n 
1 76  SER n 
1 77  ARG n 
1 78  GLU n 
1 79  LEU n 
1 80  LYS n 
1 81  GLU n 
1 82  PRO n 
1 83  PRO n 
1 84  GLN n 
1 85  GLY n 
1 86  ALA n 
1 87  HIS n 
1 88  PHE n 
1 89  LEU n 
1 90  SER n 
1 91  ARG n 
1 92  SER n 
1 93  LEU n 
1 94  ASP n 
1 95  ASP n 
1 96  ALA n 
1 97  LEU n 
1 98  LYS n 
1 99  LEU n 
1 100 THR n 
1 101 GLU n 
1 102 GLN n 
1 103 PRO n 
1 104 GLU n 
1 105 LEU n 
1 106 ALA n 
1 107 ASN n 
1 108 LYS n 
1 109 VAL n 
1 110 ASP n 
1 111 MET n 
1 112 VAL n 
1 113 TRP n 
1 114 ILE n 
1 115 VAL n 
1 116 GLY n 
1 117 GLY n 
1 118 SER n 
1 119 SER n 
1 120 VAL n 
1 121 TYR n 
1 122 LYS n 
1 123 GLU n 
1 124 ALA n 
1 125 MET n 
1 126 ASN n 
1 127 HIS n 
1 128 PRO n 
1 129 GLY n 
1 130 HIS n 
1 131 LEU n 
1 132 LYS n 
1 133 LEU n 
1 134 PHE n 
1 135 VAL n 
1 136 THR n 
1 137 ARG n 
1 138 ILE n 
1 139 MET n 
1 140 GLN n 
1 141 ASP n 
1 142 PHE n 
1 143 GLU n 
1 144 SER n 
1 145 ASP n 
1 146 THR n 
1 147 PHE n 
1 148 PHE n 
1 149 PRO n 
1 150 GLU n 
1 151 ILE n 
1 152 ASP n 
1 153 LEU n 
1 154 GLU n 
1 155 LYS n 
1 156 TYR n 
1 157 LYS n 
1 158 LEU n 
1 159 LEU n 
1 160 PRO n 
1 161 GLU n 
1 162 TYR n 
1 163 PRO n 
1 164 GLY n 
1 165 VAL n 
1 166 LEU n 
1 167 SER n 
1 168 ASP n 
1 169 VAL n 
1 170 GLN n 
1 171 GLU n 
1 172 GLU n 
1 173 LYS n 
1 174 GLY n 
1 175 ILE n 
1 176 LYS n 
1 177 TYR n 
1 178 LYS n 
1 179 PHE n 
1 180 GLU n 
1 181 VAL n 
1 182 TYR n 
1 183 GLU n 
1 184 LYS n 
1 185 ASN n 
1 186 ASP n 
# 
_entity_src_gen.entity_id                          1 
_entity_src_gen.pdbx_src_id                        1 
_entity_src_gen.pdbx_alt_source_flag               sample 
_entity_src_gen.pdbx_seq_type                      ? 
_entity_src_gen.pdbx_beg_seq_num                   ? 
_entity_src_gen.pdbx_end_seq_num                   ? 
_entity_src_gen.gene_src_common_name               human 
_entity_src_gen.gene_src_genus                     ? 
_entity_src_gen.pdbx_gene_src_gene                 'DHFR, DHFRP1' 
_entity_src_gen.gene_src_species                   ? 
_entity_src_gen.gene_src_strain                    ? 
_entity_src_gen.gene_src_tissue                    ? 
_entity_src_gen.gene_src_tissue_fraction           ? 
_entity_src_gen.gene_src_details                   ? 
_entity_src_gen.pdbx_gene_src_fragment             ? 
_entity_src_gen.pdbx_gene_src_scientific_name      'Homo sapiens' 
_entity_src_gen.pdbx_gene_src_ncbi_taxonomy_id     9606 
_entity_src_gen.pdbx_gene_src_variant              ? 
_entity_src_gen.pdbx_gene_src_cell_line            ? 
_entity_src_gen.pdbx_gene_src_atcc                 ? 
_entity_src_gen.pdbx_gene_src_organ                ? 
_entity_src_gen.pdbx_gene_src_organelle            ? 
_entity_src_gen.pdbx_gene_src_cell                 ? 
_entity_src_gen.pdbx_gene_src_cellular_location    ? 
_entity_src_gen.host_org_common_name               ? 
_entity_src_gen.pdbx_host_org_scientific_name      'Escherichia coli' 
_entity_src_gen.pdbx_host_org_ncbi_taxonomy_id     562 
_entity_src_gen.host_org_genus                     ? 
_entity_src_gen.pdbx_host_org_gene                 ? 
_entity_src_gen.pdbx_host_org_organ                ? 
_entity_src_gen.host_org_species                   ? 
_entity_src_gen.pdbx_host_org_tissue               ? 
_entity_src_gen.pdbx_host_org_tissue_fraction      ? 
_entity_src_gen.pdbx_host_org_strain               'BL21(DE3)' 
_entity_src_gen.pdbx_host_org_variant              ? 
_entity_src_gen.pdbx_host_org_cell_line            ? 
_entity_src_gen.pdbx_host_org_atcc                 ? 
_entity_src_gen.pdbx_host_org_culture_collection   ? 
_entity_src_gen.pdbx_host_org_cell                 ? 
_entity_src_gen.pdbx_host_org_organelle            ? 
_entity_src_gen.pdbx_host_org_cellular_location    ? 
_entity_src_gen.pdbx_host_org_vector_type          ? 
_entity_src_gen.pdbx_host_org_vector               ? 
_entity_src_gen.host_org_details                   ? 
_entity_src_gen.expression_system_id               ? 
_entity_src_gen.plasmid_name                       ? 
_entity_src_gen.plasmid_details                    ? 
_entity_src_gen.pdbx_description                   ? 
# 
_struct_ref.id                         1 
_struct_ref.db_name                    UNP 
_struct_ref.db_code                    DYR_HUMAN 
_struct_ref.entity_id                  1 
_struct_ref.pdbx_seq_one_letter_code   
;VGSLNCIVAVSQNMGIGKNGDLPWPPLRNEFRYFQRMTTTSSVEGKQNLVIMGKKTWFSIPEKNRPLKGRINLVLSRELK
EPPQGAHFLSRSLDDALKLTEQPELANKVDMVWIVGGSSVYKEAMNHPGHLKLFVTRIMQDFESDTFFPEIDLEKYKLLP
EYPGVLSDVQEEKGIKYKFEVYEKND
;
_struct_ref.pdbx_align_begin           2 
_struct_ref.pdbx_db_accession          P00374 
_struct_ref.pdbx_db_isoform            ? 
# 
_struct_ref_seq.align_id                      1 
_struct_ref_seq.ref_id                        1 
_struct_ref_seq.pdbx_PDB_id_code              3NXY 
_struct_ref_seq.pdbx_strand_id                A 
_struct_ref_seq.seq_align_beg                 1 
_struct_ref_seq.pdbx_seq_align_beg_ins_code   ? 
_struct_ref_seq.seq_align_end                 186 
_struct_ref_seq.pdbx_seq_align_end_ins_code   ? 
_struct_ref_seq.pdbx_db_accession             P00374 
_struct_ref_seq.db_align_beg                  2 
_struct_ref_seq.pdbx_db_align_beg_ins_code    ? 
_struct_ref_seq.db_align_end                  187 
_struct_ref_seq.pdbx_db_align_end_ins_code    ? 
_struct_ref_seq.pdbx_auth_seq_align_beg       1 
_struct_ref_seq.pdbx_auth_seq_align_end       186 
# 
loop_
_chem_comp.id 
_chem_comp.type 
_chem_comp.mon_nstd_flag 
_chem_comp.name 
_chem_comp.pdbx_synonyms 
_chem_comp.formula 
_chem_comp.formula_weight 
ALA 'L-peptide linking' y ALANINE                                                                                   ? 'C3 H7 N O2' 
89.093  
ARG 'L-peptide linking' y ARGININE                                                                                  ? 
'C6 H15 N4 O2 1'    175.209 
ASN 'L-peptide linking' y ASPARAGINE                                                                                ? 
'C4 H8 N2 O3'       132.118 
ASP 'L-peptide linking' y 'ASPARTIC ACID'                                                                           ? 'C4 H7 N O4' 
133.103 
CYS 'L-peptide linking' y CYSTEINE                                                                                  ? 
'C3 H7 N O2 S'      121.158 
D2H non-polymer         . '5-[(1E,3R)-2-(2-methoxyphenyl)-3-methylpent-1-en-1-yl]furo[2,3-d]pyrimidine-2,4-diamine' ? 
'C19 H22 N4 O2'     338.404 
GLN 'L-peptide linking' y GLUTAMINE                                                                                 ? 
'C5 H10 N2 O3'      146.144 
GLU 'L-peptide linking' y 'GLUTAMIC ACID'                                                                           ? 'C5 H9 N O4' 
147.129 
GLY 'peptide linking'   y GLYCINE                                                                                   ? 'C2 H5 N O2' 
75.067  
HIS 'L-peptide linking' y HISTIDINE                                                                                 ? 
'C6 H10 N3 O2 1'    156.162 
HOH non-polymer         . WATER                                                                                     ? 'H2 O' 
18.015  
ILE 'L-peptide linking' y ISOLEUCINE                                                                                ? 
'C6 H13 N O2'       131.173 
LEU 'L-peptide linking' y LEUCINE                                                                                   ? 
'C6 H13 N O2'       131.173 
LYS 'L-peptide linking' y LYSINE                                                                                    ? 
'C6 H15 N2 O2 1'    147.195 
MET 'L-peptide linking' y METHIONINE                                                                                ? 
'C5 H11 N O2 S'     149.211 
NDP non-polymer         . 'NADPH DIHYDRO-NICOTINAMIDE-ADENINE-DINUCLEOTIDE PHOSPHATE'                               ? 
'C21 H30 N7 O17 P3' 745.421 
PHE 'L-peptide linking' y PHENYLALANINE                                                                             ? 
'C9 H11 N O2'       165.189 
PRO 'L-peptide linking' y PROLINE                                                                                   ? 'C5 H9 N O2' 
115.130 
SER 'L-peptide linking' y SERINE                                                                                    ? 'C3 H7 N O3' 
105.093 
SO4 non-polymer         . 'SULFATE ION'                                                                             ? 'O4 S -2' 
96.063  
THR 'L-peptide linking' y THREONINE                                                                                 ? 'C4 H9 N O3' 
119.119 
TRP 'L-peptide linking' y TRYPTOPHAN                                                                                ? 
'C11 H12 N2 O2'     204.225 
TYR 'L-peptide linking' y TYROSINE                                                                                  ? 
'C9 H11 N O3'       181.189 
VAL 'L-peptide linking' y VALINE                                                                                    ? 
'C5 H11 N O2'       117.146 
# 
_exptl.entry_id          3NXY 
_exptl.method            'X-RAY DIFFRACTION' 
_exptl.crystals_number   1 
# 
_exptl_crystal.id                    1 
_exptl_crystal.density_meas          ? 
_exptl_crystal.density_Matthews      2.48 
_exptl_crystal.density_percent_sol   50.50 
_exptl_crystal.description           ? 
_exptl_crystal.F_000                 ? 
_exptl_crystal.preparation           ? 
# 
_exptl_crystal_grow.crystal_id      1 
_exptl_crystal_grow.method          'VAPOR DIFFUSION, HANGING DROP' 
_exptl_crystal_grow.temp            287 
_exptl_crystal_grow.temp_details    ? 
_exptl_crystal_grow.pH              6.9 
_exptl_crystal_grow.pdbx_details    
'100 mM K2PO4, 60 % saturated ammonium sulfate, 3% v/v ethanol, pH 6.9, VAPOR DIFFUSION, HANGING DROP, temperature 287K' 
_exptl_crystal_grow.pdbx_pH_range   ? 
# 
_diffrn.id                     1 
_diffrn.ambient_temp           200 
_diffrn.ambient_temp_details   ? 
_diffrn.crystal_id             1 
# 
_diffrn_detector.diffrn_id              1 
_diffrn_detector.detector               CCD 
_diffrn_detector.type                   'MARMOSAIC 325 mm CCD' 
_diffrn_detector.pdbx_collection_date   2008-12-06 
_diffrn_detector.details                mirrors 
# 
_diffrn_radiation.diffrn_id                        1 
_diffrn_radiation.wavelength_id                    1 
_diffrn_radiation.pdbx_monochromatic_or_laue_m_l   M 
_diffrn_radiation.monochromator                    graphite 
_diffrn_radiation.pdbx_diffrn_protocol             'SINGLE WAVELENGTH' 
_diffrn_radiation.pdbx_scattering_type             x-ray 
# 
_diffrn_radiation_wavelength.id           1 
_diffrn_radiation_wavelength.wavelength   0.975 
_diffrn_radiation_wavelength.wt           1.0 
# 
_diffrn_source.diffrn_id                   1 
_diffrn_source.source                      SYNCHROTRON 
_diffrn_source.type                        'SSRL BEAMLINE BL9-2' 
_diffrn_source.pdbx_synchrotron_site       SSRL 
_diffrn_source.pdbx_synchrotron_beamline   BL9-2 
_diffrn_source.pdbx_wavelength             ? 
_diffrn_source.pdbx_wavelength_list        0.975 
# 
_reflns.entry_id                     3NXY 
_reflns.observed_criterion_sigma_I   2.0 
_reflns.observed_criterion_sigma_F   2.0 
_reflns.d_resolution_low             53.3 
_reflns.d_resolution_high            1.9 
_reflns.number_obs                   15398 
_reflns.number_all                   19048 
_reflns.percent_possible_obs         100 
_reflns.pdbx_Rmerge_I_obs            .278 
_reflns.pdbx_Rsym_value              .307 
_reflns.pdbx_netI_over_sigmaI        5.3 
_reflns.B_iso_Wilson_estimate        32.0 
_reflns.pdbx_redundancy              5.6 
_reflns.R_free_details               ? 
_reflns.limit_h_max                  ? 
_reflns.limit_h_min                  ? 
_reflns.limit_k_max                  ? 
_reflns.limit_k_min                  ? 
_reflns.limit_l_max                  ? 
_reflns.limit_l_min                  ? 
_reflns.observed_criterion_F_max     ? 
_reflns.observed_criterion_F_min     ? 
_reflns.pdbx_chi_squared             ? 
_reflns.pdbx_scaling_rejects         ? 
_reflns.pdbx_diffrn_id               1 
_reflns.pdbx_ordinal                 1 
# 
_reflns_shell.d_res_high             1.9 
_reflns_shell.d_res_low              ? 
_reflns_shell.percent_possible_all   100 
_reflns_shell.Rmerge_I_obs           0.033 
_reflns_shell.pdbx_Rsym_value        0.037 
_reflns_shell.meanI_over_sigI_obs    0.6 
_reflns_shell.pdbx_redundancy        5.6 
_reflns_shell.percent_possible_obs   ? 
_reflns_shell.number_unique_all      2789 
_reflns_shell.number_measured_all    ? 
_reflns_shell.number_measured_obs    ? 
_reflns_shell.number_unique_obs      ? 
_reflns_shell.pdbx_chi_squared       ? 
_reflns_shell.pdbx_diffrn_id         ? 
_reflns_shell.pdbx_ordinal           1 
# 
_refine.entry_id                                 3NXY 
_refine.ls_number_reflns_obs                     15398 
_refine.ls_number_reflns_all                     19048 
_refine.pdbx_ls_sigma_I                          2.0 
_refine.pdbx_ls_sigma_F                          2.0 
_refine.pdbx_data_cutoff_high_absF               ? 
_refine.pdbx_data_cutoff_low_absF                ? 
_refine.pdbx_data_cutoff_high_rms_absF           ? 
_refine.ls_d_res_low                             53.15 
_refine.ls_d_res_high                            1.90 
_refine.ls_percent_reflns_obs                    99.99 
_refine.ls_R_factor_obs                          0.21718 
_refine.ls_R_factor_all                          ? 
_refine.ls_R_factor_R_work                       0.21441 
_refine.ls_R_factor_R_free                       .27033 
_refine.ls_R_factor_R_free_error                 ? 
_refine.ls_R_factor_R_free_error_details         ? 
_refine.ls_percent_reflns_R_free                 4.9 
_refine.ls_number_reflns_R_free                  796 
_refine.ls_number_parameters                     ? 
_refine.ls_number_restraints                     ? 
_refine.occupancy_min                            ? 
_refine.occupancy_max                            ? 
_refine.correlation_coeff_Fo_to_Fc               .942 
_refine.correlation_coeff_Fo_to_Fc_free          .914 
_refine.B_iso_mean                               24.572 
_refine.aniso_B[1][1]                            .00 
_refine.aniso_B[2][2]                            .00 
_refine.aniso_B[3][3]                            .00 
_refine.aniso_B[1][2]                            .00 
_refine.aniso_B[1][3]                            .00 
_refine.aniso_B[2][3]                            .00 
_refine.solvent_model_details                    MASK 
_refine.solvent_model_param_ksol                 ? 
_refine.solvent_model_param_bsol                 ? 
_refine.pdbx_solvent_vdw_probe_radii             1.40 
_refine.pdbx_solvent_ion_probe_radii             .80 
_refine.pdbx_solvent_shrinkage_radii             .80 
_refine.pdbx_ls_cross_valid_method               THROUGHOUT 
_refine.details                                  'HYDROGENS HAVE BEEN ADDED IN THE RIDING POSITIONS' 
_refine.pdbx_starting_model                      'PDB entry 1u72' 
_refine.pdbx_method_to_determine_struct          'MOLECULAR REPLACEMENT' 
_refine.pdbx_isotropic_thermal_model             isotropic 
_refine.pdbx_stereochemistry_target_values       'MAXIMUM LIKELIHOOD' 
_refine.pdbx_stereochem_target_val_spec_case     ? 
_refine.pdbx_R_Free_selection_details            RANDOM 
_refine.pdbx_overall_ESU_R_Free                  .172 
_refine.overall_SU_ML                            .138 
_refine.overall_SU_B                             4.820 
_refine.overall_SU_R_Cruickshank_DPI             ? 
_refine.ls_redundancy_reflns_obs                 ? 
_refine.B_iso_min                                ? 
_refine.B_iso_max                                ? 
_refine.overall_SU_R_free                        ? 
_refine.ls_wR_factor_R_free                      ? 
_refine.ls_wR_factor_R_work                      ? 
_refine.overall_FOM_free_R_set                   ? 
_refine.overall_FOM_work_R_set                   ? 
_refine.pdbx_overall_phase_error                 ? 
_refine.pdbx_refine_id                           'X-RAY DIFFRACTION' 
_refine.pdbx_overall_ESU_R                       ? 
_refine.pdbx_diffrn_id                           1 
_refine.pdbx_TLS_residual_ADP_flag               ? 
_refine.pdbx_overall_SU_R_free_Cruickshank_DPI   ? 
_refine.pdbx_overall_SU_R_Blow_DPI               ? 
_refine.pdbx_overall_SU_R_free_Blow_DPI          ? 
# 
_refine_analyze.entry_id                        3NXY 
_refine_analyze.Luzzati_coordinate_error_obs    0.25 
_refine_analyze.Luzzati_sigma_a_obs             ? 
_refine_analyze.Luzzati_d_res_low_obs           ? 
_refine_analyze.Luzzati_coordinate_error_free   ? 
_refine_analyze.Luzzati_sigma_a_free            ? 
_refine_analyze.Luzzati_d_res_low_free          ? 
_refine_analyze.number_disordered_residues      ? 
_refine_analyze.occupancy_sum_hydrogen          ? 
_refine_analyze.occupancy_sum_non_hydrogen      ? 
_refine_analyze.pdbx_Luzzati_d_res_high_obs     ? 
_refine_analyze.pdbx_refine_id                  'X-RAY DIFFRACTION' 
# 
_refine_hist.pdbx_refine_id                   'X-RAY DIFFRACTION' 
_refine_hist.cycle_id                         LAST 
_refine_hist.pdbx_number_atoms_protein        1502 
_refine_hist.pdbx_number_atoms_nucleic_acid   0 
_refine_hist.pdbx_number_atoms_ligand         83 
_refine_hist.number_atoms_solvent             55 
_refine_hist.number_atoms_total               1640 
_refine_hist.d_res_high                       1.90 
_refine_hist.d_res_low                        53.15 
# 
loop_
_refine_ls_restr.type 
_refine_ls_restr.dev_ideal 
_refine_ls_restr.dev_ideal_target 
_refine_ls_restr.weight 
_refine_ls_restr.number 
_refine_ls_restr.pdbx_refine_id 
_refine_ls_restr.pdbx_restraint_function 
r_bond_refined_d       .022   .022   ? 1646 'X-RAY DIFFRACTION' ? 
r_angle_refined_deg    2.097  2.042  ? 2236 'X-RAY DIFFRACTION' ? 
r_dihedral_angle_1_deg 7.183  5.000  ? 189  'X-RAY DIFFRACTION' ? 
r_dihedral_angle_2_deg 33.410 24.583 ? 72   'X-RAY DIFFRACTION' ? 
r_dihedral_angle_3_deg 18.890 15.000 ? 293  'X-RAY DIFFRACTION' ? 
r_dihedral_angle_4_deg 15.184 15.000 ? 9    'X-RAY DIFFRACTION' ? 
r_chiral_restr         .136   .200   ? 236  'X-RAY DIFFRACTION' ? 
r_gen_planes_refined   .010   .021   ? 1228 'X-RAY DIFFRACTION' ? 
r_mcbond_it            1.120  1.500  ? 941  'X-RAY DIFFRACTION' ? 
r_mcangle_it           1.918  2.000  ? 1531 'X-RAY DIFFRACTION' ? 
r_scbond_it            3.055  3.000  ? 705  'X-RAY DIFFRACTION' ? 
r_scangle_it           4.422  4.500  ? 705  'X-RAY DIFFRACTION' ? 
# 
_refine_ls_shell.pdbx_total_number_of_bins_used   20 
_refine_ls_shell.d_res_high                       1.900 
_refine_ls_shell.d_res_low                        1.949 
_refine_ls_shell.number_reflns_R_work             1139 
_refine_ls_shell.R_factor_R_work                  .328 
_refine_ls_shell.percent_reflns_obs               99.92 
_refine_ls_shell.R_factor_R_free                  .381 
_refine_ls_shell.R_factor_R_free_error            ? 
_refine_ls_shell.percent_reflns_R_free            ? 
_refine_ls_shell.number_reflns_R_free             42 
_refine_ls_shell.number_reflns_all                ? 
_refine_ls_shell.R_factor_all                     ? 
_refine_ls_shell.number_reflns_obs                ? 
_refine_ls_shell.redundancy_reflns_obs            ? 
_refine_ls_shell.pdbx_refine_id                   'X-RAY DIFFRACTION' 
# 
_struct.entry_id                  3NXY 
_struct.title                     
;Preferential Selection of Isomer Binding from Chiral Mixtures: Alernate Binding Modes Observed fro the E- and Z-isomers of a Series of 5-Substituted 2,4-Diaminofuro[2,3-d]pyrimidines as Ternary Complexes with NADPH and Human Dihydrofolate Reductase
;
_struct.pdbx_model_details        ? 
_struct.pdbx_CASP_flag            ? 
_struct.pdbx_model_type_details   ? 
# 
_struct_keywords.entry_id        3NXY 
_struct_keywords.pdbx_keywords   OXIDOREDUCTASE 
_struct_keywords.text            'chiral mixtures preferential binding, OXIDOREDUCTASE' 
# 
loop_
_struct_asym.id 
_struct_asym.pdbx_blank_PDB_chainid_flag 
_struct_asym.pdbx_modified 
_struct_asym.entity_id 
_struct_asym.details 
A N N 1 ? 
B N N 2 ? 
C N N 3 ? 
D N N 4 ? 
E N N 4 ? 
F N N 5 ? 
# 
_struct_biol.id        1 
_struct_biol.details   ? 
# 
loop_
_struct_conf.conf_type_id 
_struct_conf.id 
_struct_conf.pdbx_PDB_helix_id 
_struct_conf.beg_label_comp_id 
_struct_conf.beg_label_asym_id 
_struct_conf.beg_label_seq_id 
_struct_conf.pdbx_beg_PDB_ins_code 
_struct_conf.end_label_comp_id 
_struct_conf.end_label_asym_id 
_struct_conf.end_label_seq_id 
_struct_conf.pdbx_end_PDB_ins_code 
_struct_conf.beg_auth_comp_id 
_struct_conf.beg_auth_asym_id 
_struct_conf.beg_auth_seq_id 
_struct_conf.end_auth_comp_id 
_struct_conf.end_auth_asym_id 
_struct_conf.end_auth_seq_id 
_struct_conf.pdbx_PDB_helix_class 
_struct_conf.details 
_struct_conf.pdbx_PDB_helix_length 
HELX_P HELX_P1 1 LEU A 27  ? THR A 40  ? LEU A 27  THR A 40  1 ? 14 
HELX_P HELX_P2 2 LYS A 54  ? ILE A 60  ? LYS A 54  ILE A 60  1 ? 7  
HELX_P HELX_P3 3 PRO A 61  ? ARG A 65  ? PRO A 61  ARG A 65  5 ? 5  
HELX_P HELX_P4 4 SER A 92  ? THR A 100 ? SER A 92  THR A 100 1 ? 9  
HELX_P HELX_P5 5 GLY A 117 ? ASN A 126 ? GLY A 117 ASN A 126 1 ? 10 
# 
_struct_conf_type.id          HELX_P 
_struct_conf_type.criteria    ? 
_struct_conf_type.reference   ? 
# 
loop_
_struct_mon_prot_cis.pdbx_id 
_struct_mon_prot_cis.label_comp_id 
_struct_mon_prot_cis.label_seq_id 
_struct_mon_prot_cis.label_asym_id 
_struct_mon_prot_cis.label_alt_id 
_struct_mon_prot_cis.pdbx_PDB_ins_code 
_struct_mon_prot_cis.auth_comp_id 
_struct_mon_prot_cis.auth_seq_id 
_struct_mon_prot_cis.auth_asym_id 
_struct_mon_prot_cis.pdbx_label_comp_id_2 
_struct_mon_prot_cis.pdbx_label_seq_id_2 
_struct_mon_prot_cis.pdbx_label_asym_id_2 
_struct_mon_prot_cis.pdbx_PDB_ins_code_2 
_struct_mon_prot_cis.pdbx_auth_comp_id_2 
_struct_mon_prot_cis.pdbx_auth_seq_id_2 
_struct_mon_prot_cis.pdbx_auth_asym_id_2 
_struct_mon_prot_cis.pdbx_PDB_model_num 
_struct_mon_prot_cis.pdbx_omega_angle 
1 ARG 65  A . ? ARG 65  A PRO 66  A ? PRO 66  A 1 0.49 
2 GLY 116 A . ? GLY 116 A GLY 117 A ? GLY 117 A 1 3.09 
# 
loop_
_struct_sheet.id 
_struct_sheet.type 
_struct_sheet.number_strands 
_struct_sheet.details 
A ? 8 ? 
B ? 8 ? 
C ? 2 ? 
# 
loop_
_struct_sheet_order.sheet_id 
_struct_sheet_order.range_id_1 
_struct_sheet_order.range_id_2 
_struct_sheet_order.offset 
_struct_sheet_order.sense 
A 1 2 ? parallel      
A 2 3 ? parallel      
A 3 4 ? parallel      
A 4 5 ? parallel      
A 5 6 ? parallel      
A 6 7 ? anti-parallel 
A 7 8 ? anti-parallel 
B 1 2 ? parallel      
B 2 3 ? parallel      
B 3 4 ? parallel      
B 4 5 ? parallel      
B 5 6 ? parallel      
B 6 7 ? anti-parallel 
B 7 8 ? anti-parallel 
C 1 2 ? anti-parallel 
# 
loop_
_struct_sheet_range.sheet_id 
_struct_sheet_range.id 
_struct_sheet_range.beg_label_comp_id 
_struct_sheet_range.beg_label_asym_id 
_struct_sheet_range.beg_label_seq_id 
_struct_sheet_range.pdbx_beg_PDB_ins_code 
_struct_sheet_range.end_label_comp_id 
_struct_sheet_range.end_label_asym_id 
_struct_sheet_range.end_label_seq_id 
_struct_sheet_range.pdbx_end_PDB_ins_code 
_struct_sheet_range.beg_auth_comp_id 
_struct_sheet_range.beg_auth_asym_id 
_struct_sheet_range.beg_auth_seq_id 
_struct_sheet_range.end_auth_comp_id 
_struct_sheet_range.end_auth_asym_id 
_struct_sheet_range.end_auth_seq_id 
A 1 PHE A 88  ? SER A 90  ? PHE A 88  SER A 90  
A 2 ILE A 71  ? LEU A 75  ? ILE A 71  LEU A 75  
A 3 GLN A 47  ? GLY A 53  ? GLN A 47  GLY A 53  
A 4 VAL A 109 ? ILE A 114 ? VAL A 109 ILE A 114 
A 5 LEU A 4   ? SER A 11  ? LEU A 4   SER A 11  
A 6 HIS A 130 ? ILE A 138 ? HIS A 130 ILE A 138 
A 7 ILE A 175 ? ASN A 185 ? ILE A 175 ASN A 185 
A 8 LYS A 157 ? LEU A 158 ? LYS A 157 LEU A 158 
B 1 PHE A 88  ? SER A 90  ? PHE A 88  SER A 90  
B 2 ILE A 71  ? LEU A 75  ? ILE A 71  LEU A 75  
B 3 GLN A 47  ? GLY A 53  ? GLN A 47  GLY A 53  
B 4 VAL A 109 ? ILE A 114 ? VAL A 109 ILE A 114 
B 5 LEU A 4   ? SER A 11  ? LEU A 4   SER A 11  
B 6 HIS A 130 ? ILE A 138 ? HIS A 130 ILE A 138 
B 7 ILE A 175 ? ASN A 185 ? ILE A 175 ASN A 185 
B 8 GLN A 170 ? GLU A 172 ? GLN A 170 GLU A 172 
C 1 GLY A 15  ? GLY A 17  ? GLY A 15  GLY A 17  
C 2 THR A 146 ? PHE A 147 ? THR A 146 PHE A 147 
# 
loop_
_pdbx_struct_sheet_hbond.sheet_id 
_pdbx_struct_sheet_hbond.range_id_1 
_pdbx_struct_sheet_hbond.range_id_2 
_pdbx_struct_sheet_hbond.range_1_label_atom_id 
_pdbx_struct_sheet_hbond.range_1_label_comp_id 
_pdbx_struct_sheet_hbond.range_1_label_asym_id 
_pdbx_struct_sheet_hbond.range_1_label_seq_id 
_pdbx_struct_sheet_hbond.range_1_PDB_ins_code 
_pdbx_struct_sheet_hbond.range_1_auth_atom_id 
_pdbx_struct_sheet_hbond.range_1_auth_comp_id 
_pdbx_struct_sheet_hbond.range_1_auth_asym_id 
_pdbx_struct_sheet_hbond.range_1_auth_seq_id 
_pdbx_struct_sheet_hbond.range_2_label_atom_id 
_pdbx_struct_sheet_hbond.range_2_label_comp_id 
_pdbx_struct_sheet_hbond.range_2_label_asym_id 
_pdbx_struct_sheet_hbond.range_2_label_seq_id 
_pdbx_struct_sheet_hbond.range_2_PDB_ins_code 
_pdbx_struct_sheet_hbond.range_2_auth_atom_id 
_pdbx_struct_sheet_hbond.range_2_auth_comp_id 
_pdbx_struct_sheet_hbond.range_2_auth_asym_id 
_pdbx_struct_sheet_hbond.range_2_auth_seq_id 
A 1 2 O PHE A 88  ? O PHE A 88  N VAL A 74  ? N VAL A 74  
A 2 3 O ILE A 71  ? O ILE A 71  N VAL A 50  ? N VAL A 50  
A 3 4 N LEU A 49  ? N LEU A 49  O MET A 111 ? O MET A 111 
A 4 5 O ILE A 114 ? O ILE A 114 N ASN A 5   ? N ASN A 5   
A 5 6 N CYS A 6   ? N CYS A 6   O PHE A 134 ? O PHE A 134 
A 6 7 N LEU A 131 ? N LEU A 131 O LYS A 184 ? O LYS A 184 
A 7 8 O GLU A 183 ? O GLU A 183 N LYS A 157 ? N LYS A 157 
B 1 2 O PHE A 88  ? O PHE A 88  N VAL A 74  ? N VAL A 74  
B 2 3 O ILE A 71  ? O ILE A 71  N VAL A 50  ? N VAL A 50  
B 3 4 N LEU A 49  ? N LEU A 49  O MET A 111 ? O MET A 111 
B 4 5 O ILE A 114 ? O ILE A 114 N ASN A 5   ? N ASN A 5   
B 5 6 N CYS A 6   ? N CYS A 6   O PHE A 134 ? O PHE A 134 
B 6 7 N LEU A 131 ? N LEU A 131 O LYS A 184 ? O LYS A 184 
B 7 8 O TYR A 177 ? O TYR A 177 N GLN A 170 ? N GLN A 170 
C 1 2 N ILE A 16  ? N ILE A 16  O THR A 146 ? O THR A 146 
# 
loop_
_struct_site.id 
_struct_site.pdbx_evidence_code 
_struct_site.pdbx_auth_asym_id 
_struct_site.pdbx_auth_comp_id 
_struct_site.pdbx_auth_seq_id 
_struct_site.pdbx_auth_ins_code 
_struct_site.pdbx_num_residues 
_struct_site.details 
AC1 Software A NDP 187 ? 29 'BINDING SITE FOR RESIDUE NDP A 187' 
AC2 Software A D2H 188 ? 13 'BINDING SITE FOR RESIDUE D2H A 188' 
AC3 Software A SO4 189 ? 4  'BINDING SITE FOR RESIDUE SO4 A 189' 
AC4 Software A SO4 190 ? 2  'BINDING SITE FOR RESIDUE SO4 A 190' 
# 
loop_
_struct_site_gen.id 
_struct_site_gen.site_id 
_struct_site_gen.pdbx_num_res 
_struct_site_gen.label_comp_id 
_struct_site_gen.label_asym_id 
_struct_site_gen.label_seq_id 
_struct_site_gen.pdbx_auth_ins_code 
_struct_site_gen.auth_comp_id 
_struct_site_gen.auth_asym_id 
_struct_site_gen.auth_seq_id 
_struct_site_gen.label_atom_id 
_struct_site_gen.label_alt_id 
_struct_site_gen.symmetry 
_struct_site_gen.details 
1  AC1 29 VAL A 8   ? VAL A 8   . ? 1_555 ? 
2  AC1 29 ALA A 9   ? ALA A 9   . ? 1_555 ? 
3  AC1 29 ILE A 16  ? ILE A 16  . ? 1_555 ? 
4  AC1 29 GLY A 20  ? GLY A 20  . ? 1_555 ? 
5  AC1 29 ASP A 21  ? ASP A 21  . ? 1_555 ? 
6  AC1 29 LEU A 22  ? LEU A 22  . ? 1_555 ? 
7  AC1 29 TRP A 24  ? TRP A 24  . ? 1_555 ? 
8  AC1 29 GLY A 53  ? GLY A 53  . ? 1_555 ? 
9  AC1 29 LYS A 54  ? LYS A 54  . ? 1_555 ? 
10 AC1 29 LYS A 55  ? LYS A 55  . ? 1_555 ? 
11 AC1 29 THR A 56  ? THR A 56  . ? 1_555 ? 
12 AC1 29 SER A 59  ? SER A 59  . ? 1_555 ? 
13 AC1 29 LEU A 75  ? LEU A 75  . ? 1_555 ? 
14 AC1 29 SER A 76  ? SER A 76  . ? 1_555 ? 
15 AC1 29 ARG A 77  ? ARG A 77  . ? 1_555 ? 
16 AC1 29 GLU A 78  ? GLU A 78  . ? 1_555 ? 
17 AC1 29 ARG A 91  ? ARG A 91  . ? 1_555 ? 
18 AC1 29 SER A 92  ? SER A 92  . ? 1_555 ? 
19 AC1 29 VAL A 115 ? VAL A 115 . ? 1_555 ? 
20 AC1 29 GLY A 116 ? GLY A 116 . ? 1_555 ? 
21 AC1 29 GLY A 117 ? GLY A 117 . ? 1_555 ? 
22 AC1 29 SER A 118 ? SER A 118 . ? 1_555 ? 
23 AC1 29 SER A 119 ? SER A 119 . ? 1_555 ? 
24 AC1 29 VAL A 120 ? VAL A 120 . ? 1_555 ? 
25 AC1 29 TYR A 121 ? TYR A 121 . ? 1_555 ? 
26 AC1 29 GLU A 123 ? GLU A 123 . ? 1_555 ? 
27 AC1 29 THR A 146 ? THR A 146 . ? 1_555 ? 
28 AC1 29 D2H C .   ? D2H A 188 . ? 1_555 ? 
29 AC1 29 HOH F .   ? HOH A 203 . ? 1_555 ? 
30 AC2 13 ILE A 7   ? ILE A 7   . ? 1_555 ? 
31 AC2 13 VAL A 8   ? VAL A 8   . ? 1_555 ? 
32 AC2 13 ALA A 9   ? ALA A 9   . ? 1_555 ? 
33 AC2 13 LEU A 22  ? LEU A 22  . ? 1_555 ? 
34 AC2 13 GLU A 30  ? GLU A 30  . ? 1_555 ? 
35 AC2 13 PHE A 31  ? PHE A 31  . ? 1_555 ? 
36 AC2 13 PHE A 34  ? PHE A 34  . ? 1_555 ? 
37 AC2 13 SER A 59  ? SER A 59  . ? 1_555 ? 
38 AC2 13 VAL A 115 ? VAL A 115 . ? 1_555 ? 
39 AC2 13 TYR A 121 ? TYR A 121 . ? 1_555 ? 
40 AC2 13 THR A 136 ? THR A 136 . ? 1_555 ? 
41 AC2 13 NDP B .   ? NDP A 187 . ? 1_555 ? 
42 AC2 13 HOH F .   ? HOH A 213 . ? 1_555 ? 
43 AC3 4  GLU A 143 ? GLU A 143 . ? 8_554 ? 
44 AC3 4  LEU A 166 ? LEU A 166 . ? 1_555 ? 
45 AC3 4  SER A 167 ? SER A 167 . ? 1_555 ? 
46 AC3 4  ASP A 168 ? ASP A 168 . ? 1_555 ? 
47 AC4 2  GLU A 172 ? GLU A 172 . ? 1_555 ? 
48 AC4 2  LYS A 173 ? LYS A 173 . ? 1_555 ? 
# 
_atom_sites.entry_id                    3NXY 
_atom_sites.fract_transf_matrix[1][1]   0.00469954 
_atom_sites.fract_transf_matrix[1][2]   -0.01278586 
_atom_sites.fract_transf_matrix[1][3]   -0.00122968 
_atom_sites.fract_transf_matrix[2][1]   -0.00173143 
_atom_sites.fract_transf_matrix[2][2]   -0.00893402 
_atom_sites.fract_transf_matrix[2][3]   0.01021008 
_atom_sites.fract_transf_matrix[3][1]   -0.01129509 
_atom_sites.fract_transf_matrix[3][2]   -0.00365942 
_atom_sites.fract_transf_matrix[3][3]   -0.00511749 
_atom_sites.fract_transf_vector[1]      0.157897 
_atom_sites.fract_transf_vector[2]      0.316328 
_atom_sites.fract_transf_vector[3]      0.341886 
# 
loop_
_atom_type.symbol 
C 
N 
O 
P 
S 
# 
loop_
_atom_site.group_PDB 
_atom_site.id 
_atom_site.type_symbol 
_atom_site.label_atom_id 
_atom_site.label_alt_id 
_atom_site.label_comp_id 
_atom_site.label_asym_id 
_atom_site.label_entity_id 
_atom_site.label_seq_id 
_atom_site.pdbx_PDB_ins_code 
_atom_site.Cartn_x 
_atom_site.Cartn_y 
_atom_site.Cartn_z 
_atom_site.occupancy 
_atom_site.B_iso_or_equiv 
_atom_site.pdbx_formal_charge 
_atom_site.auth_seq_id 
_atom_site.auth_comp_id 
_atom_site.auth_asym_id 
_atom_site.auth_atom_id 
_atom_site.pdbx_PDB_model_num 
ATOM   1    N N   . VAL A 1 1   ? 5.307   -17.667 -3.102  1.00 34.12 ? 1   VAL A N   1 
ATOM   2    C CA  . VAL A 1 1   ? 4.808   -16.250 -3.050  1.00 33.28 ? 1   VAL A CA  1 
ATOM   3    C C   . VAL A 1 1   ? 5.428   -15.665 -1.789  1.00 33.19 ? 1   VAL A C   1 
ATOM   4    O O   . VAL A 1 1   ? 5.646   -16.418 -0.804  1.00 33.09 ? 1   VAL A O   1 
ATOM   5    C CB  . VAL A 1 1   ? 3.251   -16.178 -3.021  1.00 33.85 ? 1   VAL A CB  1 
ATOM   6    C CG1 . VAL A 1 1   ? 2.706   -14.849 -2.324  1.00 33.23 ? 1   VAL A CG1 1 
ATOM   7    C CG2 . VAL A 1 1   ? 2.686   -16.343 -4.433  1.00 33.59 ? 1   VAL A CG2 1 
ATOM   8    N N   . GLY A 1 2   ? 5.755   -14.351 -1.802  1.00 32.59 ? 2   GLY A N   1 
ATOM   9    C CA  . GLY A 1 2   ? 6.430   -13.731 -0.643  1.00 29.52 ? 2   GLY A CA  1 
ATOM   10   C C   . GLY A 1 2   ? 5.637   -12.954 0.438   1.00 28.31 ? 2   GLY A C   1 
ATOM   11   O O   . GLY A 1 2   ? 4.533   -13.327 0.884   1.00 28.31 ? 2   GLY A O   1 
ATOM   12   N N   . SER A 1 3   ? 6.249   -11.856 0.878   1.00 25.41 ? 3   SER A N   1 
ATOM   13   C CA  . SER A 1 3   ? 5.800   -11.218 2.069   1.00 22.07 ? 3   SER A CA  1 
ATOM   14   C C   . SER A 1 3   ? 4.450   -10.547 1.820   1.00 19.61 ? 3   SER A C   1 
ATOM   15   O O   . SER A 1 3   ? 4.123   -10.203 0.672   1.00 18.27 ? 3   SER A O   1 
ATOM   16   C CB  . SER A 1 3   ? 6.883   -10.263 2.580   1.00 21.57 ? 3   SER A CB  1 
ATOM   17   O OG  . SER A 1 3   ? 7.427   -9.533  1.523   1.00 23.32 ? 3   SER A OG  1 
ATOM   18   N N   . LEU A 1 4   ? 3.671   -10.373 2.890   1.00 17.04 ? 4   LEU A N   1 
ATOM   19   C CA  . LEU A 1 4   ? 2.507   -9.467  2.868   1.00 15.09 ? 4   LEU A CA  1 
ATOM   20   C C   . LEU A 1 4   ? 2.868   -8.119  3.534   1.00 14.90 ? 4   LEU A C   1 
ATOM   21   O O   . LEU A 1 4   ? 3.399   -8.101  4.650   1.00 14.51 ? 4   LEU A O   1 
ATOM   22   C CB  . LEU A 1 4   ? 1.254   -10.123 3.532   1.00 14.85 ? 4   LEU A CB  1 
ATOM   23   C CG  . LEU A 1 4   ? -0.062  -9.338  3.368   1.00 13.64 ? 4   LEU A CG  1 
ATOM   24   C CD1 . LEU A 1 4   ? -0.399  -9.144  1.899   1.00 16.48 ? 4   LEU A CD1 1 
ATOM   25   C CD2 . LEU A 1 4   ? -1.176  -10.063 4.090   1.00 17.48 ? 4   LEU A CD2 1 
ATOM   26   N N   . ASN A 1 5   ? 2.564   -6.999  2.873   1.00 15.15 ? 5   ASN A N   1 
ATOM   27   C CA  . ASN A 1 5   ? 3.044   -5.666  3.291   1.00 16.40 ? 5   ASN A CA  1 
ATOM   28   C C   . ASN A 1 5   ? 1.960   -4.639  3.064   1.00 17.32 ? 5   ASN A C   1 
ATOM   29   O O   . ASN A 1 5   ? 1.228   -4.782  2.073   1.00 16.81 ? 5   ASN A O   1 
ATOM   30   C CB  . ASN A 1 5   ? 4.251   -5.257  2.430   1.00 17.04 ? 5   ASN A CB  1 
ATOM   31   C CG  . ASN A 1 5   ? 5.387   -6.302  2.443   1.00 16.28 ? 5   ASN A CG  1 
ATOM   32   O OD1 . ASN A 1 5   ? 6.186   -6.339  3.359   1.00 16.73 ? 5   ASN A OD1 1 
ATOM   33   N ND2 . ASN A 1 5   ? 5.451   -7.132  1.416   1.00 12.49 ? 5   ASN A ND2 1 
ATOM   34   N N   . CYS A 1 6   ? 1.812   -3.646  3.969   1.00 16.44 ? 6   CYS A N   1 
ATOM   35   C CA  . CYS A 1 6   ? 0.963   -2.451  3.688   1.00 17.98 ? 6   CYS A CA  1 
ATOM   36   C C   . CYS A 1 6   ? 1.943   -1.293  3.503   1.00 16.63 ? 6   CYS A C   1 
ATOM   37   O O   . CYS A 1 6   ? 2.990   -1.292  4.103   1.00 17.62 ? 6   CYS A O   1 
ATOM   38   C CB  . CYS A 1 6   ? 0.020   -2.083  4.860   1.00 16.72 ? 6   CYS A CB  1 
ATOM   39   S SG  . CYS A 1 6   ? -1.212  -3.353  5.129   1.00 20.49 ? 6   CYS A SG  1 
ATOM   40   N N   . ILE A 1 7   ? 1.579   -0.333  2.656   1.00 16.16 ? 7   ILE A N   1 
ATOM   41   C CA  . ILE A 1 7   ? 2.293   0.891   2.509   1.00 14.02 ? 7   ILE A CA  1 
ATOM   42   C C   . ILE A 1 7   ? 1.276   2.025   2.511   1.00 14.28 ? 7   ILE A C   1 
ATOM   43   O O   . ILE A 1 7   ? 0.207   1.904   1.917   1.00 15.08 ? 7   ILE A O   1 
ATOM   44   C CB  . ILE A 1 7   ? 3.291   0.915   1.299   1.00 12.88 ? 7   ILE A CB  1 
ATOM   45   C CG1 . ILE A 1 7   ? 4.110   2.252   1.347   1.00 13.56 ? 7   ILE A CG1 1 
ATOM   46   C CG2 . ILE A 1 7   ? 2.611   0.597   -0.157  1.00 11.95 ? 7   ILE A CG2 1 
ATOM   47   C CD1 . ILE A 1 7   ? 5.400   2.213   0.419   1.00 13.46 ? 7   ILE A CD1 1 
ATOM   48   N N   . VAL A 1 8   ? 1.627   3.117   3.192   1.00 15.40 ? 8   VAL A N   1 
ATOM   49   C CA  . VAL A 1 8   ? 0.711   4.271   3.399   1.00 14.35 ? 8   VAL A CA  1 
ATOM   50   C C   . VAL A 1 8   ? 1.514   5.570   3.623   1.00 15.58 ? 8   VAL A C   1 
ATOM   51   O O   . VAL A 1 8   ? 2.621   5.525   4.099   1.00 16.29 ? 8   VAL A O   1 
ATOM   52   C CB  . VAL A 1 8   ? -0.300  4.050   4.575   1.00 13.68 ? 8   VAL A CB  1 
ATOM   53   C CG1 . VAL A 1 8   ? 0.382   3.970   5.994   1.00 10.88 ? 8   VAL A CG1 1 
ATOM   54   C CG2 . VAL A 1 8   ? -1.336  5.190   4.542   1.00 11.77 ? 8   VAL A CG2 1 
ATOM   55   N N   . ALA A 1 9   ? 0.985   6.707   3.220   1.00 16.05 ? 9   ALA A N   1 
ATOM   56   C CA  . ALA A 1 9   ? 1.495   7.956   3.755   1.00 18.61 ? 9   ALA A CA  1 
ATOM   57   C C   . ALA A 1 9   ? 0.367   8.603   4.549   1.00 19.00 ? 9   ALA A C   1 
ATOM   58   O O   . ALA A 1 9   ? -0.762  8.624   4.093   1.00 20.09 ? 9   ALA A O   1 
ATOM   59   C CB  . ALA A 1 9   ? 1.982   8.864   2.619   1.00 17.35 ? 9   ALA A CB  1 
ATOM   60   N N   . VAL A 1 10  ? 0.651   9.111   5.750   1.00 20.33 ? 10  VAL A N   1 
ATOM   61   C CA  . VAL A 1 10  ? -0.426  9.517   6.646   1.00 20.83 ? 10  VAL A CA  1 
ATOM   62   C C   . VAL A 1 10  ? 0.004   10.746  7.473   1.00 20.70 ? 10  VAL A C   1 
ATOM   63   O O   . VAL A 1 10  ? 1.128   10.817  7.934   1.00 21.38 ? 10  VAL A O   1 
ATOM   64   C CB  . VAL A 1 10  ? -0.868  8.335   7.573   1.00 21.39 ? 10  VAL A CB  1 
ATOM   65   C CG1 . VAL A 1 10  ? 0.269   7.844   8.455   1.00 22.00 ? 10  VAL A CG1 1 
ATOM   66   C CG2 . VAL A 1 10  ? -1.978  8.746   8.466   1.00 22.77 ? 10  VAL A CG2 1 
ATOM   67   N N   . SER A 1 11  ? -0.906  11.709  7.638   1.00 19.71 ? 11  SER A N   1 
ATOM   68   C CA  . SER A 1 11  ? -0.638  12.953  8.348   1.00 18.35 ? 11  SER A CA  1 
ATOM   69   C C   . SER A 1 11  ? -0.807  12.705  9.813   1.00 18.72 ? 11  SER A C   1 
ATOM   70   O O   . SER A 1 11  ? -1.214  11.586  10.271  1.00 17.73 ? 11  SER A O   1 
ATOM   71   C CB  . SER A 1 11  ? -1.617  14.042  7.906   1.00 18.56 ? 11  SER A CB  1 
ATOM   72   O OG  . SER A 1 11  ? -2.955  13.607  8.165   1.00 15.21 ? 11  SER A OG  1 
ATOM   73   N N   . GLN A 1 12  ? -0.485  13.736  10.570  1.00 18.47 ? 12  GLN A N   1 
ATOM   74   C CA  . GLN A 1 12  ? -0.542  13.632  12.010  1.00 20.39 ? 12  GLN A CA  1 
ATOM   75   C C   . GLN A 1 12  ? -1.906  13.284  12.563  1.00 20.46 ? 12  GLN A C   1 
ATOM   76   O O   . GLN A 1 12  ? -1.971  12.602  13.540  1.00 21.91 ? 12  GLN A O   1 
ATOM   77   C CB  . GLN A 1 12  ? -0.072  14.921  12.687  1.00 20.29 ? 12  GLN A CB  1 
ATOM   78   C CG  . GLN A 1 12  ? 1.381   14.843  13.077  1.00 28.56 ? 12  GLN A CG  1 
ATOM   79   C CD  . GLN A 1 12  ? 1.922   16.211  13.440  1.00 33.72 ? 12  GLN A CD  1 
ATOM   80   O OE1 . GLN A 1 12  ? 3.141   16.416  13.440  1.00 40.41 ? 12  GLN A OE1 1 
ATOM   81   N NE2 . GLN A 1 12  ? 1.027   17.147  13.751  1.00 30.27 ? 12  GLN A NE2 1 
ATOM   82   N N   . ASN A 1 13  ? -2.978  13.799  11.968  1.00 21.25 ? 13  ASN A N   1 
ATOM   83   C CA  . ASN A 1 13  ? -4.335  13.544  12.435  1.00 21.07 ? 13  ASN A CA  1 
ATOM   84   C C   . ASN A 1 13  ? -4.906  12.242  11.820  1.00 20.97 ? 13  ASN A C   1 
ATOM   85   O O   . ASN A 1 13  ? -6.106  12.040  11.748  1.00 19.72 ? 13  ASN A O   1 
ATOM   86   C CB  . ASN A 1 13  ? -5.236  14.763  12.141  1.00 21.34 ? 13  ASN A CB  1 
ATOM   87   C CG  . ASN A 1 13  ? -5.262  15.176  10.653  1.00 20.63 ? 13  ASN A CG  1 
ATOM   88   O OD1 . ASN A 1 13  ? -4.233  15.335  9.971   1.00 19.50 ? 13  ASN A OD1 1 
ATOM   89   N ND2 . ASN A 1 13  ? -6.460  15.418  10.174  1.00 19.66 ? 13  ASN A ND2 1 
ATOM   90   N N   . MET A 1 14  ? -3.986  11.385  11.367  1.00 20.70 ? 14  MET A N   1 
ATOM   91   C CA  . MET A 1 14  ? -4.271  10.037  10.815  1.00 20.37 ? 14  MET A CA  1 
ATOM   92   C C   . MET A 1 14  ? -4.839  10.035  9.406   1.00 20.15 ? 14  MET A C   1 
ATOM   93   O O   . MET A 1 14  ? -5.313  8.996   8.959   1.00 19.43 ? 14  MET A O   1 
ATOM   94   C CB  . MET A 1 14  ? -5.135  9.189   11.753  1.00 20.07 ? 14  MET A CB  1 
ATOM   95   C CG  . MET A 1 14  ? -4.470  8.866   13.074  1.00 20.87 ? 14  MET A CG  1 
ATOM   96   S SD  . MET A 1 14  ? -2.780  8.316   12.727  1.00 27.77 ? 14  MET A SD  1 
ATOM   97   C CE  . MET A 1 14  ? -3.078  6.589   12.292  1.00 26.04 ? 14  MET A CE  1 
ATOM   98   N N   . GLY A 1 15  ? -4.815  11.179  8.716   1.00 18.53 ? 15  GLY A N   1 
ATOM   99   C CA  . GLY A 1 15  ? -5.472  11.255  7.398   1.00 18.91 ? 15  GLY A CA  1 
ATOM   100  C C   . GLY A 1 15  ? -4.723  10.697  6.186   1.00 18.85 ? 15  GLY A C   1 
ATOM   101  O O   . GLY A 1 15  ? -3.525  10.974  6.003   1.00 19.00 ? 15  GLY A O   1 
ATOM   102  N N   . ILE A 1 16  ? -5.431  9.950   5.331   1.00 18.34 ? 16  ILE A N   1 
ATOM   103  C CA  . ILE A 1 16  ? -4.815  9.418   4.106   1.00 17.82 ? 16  ILE A CA  1 
ATOM   104  C C   . ILE A 1 16  ? -5.394  10.001  2.793   1.00 16.86 ? 16  ILE A C   1 
ATOM   105  O O   . ILE A 1 16  ? -4.726  9.992   1.785   1.00 15.42 ? 16  ILE A O   1 
ATOM   106  C CB  . ILE A 1 16  ? -4.835  7.857   4.046   1.00 17.78 ? 16  ILE A CB  1 
ATOM   107  C CG1 . ILE A 1 16  ? -6.276  7.327   4.001   1.00 17.55 ? 16  ILE A CG1 1 
ATOM   108  C CG2 . ILE A 1 16  ? -4.016  7.251   5.247   1.00 16.48 ? 16  ILE A CG2 1 
ATOM   109  C CD1 . ILE A 1 16  ? -6.440  5.847   3.588   1.00 17.60 ? 16  ILE A CD1 1 
ATOM   110  N N   . GLY A 1 17  ? -6.578  10.594  2.832   1.00 15.44 ? 17  GLY A N   1 
ATOM   111  C CA  . GLY A 1 17  ? -7.146  11.082  1.603   1.00 14.76 ? 17  GLY A CA  1 
ATOM   112  C C   . GLY A 1 17  ? -8.120  12.186  1.878   1.00 15.36 ? 17  GLY A C   1 
ATOM   113  O O   . GLY A 1 17  ? -8.568  12.341  2.988   1.00 14.64 ? 17  GLY A O   1 
ATOM   114  N N   . LYS A 1 18  ? -8.412  12.966  0.851   1.00 15.97 ? 18  LYS A N   1 
ATOM   115  C CA  . LYS A 1 18  ? -9.483  13.954  0.913   1.00 17.04 ? 18  LYS A CA  1 
ATOM   116  C C   . LYS A 1 18  ? -10.048 13.928  -0.487  1.00 18.58 ? 18  LYS A C   1 
ATOM   117  O O   . LYS A 1 18  ? -9.358  14.360  -1.402  1.00 19.38 ? 18  LYS A O   1 
ATOM   118  C CB  . LYS A 1 18  ? -8.938  15.372  1.147   1.00 15.89 ? 18  LYS A CB  1 
ATOM   119  C CG  . LYS A 1 18  ? -10.091 16.438  1.239   1.00 20.74 ? 18  LYS A CG  1 
ATOM   120  C CD  . LYS A 1 18  ? -9.589  17.824  1.678   1.00 24.06 ? 18  LYS A CD  1 
ATOM   121  C CE  . LYS A 1 18  ? -8.921  18.537  0.523   1.00 25.77 ? 18  LYS A CE  1 
ATOM   122  N NZ  . LYS A 1 18  ? -8.570  20.026  0.707   1.00 26.68 ? 18  LYS A NZ  1 
ATOM   123  N N   . ASN A 1 19  ? -11.268 13.405  -0.644  1.00 20.41 ? 19  ASN A N   1 
ATOM   124  C CA  . ASN A 1 19  ? -11.990 13.357  -1.939  1.00 21.87 ? 19  ASN A CA  1 
ATOM   125  C C   . ASN A 1 19  ? -11.153 12.741  -3.062  1.00 22.60 ? 19  ASN A C   1 
ATOM   126  O O   . ASN A 1 19  ? -11.151 13.251  -4.210  1.00 22.78 ? 19  ASN A O   1 
ATOM   127  C CB  . ASN A 1 19  ? -12.498 14.762  -2.355  1.00 21.28 ? 19  ASN A CB  1 
ATOM   128  C CG  . ASN A 1 19  ? -13.595 15.305  -1.444  1.00 21.73 ? 19  ASN A CG  1 
ATOM   129  O OD1 . ASN A 1 19  ? -14.582 14.604  -1.102  1.00 19.96 ? 19  ASN A OD1 1 
ATOM   130  N ND2 . ASN A 1 19  ? -13.455 16.581  -1.073  1.00 19.32 ? 19  ASN A ND2 1 
ATOM   131  N N   . GLY A 1 20  ? -10.460 11.645  -2.741  1.00 22.83 ? 20  GLY A N   1 
ATOM   132  C CA  . GLY A 1 20  ? -9.845  10.825  -3.783  1.00 23.22 ? 20  GLY A CA  1 
ATOM   133  C C   . GLY A 1 20  ? -8.510  11.378  -4.216  1.00 22.80 ? 20  GLY A C   1 
ATOM   134  O O   . GLY A 1 20  ? -7.981  11.039  -5.275  1.00 24.35 ? 20  GLY A O   1 
ATOM   135  N N   . ASP A 1 21  ? -7.973  12.260  -3.399  1.00 22.43 ? 21  ASP A N   1 
ATOM   136  C CA  . ASP A 1 21  ? -6.702  12.847  -3.651  1.00 23.02 ? 21  ASP A CA  1 
ATOM   137  C C   . ASP A 1 21  ? -5.948  12.803  -2.331  1.00 22.73 ? 21  ASP A C   1 
ATOM   138  O O   . ASP A 1 21  ? -6.531  12.433  -1.317  1.00 22.78 ? 21  ASP A O   1 
ATOM   139  C CB  . ASP A 1 21  ? -6.886  14.274  -4.111  1.00 23.43 ? 21  ASP A CB  1 
ATOM   140  C CG  . ASP A 1 21  ? -5.859  14.678  -5.116  1.00 27.39 ? 21  ASP A CG  1 
ATOM   141  O OD1 . ASP A 1 21  ? -4.699  14.186  -5.009  1.00 26.84 ? 21  ASP A OD1 1 
ATOM   142  O OD2 . ASP A 1 21  ? -6.232  15.472  -6.030  1.00 33.47 ? 21  ASP A OD2 1 
ATOM   143  N N   . LEU A 1 22  ? -4.669  13.166  -2.361  1.00 21.70 ? 22  LEU A N   1 
ATOM   144  C CA  . LEU A 1 22  ? -3.877  13.204  -1.136  1.00 22.44 ? 22  LEU A CA  1 
ATOM   145  C C   . LEU A 1 22  ? -4.230  14.444  -0.302  1.00 21.96 ? 22  LEU A C   1 
ATOM   146  O O   . LEU A 1 22  ? -4.534  15.509  -0.878  1.00 22.94 ? 22  LEU A O   1 
ATOM   147  C CB  . LEU A 1 22  ? -2.356  13.064  -1.412  1.00 21.98 ? 22  LEU A CB  1 
ATOM   148  C CG  . LEU A 1 22  ? -1.833  11.684  -1.943  1.00 20.57 ? 22  LEU A CG  1 
ATOM   149  C CD1 . LEU A 1 22  ? -0.350  11.715  -1.993  1.00 24.18 ? 22  LEU A CD1 1 
ATOM   150  C CD2 . LEU A 1 22  ? -2.238  10.462  -1.133  1.00 22.27 ? 22  LEU A CD2 1 
ATOM   151  N N   . PRO A 1 23  ? -4.233  14.310  1.051   1.00 21.20 ? 23  PRO A N   1 
ATOM   152  C CA  . PRO A 1 23  ? -4.512  15.513  1.844   1.00 21.02 ? 23  PRO A CA  1 
ATOM   153  C C   . PRO A 1 23  ? -3.561  16.672  1.577   1.00 20.81 ? 23  PRO A C   1 
ATOM   154  O O   . PRO A 1 23  ? -3.967  17.839  1.688   1.00 18.95 ? 23  PRO A O   1 
ATOM   155  C CB  . PRO A 1 23  ? -4.413  15.003  3.290   1.00 19.87 ? 23  PRO A CB  1 
ATOM   156  C CG  . PRO A 1 23  ? -4.926  13.559  3.138   1.00 18.38 ? 23  PRO A CG  1 
ATOM   157  C CD  . PRO A 1 23  ? -4.194  13.108  1.912   1.00 21.18 ? 23  PRO A CD  1 
ATOM   158  N N   . TRP A 1 24  ? -2.309  16.338  1.257   1.00 20.85 ? 24  TRP A N   1 
ATOM   159  C CA  . TRP A 1 24  ? -1.203  17.306  1.162   1.00 20.96 ? 24  TRP A CA  1 
ATOM   160  C C   . TRP A 1 24  ? -0.905  17.532  -0.289  1.00 21.30 ? 24  TRP A C   1 
ATOM   161  O O   . TRP A 1 24  ? -1.293  16.744  -1.145  1.00 22.14 ? 24  TRP A O   1 
ATOM   162  C CB  . TRP A 1 24  ? 0.067   16.759  1.903   1.00 20.98 ? 24  TRP A CB  1 
ATOM   163  C CG  . TRP A 1 24  ? 0.249   15.266  1.655   1.00 19.77 ? 24  TRP A CG  1 
ATOM   164  C CD1 . TRP A 1 24  ? 0.856   14.661  0.588   1.00 20.56 ? 24  TRP A CD1 1 
ATOM   165  C CD2 . TRP A 1 24  ? -0.319  14.215  2.460   1.00 20.25 ? 24  TRP A CD2 1 
ATOM   166  N NE1 . TRP A 1 24  ? 0.742   13.267  0.704   1.00 22.24 ? 24  TRP A NE1 1 
ATOM   167  C CE2 . TRP A 1 24  ? 0.026   12.974  1.846   1.00 22.84 ? 24  TRP A CE2 1 
ATOM   168  C CE3 . TRP A 1 24  ? -1.059  14.205  3.648   1.00 16.58 ? 24  TRP A CE3 1 
ATOM   169  C CZ2 . TRP A 1 24  ? -0.376  11.717  2.383   1.00 21.62 ? 24  TRP A CZ2 1 
ATOM   170  C CZ3 . TRP A 1 24  ? -1.463  12.947  4.192   1.00 22.07 ? 24  TRP A CZ3 1 
ATOM   171  C CH2 . TRP A 1 24  ? -1.119  11.724  3.540   1.00 22.16 ? 24  TRP A CH2 1 
ATOM   172  N N   . PRO A 1 25  ? -0.206  18.613  -0.593  1.00 21.74 ? 25  PRO A N   1 
ATOM   173  C CA  . PRO A 1 25  ? 0.203   18.812  -1.975  1.00 22.57 ? 25  PRO A CA  1 
ATOM   174  C C   . PRO A 1 25  ? 1.190   17.716  -2.426  1.00 23.06 ? 25  PRO A C   1 
ATOM   175  O O   . PRO A 1 25  ? 1.740   17.016  -1.584  1.00 23.42 ? 25  PRO A O   1 
ATOM   176  C CB  . PRO A 1 25  ? 0.884   20.171  -1.964  1.00 23.49 ? 25  PRO A CB  1 
ATOM   177  C CG  . PRO A 1 25  ? 0.675   20.753  -0.677  1.00 23.88 ? 25  PRO A CG  1 
ATOM   178  C CD  . PRO A 1 25  ? 0.084   19.759  0.284   1.00 21.94 ? 25  PRO A CD  1 
ATOM   179  N N   . PRO A 1 26  ? 1.372   17.540  -3.742  1.00 23.30 ? 26  PRO A N   1 
ATOM   180  C CA  . PRO A 1 26  ? 2.306   16.498  -4.228  1.00 24.15 ? 26  PRO A CA  1 
ATOM   181  C C   . PRO A 1 26  ? 3.723   16.568  -3.639  1.00 24.41 ? 26  PRO A C   1 
ATOM   182  O O   . PRO A 1 26  ? 4.368   17.634  -3.646  1.00 24.45 ? 26  PRO A O   1 
ATOM   183  C CB  . PRO A 1 26  ? 2.308   16.705  -5.756  1.00 25.22 ? 26  PRO A CB  1 
ATOM   184  C CG  . PRO A 1 26  ? 0.958   17.367  -6.039  1.00 23.19 ? 26  PRO A CG  1 
ATOM   185  C CD  . PRO A 1 26  ? 0.582   18.156  -4.832  1.00 22.36 ? 26  PRO A CD  1 
ATOM   186  N N   . LEU A 1 27  ? 4.189   15.432  -3.121  1.00 24.24 ? 27  LEU A N   1 
ATOM   187  C CA  . LEU A 1 27  ? 5.525   15.286  -2.583  1.00 23.88 ? 27  LEU A CA  1 
ATOM   188  C C   . LEU A 1 27  ? 6.247   14.293  -3.510  1.00 25.07 ? 27  LEU A C   1 
ATOM   189  O O   . LEU A 1 27  ? 6.034   13.078  -3.428  1.00 25.01 ? 27  LEU A O   1 
ATOM   190  C CB  . LEU A 1 27  ? 5.463   14.786  -1.128  1.00 23.48 ? 27  LEU A CB  1 
ATOM   191  C CG  . LEU A 1 27  ? 4.602   15.607  -0.140  1.00 24.05 ? 27  LEU A CG  1 
ATOM   192  C CD1 . LEU A 1 27  ? 4.417   14.963  1.203   1.00 23.65 ? 27  LEU A CD1 1 
ATOM   193  C CD2 . LEU A 1 27  ? 5.158   16.963  0.124   1.00 22.09 ? 27  LEU A CD2 1 
ATOM   194  N N   . ARG A 1 28  ? 7.056   14.837  -4.420  1.00 24.74 ? 28  ARG A N   1 
ATOM   195  C CA  . ARG A 1 28  ? 7.591   14.113  -5.572  1.00 26.24 ? 28  ARG A CA  1 
ATOM   196  C C   . ARG A 1 28  ? 8.452   12.938  -5.173  1.00 25.10 ? 28  ARG A C   1 
ATOM   197  O O   . ARG A 1 28  ? 8.308   11.848  -5.707  1.00 26.29 ? 28  ARG A O   1 
ATOM   198  C CB  . ARG A 1 28  ? 8.390   15.038  -6.520  1.00 27.38 ? 28  ARG A CB  1 
ATOM   199  C CG  . ARG A 1 28  ? 7.612   15.522  -7.731  1.00 33.97 ? 28  ARG A CG  1 
ATOM   200  C CD  . ARG A 1 28  ? 7.051   16.966  -7.542  1.00 45.18 ? 28  ARG A CD  1 
ATOM   201  N NE  . ARG A 1 28  ? 5.652   17.106  -7.988  1.00 51.30 ? 28  ARG A NE  1 
ATOM   202  C CZ  . ARG A 1 28  ? 4.997   18.265  -8.171  1.00 54.14 ? 28  ARG A CZ  1 
ATOM   203  N NH1 . ARG A 1 28  ? 3.722   18.227  -8.580  1.00 52.86 ? 28  ARG A NH1 1 
ATOM   204  N NH2 . ARG A 1 28  ? 5.596   19.453  -7.959  1.00 52.53 ? 28  ARG A NH2 1 
ATOM   205  N N   . ASN A 1 29  ? 9.329   13.143  -4.215  1.00 24.81 ? 29  ASN A N   1 
ATOM   206  C CA  . ASN A 1 29  ? 10.222  12.062  -3.747  1.00 23.92 ? 29  ASN A CA  1 
ATOM   207  C C   . ASN A 1 29  ? 9.539   11.019  -2.860  1.00 22.95 ? 29  ASN A C   1 
ATOM   208  O O   . ASN A 1 29  ? 9.973   9.863   -2.784  1.00 23.60 ? 29  ASN A O   1 
ATOM   209  C CB  . ASN A 1 29  ? 11.394  12.691  -3.014  1.00 24.63 ? 29  ASN A CB  1 
ATOM   210  C CG  . ASN A 1 29  ? 12.333  13.438  -3.975  1.00 25.88 ? 29  ASN A CG  1 
ATOM   211  O OD1 . ASN A 1 29  ? 12.355  13.163  -5.164  1.00 22.30 ? 29  ASN A OD1 1 
ATOM   212  N ND2 . ASN A 1 29  ? 13.074  14.365  -3.461  1.00 24.48 ? 29  ASN A ND2 1 
ATOM   213  N N   . GLU A 1 30  ? 8.513   11.476  -2.147  1.00 21.46 ? 30  GLU A N   1 
ATOM   214  C CA  . GLU A 1 30  ? 7.658   10.600  -1.326  1.00 19.96 ? 30  GLU A CA  1 
ATOM   215  C C   . GLU A 1 30  ? 6.978   9.645   -2.291  1.00 18.97 ? 30  GLU A C   1 
ATOM   216  O O   . GLU A 1 30  ? 7.035   8.433   -2.113  1.00 16.85 ? 30  GLU A O   1 
ATOM   217  C CB  . GLU A 1 30  ? 6.649   11.426  -0.497  1.00 18.62 ? 30  GLU A CB  1 
ATOM   218  C CG  . GLU A 1 30  ? 6.168   10.735  0.808   1.00 17.88 ? 30  GLU A CG  1 
ATOM   219  C CD  . GLU A 1 30  ? 5.344   9.430   0.557   1.00 20.19 ? 30  GLU A CD  1 
ATOM   220  O OE1 . GLU A 1 30  ? 5.638   8.366   1.204   1.00 12.69 ? 30  GLU A OE1 1 
ATOM   221  O OE2 . GLU A 1 30  ? 4.428   9.466   -0.290  1.00 15.57 ? 30  GLU A OE2 1 
ATOM   222  N N   . PHE A 1 31  ? 6.373   10.187  -3.347  1.00 19.14 ? 31  PHE A N   1 
ATOM   223  C CA  . PHE A 1 31  ? 5.860   9.337   -4.336  1.00 19.83 ? 31  PHE A CA  1 
ATOM   224  C C   . PHE A 1 31  ? 6.917   8.429   -5.002  1.00 20.50 ? 31  PHE A C   1 
ATOM   225  O O   . PHE A 1 31  ? 6.653   7.221   -5.207  1.00 20.12 ? 31  PHE A O   1 
ATOM   226  C CB  . PHE A 1 31  ? 5.080   10.080  -5.408  1.00 20.34 ? 31  PHE A CB  1 
ATOM   227  C CG  . PHE A 1 31  ? 4.353   9.127   -6.315  1.00 21.14 ? 31  PHE A CG  1 
ATOM   228  C CD1 . PHE A 1 31  ? 3.390   8.253   -5.778  1.00 21.69 ? 31  PHE A CD1 1 
ATOM   229  C CD2 . PHE A 1 31  ? 4.661   9.047   -7.668  1.00 21.10 ? 31  PHE A CD2 1 
ATOM   230  C CE1 . PHE A 1 31  ? 2.747   7.330   -6.582  1.00 21.76 ? 31  PHE A CE1 1 
ATOM   231  C CE2 . PHE A 1 31  ? 4.009   8.147   -8.481  1.00 23.10 ? 31  PHE A CE2 1 
ATOM   232  C CZ  . PHE A 1 31  ? 3.041   7.287   -7.950  1.00 20.64 ? 31  PHE A CZ  1 
ATOM   233  N N   . ARG A 1 32  ? 8.068   8.962   -5.394  1.00 21.06 ? 32  ARG A N   1 
ATOM   234  C CA  . ARG A 1 32  ? 9.166   8.051   -5.879  1.00 23.03 ? 32  ARG A CA  1 
ATOM   235  C C   . ARG A 1 32  ? 9.480   6.906   -4.899  1.00 20.83 ? 32  ARG A C   1 
ATOM   236  O O   . ARG A 1 32  ? 9.824   5.804   -5.289  1.00 21.69 ? 32  ARG A O   1 
ATOM   237  C CB  . ARG A 1 32  ? 10.442  8.831   -6.187  1.00 23.76 ? 32  ARG A CB  1 
ATOM   238  C CG  . ARG A 1 32  ? 10.204  9.816   -7.340  1.00 30.64 ? 32  ARG A CG  1 
ATOM   239  C CD  . ARG A 1 32  ? 11.491  10.305  -8.099  1.00 39.62 ? 32  ARG A CD  1 
ATOM   240  N NE  . ARG A 1 32  ? 11.030  11.192  -9.183  1.00 47.54 ? 32  ARG A NE  1 
ATOM   241  C CZ  . ARG A 1 32  ? 10.984  12.529  -9.103  1.00 51.63 ? 32  ARG A CZ  1 
ATOM   242  N NH1 . ARG A 1 32  ? 10.499  13.264  -10.115 1.00 53.25 ? 32  ARG A NH1 1 
ATOM   243  N NH2 . ARG A 1 32  ? 11.446  13.140  -8.015  1.00 51.42 ? 32  ARG A NH2 1 
ATOM   244  N N   . TYR A 1 33  ? 9.359   7.184   -3.615  1.00 20.03 ? 33  TYR A N   1 
ATOM   245  C CA  . TYR A 1 33  ? 9.642   6.164   -2.622  1.00 18.96 ? 33  TYR A CA  1 
ATOM   246  C C   . TYR A 1 33  ? 8.612   5.049   -2.691  1.00 17.96 ? 33  TYR A C   1 
ATOM   247  O O   . TYR A 1 33  ? 8.960   3.851   -2.649  1.00 17.46 ? 33  TYR A O   1 
ATOM   248  C CB  . TYR A 1 33  ? 9.622   6.788   -1.225  1.00 19.12 ? 33  TYR A CB  1 
ATOM   249  C CG  . TYR A 1 33  ? 9.633   5.777   -0.070  1.00 17.93 ? 33  TYR A CG  1 
ATOM   250  C CD1 . TYR A 1 33  ? 8.454   5.468   0.644   1.00 17.36 ? 33  TYR A CD1 1 
ATOM   251  C CD2 . TYR A 1 33  ? 10.819  5.134   0.306   1.00 16.77 ? 33  TYR A CD2 1 
ATOM   252  C CE1 . TYR A 1 33  ? 8.472   4.567   1.703   1.00 10.80 ? 33  TYR A CE1 1 
ATOM   253  C CE2 . TYR A 1 33  ? 10.827  4.228   1.381   1.00 16.71 ? 33  TYR A CE2 1 
ATOM   254  C CZ  . TYR A 1 33  ? 9.664   3.981   2.063   1.00 13.93 ? 33  TYR A CZ  1 
ATOM   255  O OH  . TYR A 1 33  ? 9.684   3.096   3.129   1.00 14.59 ? 33  TYR A OH  1 
ATOM   256  N N   . PHE A 1 34  ? 7.341   5.437   -2.740  1.00 17.41 ? 34  PHE A N   1 
ATOM   257  C CA  . PHE A 1 34  ? 6.252   4.478   -2.909  1.00 17.96 ? 34  PHE A CA  1 
ATOM   258  C C   . PHE A 1 34  ? 6.505   3.619   -4.147  1.00 17.75 ? 34  PHE A C   1 
ATOM   259  O O   . PHE A 1 34  ? 6.267   2.398   -4.139  1.00 16.30 ? 34  PHE A O   1 
ATOM   260  C CB  . PHE A 1 34  ? 4.888   5.247   -3.139  1.00 18.48 ? 34  PHE A CB  1 
ATOM   261  C CG  . PHE A 1 34  ? 3.758   4.345   -3.622  1.00 19.18 ? 34  PHE A CG  1 
ATOM   262  C CD1 . PHE A 1 34  ? 3.008   3.614   -2.707  1.00 16.00 ? 34  PHE A CD1 1 
ATOM   263  C CD2 . PHE A 1 34  ? 3.432   4.240   -5.005  1.00 18.93 ? 34  PHE A CD2 1 
ATOM   264  C CE1 . PHE A 1 34  ? 1.986   2.779   -3.117  1.00 17.77 ? 34  PHE A CE1 1 
ATOM   265  C CE2 . PHE A 1 34  ? 2.399   3.388   -5.435  1.00 18.04 ? 34  PHE A CE2 1 
ATOM   266  C CZ  . PHE A 1 34  ? 1.662   2.659   -4.490  1.00 17.09 ? 34  PHE A CZ  1 
ATOM   267  N N   . GLN A 1 35  ? 6.897   4.284   -5.240  1.00 18.01 ? 35  GLN A N   1 
ATOM   268  C CA  . GLN A 1 35  ? 7.092   3.612   -6.552  1.00 18.77 ? 35  GLN A CA  1 
ATOM   269  C C   . GLN A 1 35  ? 8.191   2.547   -6.415  1.00 19.51 ? 35  GLN A C   1 
ATOM   270  O O   . GLN A 1 35  ? 8.004   1.379   -6.815  1.00 19.22 ? 35  GLN A O   1 
ATOM   271  C CB  . GLN A 1 35  ? 7.522   4.614   -7.619  1.00 17.79 ? 35  GLN A CB  1 
ATOM   272  C CG  . GLN A 1 35  ? 6.405   5.579   -8.061  1.00 18.78 ? 35  GLN A CG  1 
ATOM   273  C CD  . GLN A 1 35  ? 5.386   4.921   -8.966  1.00 23.51 ? 35  GLN A CD  1 
ATOM   274  O OE1 . GLN A 1 35  ? 4.786   3.907   -8.618  1.00 23.99 ? 35  GLN A OE1 1 
ATOM   275  N NE2 . GLN A 1 35  ? 5.166   5.510   -10.148 1.00 26.13 ? 35  GLN A NE2 1 
ATOM   276  N N   . ARG A 1 36  ? 9.310   2.963   -5.840  1.00 20.00 ? 36  ARG A N   1 
ATOM   277  C CA  . ARG A 1 36  ? 10.501  2.100   -5.624  1.00 19.97 ? 36  ARG A CA  1 
ATOM   278  C C   . ARG A 1 36  ? 10.225  0.929   -4.689  1.00 19.73 ? 36  ARG A C   1 
ATOM   279  O O   . ARG A 1 36  ? 10.640  -0.197  -4.985  1.00 17.74 ? 36  ARG A O   1 
ATOM   280  C CB  . ARG A 1 36  ? 11.643  2.926   -5.022  1.00 20.76 ? 36  ARG A CB  1 
ATOM   281  C CG  . ARG A 1 36  ? 12.926  2.106   -4.723  1.00 21.97 ? 36  ARG A CG  1 
ATOM   282  C CD  . ARG A 1 36  ? 14.118  3.018   -4.522  1.00 23.55 ? 36  ARG A CD  1 
ATOM   283  N NE  . ARG A 1 36  ? 13.927  3.912   -3.372  1.00 20.63 ? 36  ARG A NE  1 
ATOM   284  C CZ  . ARG A 1 36  ? 14.163  3.566   -2.112  1.00 21.60 ? 36  ARG A CZ  1 
ATOM   285  N NH1 . ARG A 1 36  ? 14.591  2.332   -1.826  1.00 18.70 ? 36  ARG A NH1 1 
ATOM   286  N NH2 . ARG A 1 36  ? 13.964  4.453   -1.127  1.00 23.38 ? 36  ARG A NH2 1 
ATOM   287  N N   . MET A 1 37  ? 9.564   1.195   -3.545  1.00 19.71 ? 37  MET A N   1 
ATOM   288  C CA  . MET A 1 37  ? 9.300   0.144   -2.545  1.00 18.16 ? 37  MET A CA  1 
ATOM   289  C C   . MET A 1 37  ? 8.383   -0.932  -3.125  1.00 19.02 ? 37  MET A C   1 
ATOM   290  O O   . MET A 1 37  ? 8.618   -2.129  -2.920  1.00 16.99 ? 37  MET A O   1 
ATOM   291  C CB  . MET A 1 37  ? 8.725   0.674   -1.197  1.00 18.54 ? 37  MET A CB  1 
ATOM   292  C CG  . MET A 1 37  ? 9.695   1.541   -0.457  1.00 19.13 ? 37  MET A CG  1 
ATOM   293  S SD  . MET A 1 37  ? 11.311  0.762   -0.139  1.00 23.75 ? 37  MET A SD  1 
ATOM   294  C CE  . MET A 1 37  ? 10.741  -0.566  0.952   1.00 21.97 ? 37  MET A CE  1 
ATOM   295  N N   . THR A 1 38  ? 7.329   -0.502  -3.844  1.00 18.41 ? 38  THR A N   1 
ATOM   296  C CA  . THR A 1 38  ? 6.330   -1.429  -4.309  1.00 17.70 ? 38  THR A CA  1 
ATOM   297  C C   . THR A 1 38  ? 6.774   -2.172  -5.565  1.00 18.02 ? 38  THR A C   1 
ATOM   298  O O   . THR A 1 38  ? 6.362   -3.302  -5.755  1.00 16.40 ? 38  THR A O   1 
ATOM   299  C CB  . THR A 1 38  ? 4.912   -0.802  -4.552  1.00 18.96 ? 38  THR A CB  1 
ATOM   300  O OG1 . THR A 1 38  ? 5.018   0.279   -5.524  1.00 17.27 ? 38  THR A OG1 1 
ATOM   301  C CG2 . THR A 1 38  ? 4.312   -0.282  -3.259  1.00 16.99 ? 38  THR A CG2 1 
ATOM   302  N N   . THR A 1 39  ? 7.612   -1.552  -6.388  1.00 18.69 ? 39  THR A N   1 
ATOM   303  C CA  . THR A 1 39  ? 8.125   -2.175  -7.615  1.00 21.75 ? 39  THR A CA  1 
ATOM   304  C C   . THR A 1 39  ? 9.264   -3.142  -7.379  1.00 22.78 ? 39  THR A C   1 
ATOM   305  O O   . THR A 1 39  ? 9.289   -4.205  -7.992  1.00 26.32 ? 39  THR A O   1 
ATOM   306  C CB  . THR A 1 39  ? 8.592   -1.132  -8.622  1.00 21.49 ? 39  THR A CB  1 
ATOM   307  O OG1 . THR A 1 39  ? 7.522   -0.211  -8.798  1.00 20.80 ? 39  THR A OG1 1 
ATOM   308  C CG2 . THR A 1 39  ? 8.922   -1.787  -9.996  1.00 21.42 ? 39  THR A CG2 1 
ATOM   309  N N   . THR A 1 40  ? 10.155  -2.830  -6.453  1.00 24.73 ? 40  THR A N   1 
ATOM   310  C CA  . THR A 1 40  ? 11.417  -3.588  -6.287  1.00 25.89 ? 40  THR A CA  1 
ATOM   311  C C   . THR A 1 40  ? 11.202  -5.035  -5.776  1.00 27.32 ? 40  THR A C   1 
ATOM   312  O O   . THR A 1 40  ? 10.728  -5.260  -4.670  1.00 24.57 ? 40  THR A O   1 
ATOM   313  C CB  . THR A 1 40  ? 12.400  -2.831  -5.421  1.00 26.47 ? 40  THR A CB  1 
ATOM   314  O OG1 . THR A 1 40  ? 12.548  -1.524  -5.977  1.00 27.62 ? 40  THR A OG1 1 
ATOM   315  C CG2 . THR A 1 40  ? 13.799  -3.531  -5.428  1.00 24.81 ? 40  THR A CG2 1 
ATOM   316  N N   . SER A 1 41  ? 11.508  -5.998  -6.641  1.00 29.61 ? 41  SER A N   1 
ATOM   317  C CA  . SER A 1 41  ? 11.453  -7.402  -6.284  1.00 33.50 ? 41  SER A CA  1 
ATOM   318  C C   . SER A 1 41  ? 12.879  -7.956  -6.339  1.00 35.91 ? 41  SER A C   1 
ATOM   319  O O   . SER A 1 41  ? 13.612  -7.733  -7.325  1.00 35.51 ? 41  SER A O   1 
ATOM   320  C CB  . SER A 1 41  ? 10.555  -8.166  -7.267  1.00 33.20 ? 41  SER A CB  1 
ATOM   321  O OG  . SER A 1 41  ? 10.450  -9.538  -6.911  1.00 32.96 ? 41  SER A OG  1 
ATOM   322  N N   . SER A 1 42  ? 13.262  -8.666  -5.280  1.00 38.91 ? 42  SER A N   1 
ATOM   323  C CA  . SER A 1 42  ? 14.541  -9.416  -5.274  1.00 41.70 ? 42  SER A CA  1 
ATOM   324  C C   . SER A 1 42  ? 14.481  -10.689 -6.188  1.00 42.33 ? 42  SER A C   1 
ATOM   325  O O   . SER A 1 42  ? 15.304  -10.835 -7.114  1.00 42.84 ? 42  SER A O   1 
ATOM   326  C CB  . SER A 1 42  ? 15.018  -9.712  -3.822  1.00 42.62 ? 42  SER A CB  1 
ATOM   327  O OG  . SER A 1 42  ? 13.937  -9.832  -2.871  1.00 44.04 ? 42  SER A OG  1 
ATOM   328  N N   . VAL A 1 43  ? 13.468  -11.542 -5.969  1.00 42.11 ? 43  VAL A N   1 
ATOM   329  C CA  . VAL A 1 43  ? 13.280  -12.800 -6.719  1.00 41.78 ? 43  VAL A CA  1 
ATOM   330  C C   . VAL A 1 43  ? 13.237  -12.560 -8.236  1.00 42.16 ? 43  VAL A C   1 
ATOM   331  O O   . VAL A 1 43  ? 12.326  -11.877 -8.744  1.00 41.98 ? 43  VAL A O   1 
ATOM   332  C CB  . VAL A 1 43  ? 12.021  -13.601 -6.234  1.00 41.79 ? 43  VAL A CB  1 
ATOM   333  C CG1 . VAL A 1 43  ? 12.074  -15.075 -6.730  1.00 41.07 ? 43  VAL A CG1 1 
ATOM   334  C CG2 . VAL A 1 43  ? 11.914  -13.575 -4.698  1.00 41.73 ? 43  VAL A CG2 1 
ATOM   335  N N   . GLU A 1 44  ? 14.240  -13.089 -8.947  1.00 42.25 ? 44  GLU A N   1 
ATOM   336  C CA  . GLU A 1 44  ? 14.381  -12.843 -10.404 1.00 41.78 ? 44  GLU A CA  1 
ATOM   337  C C   . GLU A 1 44  ? 13.276  -13.561 -11.180 1.00 39.94 ? 44  GLU A C   1 
ATOM   338  O O   . GLU A 1 44  ? 12.884  -14.699 -10.824 1.00 39.48 ? 44  GLU A O   1 
ATOM   339  C CB  . GLU A 1 44  ? 15.822  -13.138 -10.923 1.00 43.09 ? 44  GLU A CB  1 
ATOM   340  C CG  . GLU A 1 44  ? 15.978  -13.951 -12.273 1.00 46.78 ? 44  GLU A CG  1 
ATOM   341  C CD  . GLU A 1 44  ? 15.288  -13.308 -13.529 1.00 51.62 ? 44  GLU A CD  1 
ATOM   342  O OE1 . GLU A 1 44  ? 15.187  -12.047 -13.640 1.00 52.60 ? 44  GLU A OE1 1 
ATOM   343  O OE2 . GLU A 1 44  ? 14.835  -14.092 -14.409 1.00 51.94 ? 44  GLU A OE2 1 
ATOM   344  N N   . GLY A 1 45  ? 12.749  -12.846 -12.186 1.00 37.64 ? 45  GLY A N   1 
ATOM   345  C CA  . GLY A 1 45  ? 11.631  -13.303 -13.008 1.00 35.42 ? 45  GLY A CA  1 
ATOM   346  C C   . GLY A 1 45  ? 10.312  -13.334 -12.230 1.00 33.96 ? 45  GLY A C   1 
ATOM   347  O O   . GLY A 1 45  ? 9.425   -14.156 -12.513 1.00 33.68 ? 45  GLY A O   1 
ATOM   348  N N   . LYS A 1 46  ? 10.196  -12.458 -11.229 1.00 30.82 ? 46  LYS A N   1 
ATOM   349  C CA  . LYS A 1 46  ? 8.928   -12.265 -10.558 1.00 29.24 ? 46  LYS A CA  1 
ATOM   350  C C   . LYS A 1 46  ? 8.622   -10.775 -10.503 1.00 27.79 ? 46  LYS A C   1 
ATOM   351  O O   . LYS A 1 46  ? 9.489   -9.936  -10.776 1.00 26.93 ? 46  LYS A O   1 
ATOM   352  C CB  . LYS A 1 46  ? 8.919   -12.909 -9.162  1.00 28.76 ? 46  LYS A CB  1 
ATOM   353  C CG  . LYS A 1 46  ? 8.977   -14.448 -9.140  1.00 30.29 ? 46  LYS A CG  1 
ATOM   354  C CD  . LYS A 1 46  ? 8.506   -14.981 -7.776  1.00 31.31 ? 46  LYS A CD  1 
ATOM   355  C CE  . LYS A 1 46  ? 8.617   -16.490 -7.685  1.00 36.26 ? 46  LYS A CE  1 
ATOM   356  N NZ  . LYS A 1 46  ? 7.607   -17.075 -6.730  1.00 37.17 ? 46  LYS A NZ  1 
ATOM   357  N N   . GLN A 1 47  ? 7.365   -10.446 -10.203 1.00 26.24 ? 47  GLN A N   1 
ATOM   358  C CA  . GLN A 1 47  ? 6.938   -9.052  -10.038 1.00 24.58 ? 47  GLN A CA  1 
ATOM   359  C C   . GLN A 1 47  ? 6.262   -8.982  -8.707  1.00 23.06 ? 47  GLN A C   1 
ATOM   360  O O   . GLN A 1 47  ? 5.683   -9.968  -8.268  1.00 21.74 ? 47  GLN A O   1 
ATOM   361  C CB  . GLN A 1 47  ? 5.887   -8.670  -11.091 1.00 24.30 ? 47  GLN A CB  1 
ATOM   362  C CG  . GLN A 1 47  ? 6.494   -8.414  -12.446 1.00 27.99 ? 47  GLN A CG  1 
ATOM   363  C CD  . GLN A 1 47  ? 5.757   -7.350  -13.297 1.00 28.62 ? 47  GLN A CD  1 
ATOM   364  O OE1 . GLN A 1 47  ? 4.588   -7.045  -13.084 1.00 24.22 ? 47  GLN A OE1 1 
ATOM   365  N NE2 . GLN A 1 47  ? 6.483   -6.792  -14.290 1.00 31.89 ? 47  GLN A NE2 1 
ATOM   366  N N   . ASN A 1 48  ? 6.290   -7.817  -8.081  1.00 21.93 ? 48  ASN A N   1 
ATOM   367  C CA  . ASN A 1 48  ? 5.375   -7.587  -6.968  1.00 21.06 ? 48  ASN A CA  1 
ATOM   368  C C   . ASN A 1 48  ? 3.895   -7.475  -7.400  1.00 20.50 ? 48  ASN A C   1 
ATOM   369  O O   . ASN A 1 48  ? 3.554   -7.169  -8.582  1.00 19.30 ? 48  ASN A O   1 
ATOM   370  C CB  . ASN A 1 48  ? 5.847   -6.409  -6.128  1.00 21.45 ? 48  ASN A CB  1 
ATOM   371  C CG  . ASN A 1 48  ? 7.172   -6.672  -5.461  1.00 21.21 ? 48  ASN A CG  1 
ATOM   372  O OD1 . ASN A 1 48  ? 7.592   -7.809  -5.299  1.00 20.19 ? 48  ASN A OD1 1 
ATOM   373  N ND2 . ASN A 1 48  ? 7.833   -5.599  -5.055  1.00 23.30 ? 48  ASN A ND2 1 
ATOM   374  N N   . LEU A 1 49  ? 3.003   -7.837  -6.483  1.00 18.84 ? 49  LEU A N   1 
ATOM   375  C CA  . LEU A 1 49  ? 1.600   -7.593  -6.723  1.00 18.93 ? 49  LEU A CA  1 
ATOM   376  C C   . LEU A 1 49  ? 1.125   -6.415  -5.878  1.00 18.92 ? 49  LEU A C   1 
ATOM   377  O O   . LEU A 1 49  ? 1.548   -6.261  -4.726  1.00 21.16 ? 49  LEU A O   1 
ATOM   378  C CB  . LEU A 1 49  ? 0.755   -8.847  -6.405  1.00 19.80 ? 49  LEU A CB  1 
ATOM   379  C CG  . LEU A 1 49  ? -0.787  -8.704  -6.361  1.00 18.70 ? 49  LEU A CG  1 
ATOM   380  C CD1 . LEU A 1 49  ? -1.442  -8.920  -7.706  1.00 18.59 ? 49  LEU A CD1 1 
ATOM   381  C CD2 . LEU A 1 49  ? -1.411  -9.680  -5.420  1.00 22.31 ? 49  LEU A CD2 1 
ATOM   382  N N   . VAL A 1 50  ? 0.238   -5.590  -6.411  1.00 17.45 ? 50  VAL A N   1 
ATOM   383  C CA  . VAL A 1 50  ? -0.358  -4.520  -5.592  1.00 17.00 ? 50  VAL A CA  1 
ATOM   384  C C   . VAL A 1 50  ? -1.813  -4.789  -5.557  1.00 16.01 ? 50  VAL A C   1 
ATOM   385  O O   . VAL A 1 50  ? -2.411  -5.127  -6.603  1.00 15.48 ? 50  VAL A O   1 
ATOM   386  C CB  . VAL A 1 50  ? -0.104  -3.060  -6.086  1.00 14.69 ? 50  VAL A CB  1 
ATOM   387  C CG1 . VAL A 1 50  ? 1.315   -2.776  -5.991  1.00 20.06 ? 50  VAL A CG1 1 
ATOM   388  C CG2 . VAL A 1 50  ? -0.560  -2.828  -7.508  1.00 16.63 ? 50  VAL A CG2 1 
ATOM   389  N N   . ILE A 1 51  ? -2.352  -4.639  -4.350  1.00 15.77 ? 51  ILE A N   1 
ATOM   390  C CA  . ILE A 1 51  ? -3.744  -4.837  -4.031  1.00 15.45 ? 51  ILE A CA  1 
ATOM   391  C C   . ILE A 1 51  ? -4.325  -3.501  -3.504  1.00 16.20 ? 51  ILE A C   1 
ATOM   392  O O   . ILE A 1 51  ? -3.805  -2.928  -2.549  1.00 16.30 ? 51  ILE A O   1 
ATOM   393  C CB  . ILE A 1 51  ? -3.931  -6.006  -2.958  1.00 16.57 ? 51  ILE A CB  1 
ATOM   394  C CG1 . ILE A 1 51  ? -3.493  -7.388  -3.485  1.00 14.89 ? 51  ILE A CG1 1 
ATOM   395  C CG2 . ILE A 1 51  ? -5.388  -6.081  -2.521  1.00 11.76 ? 51  ILE A CG2 1 
ATOM   396  C CD1 . ILE A 1 51  ? -3.685  -8.512  -2.414  1.00 18.82 ? 51  ILE A CD1 1 
ATOM   397  N N   . MET A 1 52  ? -5.390  -3.002  -4.142  1.00 16.11 ? 52  MET A N   1 
ATOM   398  C CA  . MET A 1 52  ? -6.054  -1.810  -3.676  1.00 17.78 ? 52  MET A CA  1 
ATOM   399  C C   . MET A 1 52  ? -7.543  -1.952  -3.798  1.00 17.11 ? 52  MET A C   1 
ATOM   400  O O   . MET A 1 52  ? -8.055  -2.704  -4.674  1.00 19.09 ? 52  MET A O   1 
ATOM   401  C CB  . MET A 1 52  ? -5.597  -0.629  -4.554  1.00 17.88 ? 52  MET A CB  1 
ATOM   402  C CG  . MET A 1 52  ? -6.088  -0.696  -6.052  1.00 16.14 ? 52  MET A CG  1 
ATOM   403  S SD  . MET A 1 52  ? -4.985  0.302   -7.042  1.00 20.91 ? 52  MET A SD  1 
ATOM   404  C CE  . MET A 1 52  ? -3.627  -0.956  -7.291  1.00 10.75 ? 52  MET A CE  1 
ATOM   405  N N   . GLY A 1 53  ? -8.272  -1.215  -2.977  1.00 17.34 ? 53  GLY A N   1 
ATOM   406  C CA  . GLY A 1 53  ? -9.722  -1.024  -3.134  1.00 17.09 ? 53  GLY A CA  1 
ATOM   407  C C   . GLY A 1 53  ? -10.085 -0.293  -4.416  1.00 17.57 ? 53  GLY A C   1 
ATOM   408  O O   . GLY A 1 53  ? -9.212  0.314   -5.047  1.00 18.63 ? 53  GLY A O   1 
ATOM   409  N N   . LYS A 1 54  ? -11.360 -0.324  -4.810  1.00 17.07 ? 54  LYS A N   1 
ATOM   410  C CA  . LYS A 1 54  ? -11.827 0.322   -6.075  1.00 17.23 ? 54  LYS A CA  1 
ATOM   411  C C   . LYS A 1 54  ? -11.569 1.864   -6.135  1.00 17.26 ? 54  LYS A C   1 
ATOM   412  O O   . LYS A 1 54  ? -11.027 2.365   -7.104  1.00 15.62 ? 54  LYS A O   1 
ATOM   413  C CB  . LYS A 1 54  ? -13.310 0.099   -6.248  1.00 18.21 ? 54  LYS A CB  1 
ATOM   414  C CG  . LYS A 1 54  ? -13.831 0.543   -7.599  1.00 18.70 ? 54  LYS A CG  1 
ATOM   415  C CD  . LYS A 1 54  ? -15.330 0.311   -7.635  1.00 23.60 ? 54  LYS A CD  1 
ATOM   416  C CE  . LYS A 1 54  ? -15.979 0.759   -6.346  1.00 19.78 ? 54  LYS A CE  1 
ATOM   417  N NZ  . LYS A 1 54  ? -17.446 0.687   -6.464  1.00 20.08 ? 54  LYS A NZ  1 
ATOM   418  N N   A LYS A 1 55  ? -12.007 2.571   -5.088  0.50 17.19 ? 55  LYS A N   1 
ATOM   419  N N   B LYS A 1 55  ? -11.970 2.574   -5.077  0.50 17.48 ? 55  LYS A N   1 
ATOM   420  C CA  A LYS A 1 55  ? -11.728 4.003   -4.926  0.50 16.80 ? 55  LYS A CA  1 
ATOM   421  C CA  B LYS A 1 55  ? -11.728 4.024   -4.930  0.50 17.22 ? 55  LYS A CA  1 
ATOM   422  C C   A LYS A 1 55  ? -10.260 4.311   -5.169  0.50 16.58 ? 55  LYS A C   1 
ATOM   423  C C   B LYS A 1 55  ? -10.250 4.433   -4.979  0.50 17.00 ? 55  LYS A C   1 
ATOM   424  O O   A LYS A 1 55  ? -9.937  5.206   -5.929  0.50 16.95 ? 55  LYS A O   1 
ATOM   425  O O   B LYS A 1 55  ? -9.902  5.529   -5.404  0.50 17.38 ? 55  LYS A O   1 
ATOM   426  C CB  A LYS A 1 55  ? -12.121 4.475   -3.531  0.50 16.46 ? 55  LYS A CB  1 
ATOM   427  C CB  B LYS A 1 55  ? -12.394 4.518   -3.647  0.50 17.25 ? 55  LYS A CB  1 
ATOM   428  C CG  A LYS A 1 55  ? -12.719 5.869   -3.510  0.50 15.03 ? 55  LYS A CG  1 
ATOM   429  C CG  B LYS A 1 55  ? -13.906 4.548   -3.749  0.50 16.02 ? 55  LYS A CG  1 
ATOM   430  C CD  A LYS A 1 55  ? -12.217 6.670   -2.309  0.50 10.94 ? 55  LYS A CD  1 
ATOM   431  C CD  B LYS A 1 55  ? -14.546 5.038   -2.487  0.50 16.75 ? 55  LYS A CD  1 
ATOM   432  C CE  A LYS A 1 55  ? -13.219 7.737   -1.832  0.50 9.31  ? 55  LYS A CE  1 
ATOM   433  C CE  B LYS A 1 55  ? -14.868 3.875   -1.580  0.50 19.05 ? 55  LYS A CE  1 
ATOM   434  N NZ  A LYS A 1 55  ? -12.658 8.448   -0.675  0.50 7.95  ? 55  LYS A NZ  1 
ATOM   435  N NZ  B LYS A 1 55  ? -14.385 4.060   -0.158  0.50 24.09 ? 55  LYS A NZ  1 
ATOM   436  N N   . THR A 1 56  ? -9.369  3.557   -4.526  1.00 16.78 ? 56  THR A N   1 
ATOM   437  C CA  . THR A 1 56  ? -7.923  3.813   -4.642  1.00 15.93 ? 56  THR A CA  1 
ATOM   438  C C   . THR A 1 56  ? -7.440  3.668   -6.071  1.00 15.06 ? 56  THR A C   1 
ATOM   439  O O   . THR A 1 56  ? -6.698  4.551   -6.609  1.00 15.21 ? 56  THR A O   1 
ATOM   440  C CB  . THR A 1 56  ? -7.139  2.908   -3.671  1.00 15.77 ? 56  THR A CB  1 
ATOM   441  O OG1 . THR A 1 56  ? -7.447  3.325   -2.325  1.00 17.40 ? 56  THR A OG1 1 
ATOM   442  C CG2 . THR A 1 56  ? -5.664  2.980   -3.926  1.00 13.63 ? 56  THR A CG2 1 
ATOM   443  N N   . TRP A 1 57  ? -7.836  2.572   -6.705  1.00 14.15 ? 57  TRP A N   1 
ATOM   444  C CA  . TRP A 1 57  ? -7.597  2.430   -8.188  1.00 14.55 ? 57  TRP A CA  1 
ATOM   445  C C   . TRP A 1 57  ? -7.991  3.679   -9.008  1.00 15.09 ? 57  TRP A C   1 
ATOM   446  O O   . TRP A 1 57  ? -7.195  4.190   -9.870  1.00 14.92 ? 57  TRP A O   1 
ATOM   447  C CB  . TRP A 1 57  ? -8.267  1.161   -8.706  1.00 13.92 ? 57  TRP A CB  1 
ATOM   448  C CG  . TRP A 1 57  ? -8.238  1.068   -10.205 1.00 14.43 ? 57  TRP A CG  1 
ATOM   449  C CD1 . TRP A 1 57  ? -9.210  1.451   -11.064 1.00 13.07 ? 57  TRP A CD1 1 
ATOM   450  C CD2 . TRP A 1 57  ? -7.141  0.622   -10.998 1.00 15.93 ? 57  TRP A CD2 1 
ATOM   451  N NE1 . TRP A 1 57  ? -8.815  1.252   -12.380 1.00 17.10 ? 57  TRP A NE1 1 
ATOM   452  C CE2 . TRP A 1 57  ? -7.529  0.774   -12.371 1.00 18.30 ? 57  TRP A CE2 1 
ATOM   453  C CE3 . TRP A 1 57  ? -5.852  0.136   -10.698 1.00 15.36 ? 57  TRP A CE3 1 
ATOM   454  C CZ2 . TRP A 1 57  ? -6.680  0.437   -13.429 1.00 15.90 ? 57  TRP A CZ2 1 
ATOM   455  C CZ3 . TRP A 1 57  ? -4.999  -0.202  -11.754 1.00 18.28 ? 57  TRP A CZ3 1 
ATOM   456  C CH2 . TRP A 1 57  ? -5.414  -0.038  -13.114 1.00 15.29 ? 57  TRP A CH2 1 
ATOM   457  N N   . PHE A 1 58  ? -9.204  4.187   -8.749  1.00 15.28 ? 58  PHE A N   1 
ATOM   458  C CA  . PHE A 1 58  ? -9.703  5.315   -9.538  1.00 17.88 ? 58  PHE A CA  1 
ATOM   459  C C   . PHE A 1 58  ? -9.107  6.640   -9.144  1.00 20.31 ? 58  PHE A C   1 
ATOM   460  O O   . PHE A 1 58  ? -9.258  7.640   -9.863  1.00 22.34 ? 58  PHE A O   1 
ATOM   461  C CB  . PHE A 1 58  ? -11.211 5.337   -9.576  1.00 15.83 ? 58  PHE A CB  1 
ATOM   462  C CG  . PHE A 1 58  ? -11.762 4.285   -10.437 1.00 16.77 ? 58  PHE A CG  1 
ATOM   463  C CD1 . PHE A 1 58  ? -12.223 3.093   -9.892  1.00 13.48 ? 58  PHE A CD1 1 
ATOM   464  C CD2 . PHE A 1 58  ? -11.704 4.423   -11.845 1.00 16.86 ? 58  PHE A CD2 1 
ATOM   465  C CE1 . PHE A 1 58  ? -12.705 2.111   -10.695 1.00 12.82 ? 58  PHE A CE1 1 
ATOM   466  C CE2 . PHE A 1 58  ? -12.156 3.403   -12.641 1.00 13.50 ? 58  PHE A CE2 1 
ATOM   467  C CZ  . PHE A 1 58  ? -12.662 2.269   -12.075 1.00 17.20 ? 58  PHE A CZ  1 
ATOM   468  N N   . SER A 1 59  ? -8.406  6.658   -8.012  1.00 22.73 ? 59  SER A N   1 
ATOM   469  C CA  . SER A 1 59  ? -7.696  7.870   -7.596  1.00 25.07 ? 59  SER A CA  1 
ATOM   470  C C   . SER A 1 59  ? -6.289  7.952   -8.217  1.00 26.87 ? 59  SER A C   1 
ATOM   471  O O   . SER A 1 59  ? -5.634  8.975   -8.121  1.00 27.81 ? 59  SER A O   1 
ATOM   472  C CB  . SER A 1 59  ? -7.648  7.945   -6.074  1.00 23.45 ? 59  SER A CB  1 
ATOM   473  O OG  . SER A 1 59  ? -6.647  7.070   -5.606  1.00 24.63 ? 59  SER A OG  1 
ATOM   474  N N   . ILE A 1 60  ? -5.838  6.884   -8.872  1.00 29.26 ? 60  ILE A N   1 
ATOM   475  C CA  . ILE A 1 60  ? -4.509  6.884   -9.482  1.00 31.86 ? 60  ILE A CA  1 
ATOM   476  C C   . ILE A 1 60  ? -4.565  7.813   -10.681 1.00 34.47 ? 60  ILE A C   1 
ATOM   477  O O   . ILE A 1 60  ? -5.405  7.597   -11.582 1.00 34.78 ? 60  ILE A O   1 
ATOM   478  C CB  . ILE A 1 60  ? -4.013  5.439   -9.935  1.00 31.51 ? 60  ILE A CB  1 
ATOM   479  C CG1 . ILE A 1 60  ? -3.920  4.507   -8.733  1.00 30.74 ? 60  ILE A CG1 1 
ATOM   480  C CG2 . ILE A 1 60  ? -2.657  5.534   -10.645 1.00 29.35 ? 60  ILE A CG2 1 
ATOM   481  C CD1 . ILE A 1 60  ? -3.431  3.106   -9.026  1.00 31.19 ? 60  ILE A CD1 1 
ATOM   482  N N   . PRO A 1 61  ? -3.694  8.860   -10.678 1.00 36.91 ? 61  PRO A N   1 
ATOM   483  C CA  . PRO A 1 61  ? -3.513  9.684   -11.849 1.00 38.43 ? 61  PRO A CA  1 
ATOM   484  C C   . PRO A 1 61  ? -3.403  8.685   -12.960 1.00 39.97 ? 61  PRO A C   1 
ATOM   485  O O   . PRO A 1 61  ? -2.571  7.768   -12.839 1.00 40.78 ? 61  PRO A O   1 
ATOM   486  C CB  . PRO A 1 61  ? -2.130  10.323  -11.624 1.00 38.55 ? 61  PRO A CB  1 
ATOM   487  C CG  . PRO A 1 61  ? -1.919  10.375  -10.163 1.00 38.56 ? 61  PRO A CG  1 
ATOM   488  C CD  . PRO A 1 61  ? -2.771  9.236   -9.576  1.00 37.57 ? 61  PRO A CD  1 
ATOM   489  N N   . GLU A 1 62  ? -4.229  8.808   -14.001 1.00 41.33 ? 62  GLU A N   1 
ATOM   490  C CA  . GLU A 1 62  ? -4.159  7.916   -15.181 1.00 42.67 ? 62  GLU A CA  1 
ATOM   491  C C   . GLU A 1 62  ? -2.722  7.622   -15.748 1.00 43.09 ? 62  GLU A C   1 
ATOM   492  O O   . GLU A 1 62  ? -2.474  6.545   -16.310 1.00 41.69 ? 62  GLU A O   1 
ATOM   493  C CB  . GLU A 1 62  ? -5.049  8.459   -16.306 1.00 43.02 ? 62  GLU A CB  1 
ATOM   494  C CG  . GLU A 1 62  ? -5.012  7.613   -17.581 1.00 45.56 ? 62  GLU A CG  1 
ATOM   495  C CD  . GLU A 1 62  ? -5.476  6.161   -17.325 1.00 49.39 ? 62  GLU A CD  1 
ATOM   496  O OE1 . GLU A 1 62  ? -6.653  5.959   -16.922 1.00 49.99 ? 62  GLU A OE1 1 
ATOM   497  O OE2 . GLU A 1 62  ? -4.656  5.227   -17.517 1.00 49.85 ? 62  GLU A OE2 1 
ATOM   498  N N   . LYS A 1 63  ? -1.802  8.592   -15.618 1.00 43.91 ? 63  LYS A N   1 
ATOM   499  C CA  . LYS A 1 63  ? -0.419  8.406   -16.059 1.00 44.35 ? 63  LYS A CA  1 
ATOM   500  C C   . LYS A 1 63  ? 0.152   7.142   -15.459 1.00 44.09 ? 63  LYS A C   1 
ATOM   501  O O   . LYS A 1 63  ? 0.926   6.431   -16.128 1.00 44.71 ? 63  LYS A O   1 
ATOM   502  C CB  . LYS A 1 63  ? 0.460   9.578   -15.668 1.00 45.39 ? 63  LYS A CB  1 
ATOM   503  C CG  . LYS A 1 63  ? 1.993   9.337   -15.879 1.00 48.16 ? 63  LYS A CG  1 
ATOM   504  C CD  . LYS A 1 63  ? 2.797   10.651  -15.920 1.00 50.69 ? 63  LYS A CD  1 
ATOM   505  C CE  . LYS A 1 63  ? 2.303   11.657  -14.868 1.00 51.07 ? 63  LYS A CE  1 
ATOM   506  N NZ  . LYS A 1 63  ? 2.415   13.041  -15.430 1.00 51.74 ? 63  LYS A NZ  1 
ATOM   507  N N   . ASN A 1 64  ? -0.227  6.857   -14.207 1.00 42.58 ? 64  ASN A N   1 
ATOM   508  C CA  . ASN A 1 64  ? 0.254   5.653   -13.505 1.00 41.22 ? 64  ASN A CA  1 
ATOM   509  C C   . ASN A 1 64  ? -0.799  4.514   -13.459 1.00 39.54 ? 64  ASN A C   1 
ATOM   510  O O   . ASN A 1 64  ? -0.857  3.793   -12.453 1.00 39.71 ? 64  ASN A O   1 
ATOM   511  C CB  . ASN A 1 64  ? 0.756   5.982   -12.068 1.00 41.94 ? 64  ASN A CB  1 
ATOM   512  C CG  . ASN A 1 64  ? 1.753   7.160   -12.018 1.00 42.37 ? 64  ASN A CG  1 
ATOM   513  O OD1 . ASN A 1 64  ? 2.968   6.992   -12.251 1.00 40.70 ? 64  ASN A OD1 1 
ATOM   514  N ND2 . ASN A 1 64  ? 1.238   8.353   -11.704 1.00 40.14 ? 64  ASN A ND2 1 
ATOM   515  N N   . ARG A 1 65  ? -1.615  4.347   -14.517 1.00 36.96 ? 65  ARG A N   1 
ATOM   516  C CA  . ARG A 1 65  ? -2.677  3.315   -14.523 1.00 34.75 ? 65  ARG A CA  1 
ATOM   517  C C   . ARG A 1 65  ? -2.612  2.262   -15.633 1.00 31.87 ? 65  ARG A C   1 
ATOM   518  O O   . ARG A 1 65  ? -2.950  2.554   -16.776 1.00 33.49 ? 65  ARG A O   1 
ATOM   519  C CB  . ARG A 1 65  ? -4.048  3.977   -14.569 1.00 34.97 ? 65  ARG A CB  1 
ATOM   520  C CG  . ARG A 1 65  ? -5.002  3.387   -13.612 1.00 34.82 ? 65  ARG A CG  1 
ATOM   521  C CD  . ARG A 1 65  ? -5.953  4.445   -13.098 1.00 37.92 ? 65  ARG A CD  1 
ATOM   522  N NE  . ARG A 1 65  ? -7.263  4.417   -13.739 1.00 37.36 ? 65  ARG A NE  1 
ATOM   523  C CZ  . ARG A 1 65  ? -8.150  5.417   -13.713 1.00 38.60 ? 65  ARG A CZ  1 
ATOM   524  N NH1 . ARG A 1 65  ? -9.328  5.270   -14.321 1.00 35.94 ? 65  ARG A NH1 1 
ATOM   525  N NH2 . ARG A 1 65  ? -7.856  6.568   -13.099 1.00 41.53 ? 65  ARG A NH2 1 
ATOM   526  N N   . PRO A 1 66  ? -2.213  1.016   -15.317 1.00 28.92 ? 66  PRO A N   1 
ATOM   527  C CA  . PRO A 1 66  ? -1.817  0.462   -14.014 1.00 25.53 ? 66  PRO A CA  1 
ATOM   528  C C   . PRO A 1 66  ? -0.496  1.019   -13.495 1.00 22.90 ? 66  PRO A C   1 
ATOM   529  O O   . PRO A 1 66  ? 0.263   1.692   -14.212 1.00 21.26 ? 66  PRO A O   1 
ATOM   530  C CB  . PRO A 1 66  ? -1.683  -1.038  -14.295 1.00 24.36 ? 66  PRO A CB  1 
ATOM   531  C CG  . PRO A 1 66  ? -1.224  -1.089  -15.777 1.00 27.95 ? 66  PRO A CG  1 
ATOM   532  C CD  . PRO A 1 66  ? -1.898  0.103   -16.440 1.00 28.16 ? 66  PRO A CD  1 
ATOM   533  N N   . LEU A 1 67  ? -0.212  0.725   -12.242 1.00 19.78 ? 67  LEU A N   1 
ATOM   534  C CA  . LEU A 1 67  ? 1.125   0.959   -11.732 1.00 19.70 ? 67  LEU A CA  1 
ATOM   535  C C   . LEU A 1 67  ? 2.099   -0.007  -12.437 1.00 18.94 ? 67  LEU A C   1 
ATOM   536  O O   . LEU A 1 67  ? 1.927   -1.255  -12.347 1.00 18.16 ? 67  LEU A O   1 
ATOM   537  C CB  . LEU A 1 67  ? 1.118   0.737   -10.204 1.00 17.76 ? 67  LEU A CB  1 
ATOM   538  C CG  . LEU A 1 67  ? 0.346   1.802   -9.402  1.00 18.69 ? 67  LEU A CG  1 
ATOM   539  C CD1 . LEU A 1 67  ? 0.179   1.268   -7.998  1.00 20.30 ? 67  LEU A CD1 1 
ATOM   540  C CD2 . LEU A 1 67  ? 1.112   3.106   -9.336  1.00 18.43 ? 67  LEU A CD2 1 
ATOM   541  N N   . LYS A 1 68  ? 3.049   0.581   -13.168 1.00 19.12 ? 68  LYS A N   1 
ATOM   542  C CA  . LYS A 1 68  ? 3.903   -0.138  -14.103 1.00 19.45 ? 68  LYS A CA  1 
ATOM   543  C C   . LYS A 1 68  ? 4.849   -1.095  -13.377 1.00 20.02 ? 68  LYS A C   1 
ATOM   544  O O   . LYS A 1 68  ? 5.327   -0.792  -12.279 1.00 20.45 ? 68  LYS A O   1 
ATOM   545  C CB  . LYS A 1 68  ? 4.742   0.870   -14.907 1.00 19.93 ? 68  LYS A CB  1 
ATOM   546  C CG  . LYS A 1 68  ? 3.990   1.583   -16.066 1.00 23.54 ? 68  LYS A CG  1 
ATOM   547  C CD  . LYS A 1 68  ? 5.038   2.165   -17.051 1.00 31.89 ? 68  LYS A CD  1 
ATOM   548  C CE  . LYS A 1 68  ? 4.827   3.651   -17.415 1.00 33.87 ? 68  LYS A CE  1 
ATOM   549  N NZ  . LYS A 1 68  ? 3.554   3.850   -18.169 1.00 35.11 ? 68  LYS A NZ  1 
ATOM   550  N N   . GLY A 1 69  ? 5.156   -2.236  -13.989 1.00 19.52 ? 69  GLY A N   1 
ATOM   551  C CA  . GLY A 1 69  ? 6.202   -3.119  -13.441 1.00 20.07 ? 69  GLY A CA  1 
ATOM   552  C C   . GLY A 1 69  ? 5.637   -4.003  -12.319 1.00 18.92 ? 69  GLY A C   1 
ATOM   553  O O   . GLY A 1 69  ? 6.299   -4.873  -11.854 1.00 21.09 ? 69  GLY A O   1 
ATOM   554  N N   . ARG A 1 70  ? 4.419   -3.742  -11.888 1.00 19.36 ? 70  ARG A N   1 
ATOM   555  C CA  . ARG A 1 70  ? 3.718   -4.539  -10.866 1.00 18.87 ? 70  ARG A CA  1 
ATOM   556  C C   . ARG A 1 70  ? 2.423   -5.160  -11.419 1.00 18.21 ? 70  ARG A C   1 
ATOM   557  O O   . ARG A 1 70  ? 1.742   -4.597  -12.314 1.00 18.87 ? 70  ARG A O   1 
ATOM   558  C CB  . ARG A 1 70  ? 3.337   -3.643  -9.688  1.00 18.00 ? 70  ARG A CB  1 
ATOM   559  C CG  . ARG A 1 70  ? 4.510   -3.113  -8.904  1.00 18.51 ? 70  ARG A CG  1 
ATOM   560  C CD  . ARG A 1 70  ? 4.275   -1.694  -8.460  1.00 14.97 ? 70  ARG A CD  1 
ATOM   561  N NE  . ARG A 1 70  ? 4.479   -0.703  -9.526  1.00 15.15 ? 70  ARG A NE  1 
ATOM   562  C CZ  . ARG A 1 70  ? 4.549   0.615   -9.308  1.00 19.08 ? 70  ARG A CZ  1 
ATOM   563  N NH1 . ARG A 1 70  ? 4.432   1.098   -8.039  1.00 16.20 ? 70  ARG A NH1 1 
ATOM   564  N NH2 . ARG A 1 70  ? 4.730   1.460   -10.336 1.00 14.56 ? 70  ARG A NH2 1 
ATOM   565  N N   . ILE A 1 71  ? 2.004   -6.270  -10.822 1.00 17.37 ? 71  ILE A N   1 
ATOM   566  C CA  . ILE A 1 71  ? 0.699   -6.835  -11.126 1.00 16.72 ? 71  ILE A CA  1 
ATOM   567  C C   . ILE A 1 71  ? -0.341  -6.055  -10.288 1.00 16.88 ? 71  ILE A C   1 
ATOM   568  O O   . ILE A 1 71  ? -0.189  -5.923  -9.058  1.00 16.67 ? 71  ILE A O   1 
ATOM   569  C CB  . ILE A 1 71  ? 0.616   -8.398  -10.801 1.00 17.63 ? 71  ILE A CB  1 
ATOM   570  C CG1 . ILE A 1 71  ? 1.532   -9.197  -11.708 1.00 19.63 ? 71  ILE A CG1 1 
ATOM   571  C CG2 . ILE A 1 71  ? -0.809  -8.947  -10.965 1.00 16.95 ? 71  ILE A CG2 1 
ATOM   572  C CD1 . ILE A 1 71  ? 2.148   -10.412 -10.995 1.00 21.82 ? 71  ILE A CD1 1 
ATOM   573  N N   . ASN A 1 72  ? -1.361  -5.512  -10.944 1.00 15.54 ? 72  ASN A N   1 
ATOM   574  C CA  . ASN A 1 72  ? -2.392  -4.702  -10.258 1.00 16.16 ? 72  ASN A CA  1 
ATOM   575  C C   . ASN A 1 72  ? -3.703  -5.430  -10.078 1.00 15.24 ? 72  ASN A C   1 
ATOM   576  O O   . ASN A 1 72  ? -4.373  -5.797  -11.046 1.00 18.51 ? 72  ASN A O   1 
ATOM   577  C CB  . ASN A 1 72  ? -2.713  -3.427  -11.040 1.00 14.59 ? 72  ASN A CB  1 
ATOM   578  C CG  . ASN A 1 72  ? -1.503  -2.413  -11.134 1.00 13.97 ? 72  ASN A CG  1 
ATOM   579  O OD1 . ASN A 1 72  ? -1.753  -1.252  -10.939 1.00 11.76 ? 72  ASN A OD1 1 
ATOM   580  N ND2 . ASN A 1 72  ? -0.225  -2.858  -11.447 1.00 11.84 ? 72  ASN A ND2 1 
ATOM   581  N N   . LEU A 1 73  ? -4.103  -5.587  -8.849  1.00 14.51 ? 73  LEU A N   1 
ATOM   582  C CA  . LEU A 1 73  ? -5.344  -6.293  -8.516  1.00 14.98 ? 73  LEU A CA  1 
ATOM   583  C C   . LEU A 1 73  ? -6.237  -5.314  -7.755  1.00 15.29 ? 73  LEU A C   1 
ATOM   584  O O   . LEU A 1 73  ? -5.783  -4.766  -6.749  1.00 15.35 ? 73  LEU A O   1 
ATOM   585  C CB  . LEU A 1 73  ? -5.032  -7.526  -7.624  1.00 13.99 ? 73  LEU A CB  1 
ATOM   586  C CG  . LEU A 1 73  ? -6.150  -8.470  -7.154  1.00 16.61 ? 73  LEU A CG  1 
ATOM   587  C CD1 . LEU A 1 73  ? -5.553  -9.881  -6.894  1.00 12.22 ? 73  LEU A CD1 1 
ATOM   588  C CD2 . LEU A 1 73  ? -6.956  -7.877  -5.907  1.00 15.00 ? 73  LEU A CD2 1 
ATOM   589  N N   . VAL A 1 74  ? -7.478  -5.133  -8.227  1.00 15.96 ? 74  VAL A N   1 
ATOM   590  C CA  . VAL A 1 74  ? -8.502  -4.307  -7.554  1.00 17.26 ? 74  VAL A CA  1 
ATOM   591  C C   . VAL A 1 74  ? -9.522  -5.142  -6.734  1.00 16.99 ? 74  VAL A C   1 
ATOM   592  O O   . VAL A 1 74  ? -9.877  -6.244  -7.151  1.00 18.07 ? 74  VAL A O   1 
ATOM   593  C CB  . VAL A 1 74  ? -9.179  -3.399  -8.602  1.00 15.96 ? 74  VAL A CB  1 
ATOM   594  C CG1 . VAL A 1 74  ? -10.381 -2.551  -7.998  1.00 18.15 ? 74  VAL A CG1 1 
ATOM   595  C CG2 . VAL A 1 74  ? -8.112  -2.489  -9.179  1.00 17.58 ? 74  VAL A CG2 1 
ATOM   596  N N   . LEU A 1 75  ? -9.942  -4.637  -5.570  1.00 15.36 ? 75  LEU A N   1 
ATOM   597  C CA  . LEU A 1 75  ? -10.930 -5.330  -4.723  1.00 16.07 ? 75  LEU A CA  1 
ATOM   598  C C   . LEU A 1 75  ? -12.236 -4.567  -4.916  1.00 17.25 ? 75  LEU A C   1 
ATOM   599  O O   . LEU A 1 75  ? -12.213 -3.345  -4.850  1.00 15.64 ? 75  LEU A O   1 
ATOM   600  C CB  . LEU A 1 75  ? -10.563 -5.256  -3.245  1.00 13.89 ? 75  LEU A CB  1 
ATOM   601  C CG  . LEU A 1 75  ? -9.192  -5.776  -2.828  1.00 14.49 ? 75  LEU A CG  1 
ATOM   602  C CD1 . LEU A 1 75  ? -8.879  -5.351  -1.385  1.00 15.27 ? 75  LEU A CD1 1 
ATOM   603  C CD2 . LEU A 1 75  ? -9.160  -7.299  -2.935  1.00 13.09 ? 75  LEU A CD2 1 
ATOM   604  N N   . SER A 1 76  ? -13.306 -5.277  -5.272  1.00 18.03 ? 76  SER A N   1 
ATOM   605  C CA  . SER A 1 76  ? -14.653 -4.694  -5.493  1.00 19.33 ? 76  SER A CA  1 
ATOM   606  C C   . SER A 1 76  ? -15.638 -5.827  -5.472  1.00 21.89 ? 76  SER A C   1 
ATOM   607  O O   . SER A 1 76  ? -15.472 -6.821  -6.190  1.00 22.88 ? 76  SER A O   1 
ATOM   608  C CB  . SER A 1 76  ? -14.760 -3.970  -6.840  1.00 18.99 ? 76  SER A CB  1 
ATOM   609  O OG  . SER A 1 76  ? -16.046 -3.381  -7.036  1.00 19.29 ? 76  SER A OG  1 
ATOM   610  N N   . ARG A 1 77  ? -16.666 -5.678  -4.638  1.00 22.57 ? 77  ARG A N   1 
ATOM   611  C CA  . ARG A 1 77  ? -17.840 -6.537  -4.733  1.00 23.98 ? 77  ARG A CA  1 
ATOM   612  C C   . ARG A 1 77  ? -18.817 -6.091  -5.835  1.00 22.15 ? 77  ARG A C   1 
ATOM   613  O O   . ARG A 1 77  ? -19.545 -6.919  -6.351  1.00 21.64 ? 77  ARG A O   1 
ATOM   614  C CB  . ARG A 1 77  ? -18.541 -6.640  -3.381  1.00 23.46 ? 77  ARG A CB  1 
ATOM   615  C CG  . ARG A 1 77  ? -17.701 -7.353  -2.327  1.00 26.66 ? 77  ARG A CG  1 
ATOM   616  C CD  . ARG A 1 77  ? -18.556 -7.557  -1.068  1.00 34.30 ? 77  ARG A CD  1 
ATOM   617  N NE  . ARG A 1 77  ? -18.190 -8.741  -0.274  1.00 44.15 ? 77  ARG A NE  1 
ATOM   618  C CZ  . ARG A 1 77  ? -17.087 -8.862  0.488   1.00 46.87 ? 77  ARG A CZ  1 
ATOM   619  N NH1 . ARG A 1 77  ? -16.172 -7.878  0.570   1.00 46.54 ? 77  ARG A NH1 1 
ATOM   620  N NH2 . ARG A 1 77  ? -16.888 -9.990  1.172   1.00 46.99 ? 77  ARG A NH2 1 
ATOM   621  N N   . GLU A 1 78  ? -18.784 -4.810  -6.232  1.00 21.79 ? 78  GLU A N   1 
ATOM   622  C CA  . GLU A 1 78  ? -19.688 -4.319  -7.293  1.00 23.05 ? 78  GLU A CA  1 
ATOM   623  C C   . GLU A 1 78  ? -19.215 -4.607  -8.753  1.00 22.12 ? 78  GLU A C   1 
ATOM   624  O O   . GLU A 1 78  ? -20.027 -4.902  -9.630  1.00 23.49 ? 78  GLU A O   1 
ATOM   625  C CB  . GLU A 1 78  ? -19.997 -2.816  -7.119  1.00 22.99 ? 78  GLU A CB  1 
ATOM   626  C CG  . GLU A 1 78  ? -20.608 -2.450  -5.757  1.00 29.96 ? 78  GLU A CG  1 
ATOM   627  C CD  . GLU A 1 78  ? -21.058 -0.954  -5.618  1.00 37.93 ? 78  GLU A CD  1 
ATOM   628  O OE1 . GLU A 1 78  ? -21.002 -0.166  -6.599  1.00 39.01 ? 78  GLU A OE1 1 
ATOM   629  O OE2 . GLU A 1 78  ? -21.479 -0.590  -4.495  1.00 41.70 ? 78  GLU A OE2 1 
ATOM   630  N N   . LEU A 1 79  ? -17.921 -4.483  -9.013  1.00 22.40 ? 79  LEU A N   1 
ATOM   631  C CA  . LEU A 1 79  ? -17.422 -4.529  -10.383 1.00 22.60 ? 79  LEU A CA  1 
ATOM   632  C C   . LEU A 1 79  ? -17.536 -5.992  -10.854 1.00 23.39 ? 79  LEU A C   1 
ATOM   633  O O   . LEU A 1 79  ? -17.526 -6.881  -10.025 1.00 23.31 ? 79  LEU A O   1 
ATOM   634  C CB  . LEU A 1 79  ? -15.993 -4.012  -10.473 1.00 21.47 ? 79  LEU A CB  1 
ATOM   635  C CG  . LEU A 1 79  ? -15.674 -2.544  -10.170 1.00 17.89 ? 79  LEU A CG  1 
ATOM   636  C CD1 . LEU A 1 79  ? -14.198 -2.379  -10.193 1.00 18.02 ? 79  LEU A CD1 1 
ATOM   637  C CD2 . LEU A 1 79  ? -16.310 -1.582  -11.212 1.00 19.27 ? 79  LEU A CD2 1 
ATOM   638  N N   . LYS A 1 80  ? -17.691 -6.213  -12.157 1.00 25.24 ? 80  LYS A N   1 
ATOM   639  C CA  . LYS A 1 80  ? -17.836 -7.574  -12.675 1.00 27.73 ? 80  LYS A CA  1 
ATOM   640  C C   . LYS A 1 80  ? -16.585 -8.044  -13.410 1.00 27.31 ? 80  LYS A C   1 
ATOM   641  O O   . LYS A 1 80  ? -16.417 -9.237  -13.686 1.00 27.99 ? 80  LYS A O   1 
ATOM   642  C CB  . LYS A 1 80  ? -19.117 -7.696  -13.494 1.00 28.80 ? 80  LYS A CB  1 
ATOM   643  C CG  . LYS A 1 80  ? -20.365 -7.664  -12.569 1.00 32.87 ? 80  LYS A CG  1 
ATOM   644  C CD  . LYS A 1 80  ? -20.234 -8.775  -11.418 1.00 39.01 ? 80  LYS A CD  1 
ATOM   645  C CE  . LYS A 1 80  ? -20.874 -8.399  -10.047 1.00 40.16 ? 80  LYS A CE  1 
ATOM   646  N NZ  . LYS A 1 80  ? -22.280 -7.853  -10.254 1.00 44.45 ? 80  LYS A NZ  1 
ATOM   647  N N   . GLU A 1 81  ? -15.680 -7.104  -13.643 1.00 25.93 ? 81  GLU A N   1 
ATOM   648  C CA  . GLU A 1 81  ? -14.435 -7.421  -14.302 1.00 24.54 ? 81  GLU A CA  1 
ATOM   649  C C   . GLU A 1 81  ? -13.394 -6.402  -13.876 1.00 23.13 ? 81  GLU A C   1 
ATOM   650  O O   . GLU A 1 81  ? -13.760 -5.331  -13.342 1.00 21.53 ? 81  GLU A O   1 
ATOM   651  C CB  . GLU A 1 81  ? -14.627 -7.502  -15.829 1.00 25.57 ? 81  GLU A CB  1 
ATOM   652  C CG  . GLU A 1 81  ? -14.919 -6.176  -16.505 1.00 25.84 ? 81  GLU A CG  1 
ATOM   653  C CD  . GLU A 1 81  ? -14.862 -6.289  -18.029 1.00 25.96 ? 81  GLU A CD  1 
ATOM   654  O OE1 . GLU A 1 81  ? -13.799 -6.586  -18.607 1.00 30.34 ? 81  GLU A OE1 1 
ATOM   655  O OE2 . GLU A 1 81  ? -15.885 -6.075  -18.644 1.00 24.54 ? 81  GLU A OE2 1 
ATOM   656  N N   . PRO A 1 82  ? -12.087 -6.749  -14.053 1.00 22.16 ? 82  PRO A N   1 
ATOM   657  C CA  . PRO A 1 82  ? -11.061 -5.805  -13.720 1.00 21.93 ? 82  PRO A CA  1 
ATOM   658  C C   . PRO A 1 82  ? -11.314 -4.521  -14.504 1.00 21.22 ? 82  PRO A C   1 
ATOM   659  O O   . PRO A 1 82  ? -11.585 -4.567  -15.700 1.00 21.11 ? 82  PRO A O   1 
ATOM   660  C CB  . PRO A 1 82  ? -9.766  -6.500  -14.192 1.00 22.62 ? 82  PRO A CB  1 
ATOM   661  C CG  . PRO A 1 82  ? -10.095 -7.973  -14.091 1.00 22.84 ? 82  PRO A CG  1 
ATOM   662  C CD  . PRO A 1 82  ? -11.523 -8.041  -14.512 1.00 22.34 ? 82  PRO A CD  1 
ATOM   663  N N   . PRO A 1 83  ? -11.234 -3.379  -13.830 1.00 20.81 ? 83  PRO A N   1 
ATOM   664  C CA  . PRO A 1 83  ? -11.284 -2.054  -14.472 1.00 21.08 ? 83  PRO A CA  1 
ATOM   665  C C   . PRO A 1 83  ? -10.312 -1.944  -15.655 1.00 22.38 ? 83  PRO A C   1 
ATOM   666  O O   . PRO A 1 83  ? -9.333  -2.713  -15.728 1.00 21.50 ? 83  PRO A O   1 
ATOM   667  C CB  . PRO A 1 83  ? -10.804 -1.105  -13.368 1.00 21.22 ? 83  PRO A CB  1 
ATOM   668  C CG  . PRO A 1 83  ? -10.960 -1.812  -12.125 1.00 20.33 ? 83  PRO A CG  1 
ATOM   669  C CD  . PRO A 1 83  ? -10.919 -3.303  -12.393 1.00 19.31 ? 83  PRO A CD  1 
ATOM   670  N N   . GLN A 1 84  ? -10.595 -1.017  -16.579 1.00 22.43 ? 84  GLN A N   1 
ATOM   671  C CA  . GLN A 1 84  ? -9.659  -0.749  -17.695 1.00 23.94 ? 84  GLN A CA  1 
ATOM   672  C C   . GLN A 1 84  ? -8.209  -0.544  -17.219 1.00 22.65 ? 84  GLN A C   1 
ATOM   673  O O   . GLN A 1 84  ? -7.908  0.354   -16.422 1.00 22.86 ? 84  GLN A O   1 
ATOM   674  C CB  . GLN A 1 84  ? -10.109 0.460   -18.519 1.00 24.43 ? 84  GLN A CB  1 
ATOM   675  C CG  . GLN A 1 84  ? -9.110  0.919   -19.595 1.00 28.58 ? 84  GLN A CG  1 
ATOM   676  C CD  . GLN A 1 84  ? -9.616  2.123   -20.388 1.00 33.72 ? 84  GLN A CD  1 
ATOM   677  O OE1 . GLN A 1 84  ? -10.437 2.935   -19.893 1.00 35.61 ? 84  GLN A OE1 1 
ATOM   678  N NE2 . GLN A 1 84  ? -9.139  2.250   -21.620 1.00 34.15 ? 84  GLN A NE2 1 
ATOM   679  N N   . GLY A 1 85  ? -7.310  -1.378  -17.726 1.00 22.56 ? 85  GLY A N   1 
ATOM   680  C CA  . GLY A 1 85  ? -5.906  -1.253  -17.399 1.00 19.87 ? 85  GLY A CA  1 
ATOM   681  C C   . GLY A 1 85  ? -5.480  -2.045  -16.147 1.00 19.16 ? 85  GLY A C   1 
ATOM   682  O O   . GLY A 1 85  ? -4.302  -2.273  -15.987 1.00 17.92 ? 85  GLY A O   1 
ATOM   683  N N   . ALA A 1 86  ? -6.414  -2.511  -15.298 1.00 18.19 ? 86  ALA A N   1 
ATOM   684  C CA  . ALA A 1 86  ? -6.078  -3.398  -14.146 1.00 18.63 ? 86  ALA A CA  1 
ATOM   685  C C   . ALA A 1 86  ? -5.929  -4.833  -14.660 1.00 18.77 ? 86  ALA A C   1 
ATOM   686  O O   . ALA A 1 86  ? -6.417  -5.154  -15.766 1.00 19.35 ? 86  ALA A O   1 
ATOM   687  C CB  . ALA A 1 86  ? -7.159  -3.318  -13.051 1.00 16.98 ? 86  ALA A CB  1 
ATOM   688  N N   . HIS A 1 87  ? -5.213  -5.663  -13.899 1.00 18.80 ? 87  HIS A N   1 
ATOM   689  C CA  . HIS A 1 87  ? -4.941  -7.060  -14.243 1.00 19.46 ? 87  HIS A CA  1 
ATOM   690  C C   . HIS A 1 87  ? -5.915  -8.101  -13.606 1.00 19.25 ? 87  HIS A C   1 
ATOM   691  O O   . HIS A 1 87  ? -6.354  -9.045  -14.270 1.00 19.42 ? 87  HIS A O   1 
ATOM   692  C CB  . HIS A 1 87  ? -3.487  -7.407  -13.859 1.00 18.87 ? 87  HIS A CB  1 
ATOM   693  C CG  . HIS A 1 87  ? -2.488  -6.472  -14.429 1.00 17.63 ? 87  HIS A CG  1 
ATOM   694  N ND1 . HIS A 1 87  ? -2.402  -6.223  -15.788 1.00 18.87 ? 87  HIS A ND1 1 
ATOM   695  C CD2 . HIS A 1 87  ? -1.528  -5.720  -13.842 1.00 13.25 ? 87  HIS A CD2 1 
ATOM   696  C CE1 . HIS A 1 87  ? -1.458  -5.328  -16.012 1.00 11.74 ? 87  HIS A CE1 1 
ATOM   697  N NE2 . HIS A 1 87  ? -0.908  -5.012  -14.855 1.00 19.13 ? 87  HIS A NE2 1 
ATOM   698  N N   . PHE A 1 88  ? -6.247  -7.933  -12.330 1.00 19.44 ? 88  PHE A N   1 
ATOM   699  C CA  . PHE A 1 88  ? -7.056  -8.919  -11.628 1.00 19.33 ? 88  PHE A CA  1 
ATOM   700  C C   . PHE A 1 88  ? -8.085  -8.195  -10.802 1.00 19.92 ? 88  PHE A C   1 
ATOM   701  O O   . PHE A 1 88  ? -7.911  -6.993  -10.494 1.00 18.57 ? 88  PHE A O   1 
ATOM   702  C CB  . PHE A 1 88  ? -6.202  -9.791  -10.725 1.00 19.31 ? 88  PHE A CB  1 
ATOM   703  C CG  . PHE A 1 88  ? -5.310  -10.725 -11.485 1.00 22.14 ? 88  PHE A CG  1 
ATOM   704  C CD1 . PHE A 1 88  ? -5.780  -11.988 -11.883 1.00 22.90 ? 88  PHE A CD1 1 
ATOM   705  C CD2 . PHE A 1 88  ? -4.026  -10.326 -11.843 1.00 22.74 ? 88  PHE A CD2 1 
ATOM   706  C CE1 . PHE A 1 88  ? -4.967  -12.844 -12.634 1.00 25.93 ? 88  PHE A CE1 1 
ATOM   707  C CE2 . PHE A 1 88  ? -3.204  -11.166 -12.590 1.00 24.48 ? 88  PHE A CE2 1 
ATOM   708  C CZ  . PHE A 1 88  ? -3.670  -12.417 -12.994 1.00 25.58 ? 88  PHE A CZ  1 
ATOM   709  N N   . LEU A 1 89  ? -9.144  -8.948  -10.471 1.00 19.31 ? 89  LEU A N   1 
ATOM   710  C CA  . LEU A 1 89  ? -10.265 -8.515  -9.653  1.00 20.24 ? 89  LEU A CA  1 
ATOM   711  C C   . LEU A 1 89  ? -10.638 -9.623  -8.679  1.00 20.91 ? 89  LEU A C   1 
ATOM   712  O O   . LEU A 1 89  ? -10.826 -10.784 -9.081  1.00 20.39 ? 89  LEU A O   1 
ATOM   713  C CB  . LEU A 1 89  ? -11.452 -8.109  -10.516 1.00 19.12 ? 89  LEU A CB  1 
ATOM   714  C CG  . LEU A 1 89  ? -12.781 -7.991  -9.752  1.00 22.31 ? 89  LEU A CG  1 
ATOM   715  C CD1 . LEU A 1 89  ? -12.884 -6.721  -8.928  1.00 20.71 ? 89  LEU A CD1 1 
ATOM   716  C CD2 . LEU A 1 89  ? -13.929 -8.111  -10.788 1.00 22.91 ? 89  LEU A CD2 1 
ATOM   717  N N   . SER A 1 90  ? -10.670 -9.269  -7.392  1.00 20.61 ? 90  SER A N   1 
ATOM   718  C CA  . SER A 1 90  ? -11.172 -10.163 -6.342  1.00 20.02 ? 90  SER A CA  1 
ATOM   719  C C   . SER A 1 90  ? -12.258 -9.453  -5.562  1.00 21.34 ? 90  SER A C   1 
ATOM   720  O O   . SER A 1 90  ? -12.271 -8.231  -5.497  1.00 21.06 ? 90  SER A O   1 
ATOM   721  C CB  . SER A 1 90  ? -10.086 -10.568 -5.364  1.00 19.78 ? 90  SER A CB  1 
ATOM   722  O OG  . SER A 1 90  ? -9.024  -11.210 -6.018  1.00 16.70 ? 90  SER A OG  1 
ATOM   723  N N   A ARG A 1 91  ? -13.157 -10.240 -4.959  0.50 22.83 ? 91  ARG A N   1 
ATOM   724  N N   B ARG A 1 91  ? -13.154 -10.227 -4.961  0.50 22.69 ? 91  ARG A N   1 
ATOM   725  C CA  A ARG A 1 91  ? -14.314 -9.748  -4.174  0.50 23.62 ? 91  ARG A CA  1 
ATOM   726  C CA  B ARG A 1 91  ? -14.255 -9.685  -4.164  0.50 23.37 ? 91  ARG A CA  1 
ATOM   727  C C   A ARG A 1 91  ? -13.978 -9.537  -2.687  0.50 24.30 ? 91  ARG A C   1 
ATOM   728  C C   B ARG A 1 91  ? -13.764 -9.259  -2.799  0.50 23.89 ? 91  ARG A C   1 
ATOM   729  O O   A ARG A 1 91  ? -14.807 -9.004  -1.937  0.50 24.60 ? 91  ARG A O   1 
ATOM   730  O O   B ARG A 1 91  ? -14.258 -8.278  -2.252  0.50 23.63 ? 91  ARG A O   1 
ATOM   731  C CB  A ARG A 1 91  ? -15.492 -10.738 -4.256  0.50 23.69 ? 91  ARG A CB  1 
ATOM   732  C CB  B ARG A 1 91  ? -15.338 -10.746 -4.001  0.50 23.44 ? 91  ARG A CB  1 
ATOM   733  C CG  A ARG A 1 91  ? -16.057 -11.012 -5.662  0.50 24.81 ? 91  ARG A CG  1 
ATOM   734  C CG  B ARG A 1 91  ? -15.748 -11.260 -5.333  0.50 24.99 ? 91  ARG A CG  1 
ATOM   735  C CD  A ARG A 1 91  ? -17.281 -11.958 -5.629  0.50 24.79 ? 91  ARG A CD  1 
ATOM   736  C CD  B ARG A 1 91  ? -15.660 -10.082 -6.274  0.50 26.02 ? 91  ARG A CD  1 
ATOM   737  N NE  A ARG A 1 91  ? -18.272 -11.521 -4.646  0.50 24.23 ? 91  ARG A NE  1 
ATOM   738  N NE  B ARG A 1 91  ? -15.792 -10.459 -7.668  0.50 26.99 ? 91  ARG A NE  1 
ATOM   739  C CZ  A ARG A 1 91  ? -19.202 -10.598 -4.873  0.50 23.20 ? 91  ARG A CZ  1 
ATOM   740  C CZ  B ARG A 1 91  ? -16.315 -9.659  -8.576  0.50 25.40 ? 91  ARG A CZ  1 
ATOM   741  N NH1 A ARG A 1 91  ? -20.038 -10.271 -3.912  0.50 20.57 ? 91  ARG A NH1 1 
ATOM   742  N NH1 B ARG A 1 91  ? -16.400 -10.077 -9.830  0.50 23.83 ? 91  ARG A NH1 1 
ATOM   743  N NH2 A ARG A 1 91  ? -19.281 -9.985  -6.051  0.50 22.09 ? 91  ARG A NH2 1 
ATOM   744  N NH2 B ARG A 1 91  ? -16.747 -8.450  -8.208  0.50 21.70 ? 91  ARG A NH2 1 
ATOM   745  N N   . SER A 1 92  ? -12.803 -10.010 -2.259  1.00 24.51 ? 92  SER A N   1 
ATOM   746  C CA  . SER A 1 92  ? -12.292 -9.796  -0.894  1.00 24.98 ? 92  SER A CA  1 
ATOM   747  C C   . SER A 1 92  ? -10.788 -9.965  -0.856  1.00 25.03 ? 92  SER A C   1 
ATOM   748  O O   . SER A 1 92  ? -10.196 -10.571 -1.760  1.00 22.67 ? 92  SER A O   1 
ATOM   749  C CB  . SER A 1 92  ? -12.906 -10.801 0.099   1.00 25.09 ? 92  SER A CB  1 
ATOM   750  O OG  . SER A 1 92  ? -12.262 -12.049 0.016   1.00 26.52 ? 92  SER A OG  1 
ATOM   751  N N   . LEU A 1 93  ? -10.185 -9.428  0.211   1.00 25.17 ? 93  LEU A N   1 
ATOM   752  C CA  . LEU A 1 93  ? -8.772  -9.626  0.504   1.00 26.33 ? 93  LEU A CA  1 
ATOM   753  C C   . LEU A 1 93  ? -8.408  -11.103 0.616   1.00 25.80 ? 93  LEU A C   1 
ATOM   754  O O   . LEU A 1 93  ? -7.408  -11.521 0.054   1.00 25.40 ? 93  LEU A O   1 
ATOM   755  C CB  . LEU A 1 93  ? -8.342  -8.884  1.786   1.00 26.46 ? 93  LEU A CB  1 
ATOM   756  C CG  . LEU A 1 93  ? -6.862  -9.037  2.143   1.00 26.17 ? 93  LEU A CG  1 
ATOM   757  C CD1 . LEU A 1 93  ? -5.925  -8.185  1.238   1.00 24.20 ? 93  LEU A CD1 1 
ATOM   758  C CD2 . LEU A 1 93  ? -6.673  -8.740  3.650   1.00 26.56 ? 93  LEU A CD2 1 
ATOM   759  N N   . ASP A 1 94  ? -9.212  -11.896 1.319   1.00 26.58 ? 94  ASP A N   1 
ATOM   760  C CA  . ASP A 1 94  ? -8.853  -13.321 1.467   1.00 28.24 ? 94  ASP A CA  1 
ATOM   761  C C   . ASP A 1 94  ? -8.762  -14.028 0.130   1.00 27.01 ? 94  ASP A C   1 
ATOM   762  O O   . ASP A 1 94  ? -7.819  -14.788 -0.068  1.00 27.62 ? 94  ASP A O   1 
ATOM   763  C CB  . ASP A 1 94  ? -9.767  -14.092 2.429   1.00 29.16 ? 94  ASP A CB  1 
ATOM   764  C CG  . ASP A 1 94  ? -9.504  -13.727 3.871   1.00 34.73 ? 94  ASP A CG  1 
ATOM   765  O OD1 . ASP A 1 94  ? -10.510 -13.551 4.596   1.00 40.46 ? 94  ASP A OD1 1 
ATOM   766  O OD2 . ASP A 1 94  ? -8.309  -13.564 4.271   1.00 37.50 ? 94  ASP A OD2 1 
ATOM   767  N N   . ASP A 1 95  ? -9.706  -13.737 -0.773  1.00 26.57 ? 95  ASP A N   1 
ATOM   768  C CA  . ASP A 1 95  ? -9.681  -14.198 -2.176  1.00 26.30 ? 95  ASP A CA  1 
ATOM   769  C C   . ASP A 1 95  ? -8.471  -13.748 -2.946  1.00 25.93 ? 95  ASP A C   1 
ATOM   770  O O   . ASP A 1 95  ? -7.829  -14.556 -3.631  1.00 24.80 ? 95  ASP A O   1 
ATOM   771  C CB  . ASP A 1 95  ? -10.924 -13.725 -2.925  1.00 27.27 ? 95  ASP A CB  1 
ATOM   772  C CG  . ASP A 1 95  ? -12.212 -14.337 -2.362  1.00 28.79 ? 95  ASP A CG  1 
ATOM   773  O OD1 . ASP A 1 95  ? -12.122 -15.224 -1.482  1.00 31.12 ? 95  ASP A OD1 1 
ATOM   774  O OD2 . ASP A 1 95  ? -13.302 -13.928 -2.792  1.00 28.24 ? 95  ASP A OD2 1 
ATOM   775  N N   . ALA A 1 96  ? -8.154  -12.449 -2.841  1.00 24.56 ? 96  ALA A N   1 
ATOM   776  C CA  . ALA A 1 96  ? -6.959  -11.921 -3.444  1.00 24.37 ? 96  ALA A CA  1 
ATOM   777  C C   . ALA A 1 96  ? -5.730  -12.743 -3.055  1.00 25.49 ? 96  ALA A C   1 
ATOM   778  O O   . ALA A 1 96  ? -5.015  -13.188 -3.921  1.00 25.66 ? 96  ALA A O   1 
ATOM   779  C CB  . ALA A 1 96  ? -6.768  -10.443 -3.100  1.00 21.98 ? 96  ALA A CB  1 
ATOM   780  N N   . LEU A 1 97  ? -5.479  -12.923 -1.757  1.00 26.07 ? 97  LEU A N   1 
ATOM   781  C CA  . LEU A 1 97  ? -4.346  -13.691 -1.303  1.00 28.79 ? 97  LEU A CA  1 
ATOM   782  C C   . LEU A 1 97  ? -4.397  -15.163 -1.752  1.00 30.17 ? 97  LEU A C   1 
ATOM   783  O O   . LEU A 1 97  ? -3.396  -15.707 -2.186  1.00 31.02 ? 97  LEU A O   1 
ATOM   784  C CB  . LEU A 1 97  ? -4.202  -13.567 0.220   1.00 27.72 ? 97  LEU A CB  1 
ATOM   785  C CG  . LEU A 1 97  ? -4.092  -12.091 0.604   1.00 28.76 ? 97  LEU A CG  1 
ATOM   786  C CD1 . LEU A 1 97  ? -4.154  -11.909 2.137   1.00 30.28 ? 97  LEU A CD1 1 
ATOM   787  C CD2 . LEU A 1 97  ? -2.836  -11.424 0.015   1.00 25.31 ? 97  LEU A CD2 1 
ATOM   788  N N   . LYS A 1 98  ? -5.548  -15.807 -1.647  1.00 32.02 ? 98  LYS A N   1 
ATOM   789  C CA  . LYS A 1 98  ? -5.705  -17.147 -2.238  1.00 34.93 ? 98  LYS A CA  1 
ATOM   790  C C   . LYS A 1 98  ? -5.346  -17.166 -3.725  1.00 36.01 ? 98  LYS A C   1 
ATOM   791  O O   . LYS A 1 98  ? -4.593  -18.025 -4.164  1.00 36.32 ? 98  LYS A O   1 
ATOM   792  C CB  . LYS A 1 98  ? -7.121  -17.687 -2.053  1.00 35.26 ? 98  LYS A CB  1 
ATOM   793  C CG  . LYS A 1 98  ? -7.276  -18.750 -1.001  1.00 38.43 ? 98  LYS A CG  1 
ATOM   794  C CD  . LYS A 1 98  ? -8.468  -19.666 -1.355  1.00 43.52 ? 98  LYS A CD  1 
ATOM   795  C CE  . LYS A 1 98  ? -8.135  -21.191 -1.234  1.00 46.09 ? 98  LYS A CE  1 
ATOM   796  N NZ  . LYS A 1 98  ? -8.854  -21.900 -0.130  1.00 47.31 ? 98  LYS A NZ  1 
ATOM   797  N N   . LEU A 1 99  ? -5.873  -16.222 -4.507  1.00 37.06 ? 99  LEU A N   1 
ATOM   798  C CA  . LEU A 1 99  ? -5.609  -16.184 -5.949  1.00 37.77 ? 99  LEU A CA  1 
ATOM   799  C C   . LEU A 1 99  ? -4.118  -16.325 -6.227  1.00 38.43 ? 99  LEU A C   1 
ATOM   800  O O   . LEU A 1 99  ? -3.686  -16.995 -7.174  1.00 40.12 ? 99  LEU A O   1 
ATOM   801  C CB  . LEU A 1 99  ? -6.109  -14.866 -6.519  1.00 37.59 ? 99  LEU A CB  1 
ATOM   802  C CG  . LEU A 1 99  ? -6.732  -14.716 -7.908  1.00 39.18 ? 99  LEU A CG  1 
ATOM   803  C CD1 . LEU A 1 99  ? -7.003  -13.213 -8.160  1.00 39.12 ? 99  LEU A CD1 1 
ATOM   804  C CD2 . LEU A 1 99  ? -5.875  -15.296 -8.996  1.00 39.97 ? 99  LEU A CD2 1 
ATOM   805  N N   . THR A 1 100 ? -3.349  -15.677 -5.369  1.00 38.80 ? 100 THR A N   1 
ATOM   806  C CA  . THR A 1 100 ? -1.900  -15.666 -5.335  1.00 38.55 ? 100 THR A CA  1 
ATOM   807  C C   . THR A 1 100 ? -1.266  -17.077 -5.307  1.00 39.70 ? 100 THR A C   1 
ATOM   808  O O   . THR A 1 100 ? -0.178  -17.269 -5.853  1.00 39.71 ? 100 THR A O   1 
ATOM   809  C CB  . THR A 1 100 ? -1.531  -14.764 -4.112  1.00 38.79 ? 100 THR A CB  1 
ATOM   810  O OG1 . THR A 1 100 ? -1.275  -13.409 -4.541  1.00 39.70 ? 100 THR A OG1 1 
ATOM   811  C CG2 . THR A 1 100 ? -0.428  -15.284 -3.279  1.00 36.66 ? 100 THR A CG2 1 
ATOM   812  N N   . GLU A 1 101 ? -1.958  -18.049 -4.704  1.00 41.10 ? 101 GLU A N   1 
ATOM   813  C CA  . GLU A 1 101 ? -1.480  -19.462 -4.593  1.00 43.47 ? 101 GLU A CA  1 
ATOM   814  C C   . GLU A 1 101 ? -1.769  -20.281 -5.861  1.00 43.41 ? 101 GLU A C   1 
ATOM   815  O O   . GLU A 1 101 ? -1.010  -21.197 -6.183  1.00 44.39 ? 101 GLU A O   1 
ATOM   816  C CB  . GLU A 1 101 ? -2.096  -20.206 -3.366  1.00 43.79 ? 101 GLU A CB  1 
ATOM   817  C CG  . GLU A 1 101 ? -1.902  -19.575 -1.957  1.00 47.35 ? 101 GLU A CG  1 
ATOM   818  C CD  . GLU A 1 101 ? -0.423  -19.464 -1.541  1.00 53.91 ? 101 GLU A CD  1 
ATOM   819  O OE1 . GLU A 1 101 ? 0.352   -20.415 -1.819  1.00 54.35 ? 101 GLU A OE1 1 
ATOM   820  O OE2 . GLU A 1 101 ? -0.027  -18.424 -0.932  1.00 56.61 ? 101 GLU A OE2 1 
ATOM   821  N N   . GLN A 1 102 ? -2.864  -19.957 -6.561  1.00 43.36 ? 102 GLN A N   1 
ATOM   822  C CA  . GLN A 1 102 ? -3.244  -20.598 -7.839  1.00 43.80 ? 102 GLN A CA  1 
ATOM   823  C C   . GLN A 1 102 ? -2.073  -20.636 -8.859  1.00 43.76 ? 102 GLN A C   1 
ATOM   824  O O   . GLN A 1 102 ? -1.122  -19.845 -8.754  1.00 43.36 ? 102 GLN A O   1 
ATOM   825  C CB  . GLN A 1 102 ? -4.495  -19.931 -8.491  1.00 44.00 ? 102 GLN A CB  1 
ATOM   826  C CG  . GLN A 1 102 ? -5.735  -19.684 -7.562  1.00 46.91 ? 102 GLN A CG  1 
ATOM   827  C CD  . GLN A 1 102 ? -6.202  -20.935 -6.810  1.00 49.79 ? 102 GLN A CD  1 
ATOM   828  O OE1 . GLN A 1 102 ? -6.265  -22.019 -7.385  1.00 50.72 ? 102 GLN A OE1 1 
ATOM   829  N NE2 . GLN A 1 102 ? -6.537  -20.781 -5.518  1.00 51.08 ? 102 GLN A NE2 1 
ATOM   830  N N   . PRO A 1 103 ? -2.134  -21.569 -9.833  1.00 42.86 ? 103 PRO A N   1 
ATOM   831  C CA  . PRO A 1 103 ? -1.085  -21.705 -10.843 1.00 42.54 ? 103 PRO A CA  1 
ATOM   832  C C   . PRO A 1 103 ? -0.788  -20.456 -11.727 1.00 41.88 ? 103 PRO A C   1 
ATOM   833  O O   . PRO A 1 103 ? 0.375   -20.177 -12.016 1.00 40.20 ? 103 PRO A O   1 
ATOM   834  C CB  . PRO A 1 103 ? -1.577  -22.892 -11.679 1.00 42.53 ? 103 PRO A CB  1 
ATOM   835  C CG  . PRO A 1 103 ? -2.262  -23.764 -10.652 1.00 43.07 ? 103 PRO A CG  1 
ATOM   836  C CD  . PRO A 1 103 ? -3.034  -22.741 -9.831  1.00 43.37 ? 103 PRO A CD  1 
ATOM   837  N N   . GLU A 1 104 ? -1.827  -19.733 -12.143 1.00 41.66 ? 104 GLU A N   1 
ATOM   838  C CA  . GLU A 1 104 ? -1.664  -18.468 -12.885 1.00 41.79 ? 104 GLU A CA  1 
ATOM   839  C C   . GLU A 1 104 ? -0.845  -17.330 -12.195 1.00 40.94 ? 104 GLU A C   1 
ATOM   840  O O   . GLU A 1 104 ? -0.535  -16.301 -12.843 1.00 40.75 ? 104 GLU A O   1 
ATOM   841  C CB  . GLU A 1 104 ? -3.044  -17.918 -13.307 1.00 42.46 ? 104 GLU A CB  1 
ATOM   842  C CG  . GLU A 1 104 ? -4.181  -18.272 -12.353 1.00 44.68 ? 104 GLU A CG  1 
ATOM   843  C CD  . GLU A 1 104 ? -5.454  -17.483 -12.616 1.00 48.39 ? 104 GLU A CD  1 
ATOM   844  O OE1 . GLU A 1 104 ? -6.480  -17.797 -11.950 1.00 47.64 ? 104 GLU A OE1 1 
ATOM   845  O OE2 . GLU A 1 104 ? -5.419  -16.549 -13.477 1.00 48.88 ? 104 GLU A OE2 1 
ATOM   846  N N   . LEU A 1 105 ? -0.535  -17.470 -10.897 1.00 38.88 ? 105 LEU A N   1 
ATOM   847  C CA  . LEU A 1 105 ? 0.151   -16.398 -10.169 1.00 37.65 ? 105 LEU A CA  1 
ATOM   848  C C   . LEU A 1 105 ? 1.149   -16.980 -9.186  1.00 37.61 ? 105 LEU A C   1 
ATOM   849  O O   . LEU A 1 105 ? 1.979   -16.250 -8.586  1.00 36.99 ? 105 LEU A O   1 
ATOM   850  C CB  . LEU A 1 105 ? -0.855  -15.510 -9.434  1.00 37.28 ? 105 LEU A CB  1 
ATOM   851  C CG  . LEU A 1 105 ? -1.536  -14.393 -10.241 1.00 36.46 ? 105 LEU A CG  1 
ATOM   852  C CD1 . LEU A 1 105 ? -2.698  -13.768 -9.491  1.00 31.27 ? 105 LEU A CD1 1 
ATOM   853  C CD2 . LEU A 1 105 ? -0.550  -13.321 -10.673 1.00 35.28 ? 105 LEU A CD2 1 
ATOM   854  N N   . ALA A 1 106 ? 1.066   -18.306 -9.053  1.00 37.02 ? 106 ALA A N   1 
ATOM   855  C CA  . ALA A 1 106 ? 1.781   -19.069 -8.015  1.00 37.01 ? 106 ALA A CA  1 
ATOM   856  C C   . ALA A 1 106 ? 3.237   -18.662 -7.917  1.00 36.11 ? 106 ALA A C   1 
ATOM   857  O O   . ALA A 1 106 ? 3.761   -18.511 -6.814  1.00 35.28 ? 106 ALA A O   1 
ATOM   858  C CB  . ALA A 1 106 ? 1.661   -20.607 -8.282  1.00 37.45 ? 106 ALA A CB  1 
ATOM   859  N N   . ASN A 1 107 ? 3.879   -18.508 -9.076  1.00 34.82 ? 107 ASN A N   1 
ATOM   860  C CA  . ASN A 1 107 ? 5.277   -18.122 -9.099  1.00 35.30 ? 107 ASN A CA  1 
ATOM   861  C C   . ASN A 1 107 ? 5.551   -16.989 -10.051 1.00 33.12 ? 107 ASN A C   1 
ATOM   862  O O   . ASN A 1 107 ? 6.632   -16.924 -10.635 1.00 32.75 ? 107 ASN A O   1 
ATOM   863  C CB  . ASN A 1 107 ? 6.186   -19.305 -9.423  1.00 36.19 ? 107 ASN A CB  1 
ATOM   864  C CG  . ASN A 1 107 ? 5.460   -20.368 -10.121 1.00 39.55 ? 107 ASN A CG  1 
ATOM   865  O OD1 . ASN A 1 107 ? 4.854   -20.122 -11.166 1.00 43.32 ? 107 ASN A OD1 1 
ATOM   866  N ND2 . ASN A 1 107 ? 5.421   -21.551 -9.514  1.00 41.10 ? 107 ASN A ND2 1 
ATOM   867  N N   . LYS A 1 108 ? 4.567   -16.108 -10.180 1.00 31.11 ? 108 LYS A N   1 
ATOM   868  C CA  . LYS A 1 108 ? 4.792   -14.782 -10.749 1.00 29.96 ? 108 LYS A CA  1 
ATOM   869  C C   . LYS A 1 108 ? 4.949   -13.784 -9.621  1.00 29.02 ? 108 LYS A C   1 
ATOM   870  O O   . LYS A 1 108 ? 5.754   -12.858 -9.736  1.00 28.84 ? 108 LYS A O   1 
ATOM   871  C CB  . LYS A 1 108 ? 3.666   -14.401 -11.694 1.00 29.25 ? 108 LYS A CB  1 
ATOM   872  C CG  . LYS A 1 108 ? 3.553   -15.423 -12.820 1.00 30.55 ? 108 LYS A CG  1 
ATOM   873  C CD  . LYS A 1 108 ? 2.121   -15.584 -13.262 1.00 34.88 ? 108 LYS A CD  1 
ATOM   874  C CE  . LYS A 1 108 ? 1.939   -15.544 -14.790 1.00 37.45 ? 108 LYS A CE  1 
ATOM   875  N NZ  . LYS A 1 108 ? 3.104   -16.134 -15.503 1.00 40.15 ? 108 LYS A NZ  1 
ATOM   876  N N   . VAL A 1 109 ? 4.249   -13.997 -8.501  1.00 26.98 ? 109 VAL A N   1 
ATOM   877  C CA  . VAL A 1 109 ? 4.276   -12.990 -7.424  1.00 26.96 ? 109 VAL A CA  1 
ATOM   878  C C   . VAL A 1 109 ? 5.468   -13.107 -6.505  1.00 26.16 ? 109 VAL A C   1 
ATOM   879  O O   . VAL A 1 109 ? 5.672   -14.147 -5.911  1.00 25.51 ? 109 VAL A O   1 
ATOM   880  C CB  . VAL A 1 109 ? 2.984   -13.004 -6.537  1.00 27.18 ? 109 VAL A CB  1 
ATOM   881  C CG1 . VAL A 1 109 ? 2.965   -11.821 -5.549  1.00 26.09 ? 109 VAL A CG1 1 
ATOM   882  C CG2 . VAL A 1 109 ? 1.785   -12.987 -7.377  1.00 26.87 ? 109 VAL A CG2 1 
ATOM   883  N N   . ASP A 1 110 ? 6.220   -12.009 -6.348  1.00 25.92 ? 110 ASP A N   1 
ATOM   884  C CA  . ASP A 1 110 ? 7.113   -11.907 -5.203  1.00 25.01 ? 110 ASP A CA  1 
ATOM   885  C C   . ASP A 1 110 ? 6.408   -11.314 -3.973  1.00 24.16 ? 110 ASP A C   1 
ATOM   886  O O   . ASP A 1 110 ? 5.706   -12.023 -3.279  1.00 25.30 ? 110 ASP A O   1 
ATOM   887  C CB  . ASP A 1 110 ? 8.427   -11.189 -5.549  1.00 25.24 ? 110 ASP A CB  1 
ATOM   888  C CG  . ASP A 1 110 ? 9.427   -11.185 -4.382  1.00 26.69 ? 110 ASP A CG  1 
ATOM   889  O OD1 . ASP A 1 110 ? 10.412  -10.404 -4.431  1.00 29.49 ? 110 ASP A OD1 1 
ATOM   890  O OD2 . ASP A 1 110 ? 9.195   -11.917 -3.382  1.00 28.45 ? 110 ASP A OD2 1 
ATOM   891  N N   . MET A 1 111 ? 6.587   -10.022 -3.712  1.00 21.98 ? 111 MET A N   1 
ATOM   892  C CA  . MET A 1 111 ? 5.906   -9.360  -2.584  1.00 20.54 ? 111 MET A CA  1 
ATOM   893  C C   . MET A 1 111 ? 4.485   -8.956  -2.931  1.00 19.72 ? 111 MET A C   1 
ATOM   894  O O   . MET A 1 111 ? 4.189   -8.693  -4.096  1.00 19.52 ? 111 MET A O   1 
ATOM   895  C CB  . MET A 1 111 ? 6.681   -8.135  -2.205  1.00 19.99 ? 111 MET A CB  1 
ATOM   896  C CG  . MET A 1 111 ? 8.165   -8.414  -2.118  1.00 22.81 ? 111 MET A CG  1 
ATOM   897  S SD  . MET A 1 111 ? 9.000   -7.070  -1.360  1.00 23.84 ? 111 MET A SD  1 
ATOM   898  C CE  . MET A 1 111 ? 9.078   -5.848  -2.552  1.00 24.38 ? 111 MET A CE  1 
ATOM   899  N N   . VAL A 1 112 ? 3.585   -8.951  -1.945  1.00 17.83 ? 112 VAL A N   1 
ATOM   900  C CA  . VAL A 1 112 ? 2.287   -8.333  -2.188  1.00 16.33 ? 112 VAL A CA  1 
ATOM   901  C C   . VAL A 1 112 ? 2.164   -7.107  -1.298  1.00 17.11 ? 112 VAL A C   1 
ATOM   902  O O   . VAL A 1 112 ? 2.536   -7.143  -0.080  1.00 14.03 ? 112 VAL A O   1 
ATOM   903  C CB  . VAL A 1 112 ? 1.068   -9.298  -2.263  1.00 18.20 ? 112 VAL A CB  1 
ATOM   904  C CG1 . VAL A 1 112 ? 1.416   -10.765 -1.958  1.00 14.92 ? 112 VAL A CG1 1 
ATOM   905  C CG2 . VAL A 1 112 ? -0.254  -8.754  -1.569  1.00 17.53 ? 112 VAL A CG2 1 
ATOM   906  N N   . TRP A 1 113 ? 1.787   -5.994  -1.949  1.00 15.51 ? 113 TRP A N   1 
ATOM   907  C CA  . TRP A 1 113 ? 1.688   -4.692  -1.292  1.00 14.62 ? 113 TRP A CA  1 
ATOM   908  C C   . TRP A 1 113 ? 0.250   -4.211  -1.338  1.00 15.69 ? 113 TRP A C   1 
ATOM   909  O O   . TRP A 1 113 ? -0.285  -4.046  -2.418  1.00 15.98 ? 113 TRP A O   1 
ATOM   910  C CB  . TRP A 1 113 ? 2.556   -3.702  -2.071  1.00 14.72 ? 113 TRP A CB  1 
ATOM   911  C CG  . TRP A 1 113 ? 3.997   -3.897  -1.931  1.00 15.06 ? 113 TRP A CG  1 
ATOM   912  C CD1 . TRP A 1 113 ? 4.850   -4.639  -2.755  1.00 16.39 ? 113 TRP A CD1 1 
ATOM   913  C CD2 . TRP A 1 113 ? 4.817   -3.358  -0.876  1.00 16.13 ? 113 TRP A CD2 1 
ATOM   914  N NE1 . TRP A 1 113 ? 6.144   -4.588  -2.254  1.00 16.57 ? 113 TRP A NE1 1 
ATOM   915  C CE2 . TRP A 1 113 ? 6.152   -3.799  -1.115  1.00 19.22 ? 113 TRP A CE2 1 
ATOM   916  C CE3 . TRP A 1 113 ? 4.551   -2.538  0.248   1.00 17.50 ? 113 TRP A CE3 1 
ATOM   917  C CZ2 . TRP A 1 113 ? 7.210   -3.446  -0.274  1.00 15.34 ? 113 TRP A CZ2 1 
ATOM   918  C CZ3 . TRP A 1 113 ? 5.606   -2.170  1.072   1.00 18.93 ? 113 TRP A CZ3 1 
ATOM   919  C CH2 . TRP A 1 113 ? 6.927   -2.638  0.812   1.00 20.55 ? 113 TRP A CH2 1 
ATOM   920  N N   . ILE A 1 114 ? -0.384  -4.033  -0.172  1.00 15.52 ? 114 ILE A N   1 
ATOM   921  C CA  . ILE A 1 114 ? -1.696  -3.406  -0.036  1.00 16.00 ? 114 ILE A CA  1 
ATOM   922  C C   . ILE A 1 114 ? -1.450  -1.889  0.022   1.00 15.97 ? 114 ILE A C   1 
ATOM   923  O O   . ILE A 1 114 ? -0.730  -1.432  0.886   1.00 14.97 ? 114 ILE A O   1 
ATOM   924  C CB  . ILE A 1 114 ? -2.366  -3.893  1.241   1.00 17.33 ? 114 ILE A CB  1 
ATOM   925  C CG1 . ILE A 1 114 ? -2.829  -5.345  1.051   1.00 18.87 ? 114 ILE A CG1 1 
ATOM   926  C CG2 . ILE A 1 114 ? -3.567  -2.981  1.634   1.00 17.31 ? 114 ILE A CG2 1 
ATOM   927  C CD1 . ILE A 1 114 ? -2.336  -6.295  2.095   1.00 25.11 ? 114 ILE A CD1 1 
ATOM   928  N N   . VAL A 1 115 ? -2.062  -1.139  -0.896  1.00 14.79 ? 115 VAL A N   1 
ATOM   929  C CA  . VAL A 1 115 ? -1.803  0.277   -1.096  1.00 15.74 ? 115 VAL A CA  1 
ATOM   930  C C   . VAL A 1 115 ? -3.111  1.068   -0.896  1.00 15.95 ? 115 VAL A C   1 
ATOM   931  O O   . VAL A 1 115 ? -3.193  2.215   -1.296  1.00 16.51 ? 115 VAL A O   1 
ATOM   932  C CB  . VAL A 1 115 ? -1.217  0.536   -2.522  1.00 16.07 ? 115 VAL A CB  1 
ATOM   933  C CG1 . VAL A 1 115 ? 0.008   -0.284  -2.716  1.00 17.20 ? 115 VAL A CG1 1 
ATOM   934  C CG2 . VAL A 1 115 ? -2.216  0.204   -3.642  1.00 17.16 ? 115 VAL A CG2 1 
ATOM   935  N N   . GLY A 1 116 ? -4.131  0.463   -0.277  1.00 14.26 ? 116 GLY A N   1 
ATOM   936  C CA  . GLY A 1 116 ? -5.297  1.286   0.167   1.00 16.10 ? 116 GLY A CA  1 
ATOM   937  C C   . GLY A 1 116 ? -6.622  0.716   -0.235  1.00 14.92 ? 116 GLY A C   1 
ATOM   938  O O   . GLY A 1 116 ? -6.652  -0.194  -1.076  1.00 17.04 ? 116 GLY A O   1 
ATOM   939  N N   . GLY A 1 117 ? -7.745  1.225   0.279   1.00 14.86 ? 117 GLY A N   1 
ATOM   940  C CA  . GLY A 1 117 ? -7.833  2.367   1.184   1.00 14.45 ? 117 GLY A CA  1 
ATOM   941  C C   . GLY A 1 117 ? -8.054  1.856   2.610   1.00 16.74 ? 117 GLY A C   1 
ATOM   942  O O   . GLY A 1 117 ? -7.486  0.802   3.016   1.00 14.06 ? 117 GLY A O   1 
ATOM   943  N N   . SER A 1 118 ? -8.912  2.574   3.348   1.00 18.70 ? 118 SER A N   1 
ATOM   944  C CA  . SER A 1 118 ? -8.969  2.501   4.820   1.00 21.28 ? 118 SER A CA  1 
ATOM   945  C C   . SER A 1 118 ? -9.363  1.087   5.284   1.00 22.15 ? 118 SER A C   1 
ATOM   946  O O   . SER A 1 118 ? -8.726  0.497   6.181   1.00 23.21 ? 118 SER A O   1 
ATOM   947  C CB  . SER A 1 118 ? -10.019 3.495   5.332   1.00 21.65 ? 118 SER A CB  1 
ATOM   948  O OG  . SER A 1 118 ? -9.497  4.788   5.157   1.00 28.37 ? 118 SER A OG  1 
ATOM   949  N N   . SER A 1 119 ? -10.391 0.540   4.648   1.00 22.10 ? 119 SER A N   1 
ATOM   950  C CA  . SER A 1 119 ? -10.951 -0.760  5.072   1.00 22.95 ? 119 SER A CA  1 
ATOM   951  C C   . SER A 1 119 ? -10.052 -1.965  4.669   1.00 22.77 ? 119 SER A C   1 
ATOM   952  O O   . SER A 1 119 ? -9.977  -2.973  5.376   1.00 23.07 ? 119 SER A O   1 
ATOM   953  C CB  . SER A 1 119 ? -12.393 -0.918  4.619   1.00 21.62 ? 119 SER A CB  1 
ATOM   954  O OG  . SER A 1 119 ? -12.461 -0.999  3.207   1.00 25.09 ? 119 SER A OG  1 
ATOM   955  N N   . VAL A 1 120 ? -9.325  -1.828  3.569   1.00 23.07 ? 120 VAL A N   1 
ATOM   956  C CA  . VAL A 1 120 ? -8.344  -2.828  3.188   1.00 22.48 ? 120 VAL A CA  1 
ATOM   957  C C   . VAL A 1 120 ? -7.163  -2.877  4.170   1.00 21.70 ? 120 VAL A C   1 
ATOM   958  O O   . VAL A 1 120 ? -6.684  -3.953  4.547   1.00 23.06 ? 120 VAL A O   1 
ATOM   959  C CB  . VAL A 1 120 ? -7.805  -2.534  1.806   1.00 22.10 ? 120 VAL A CB  1 
ATOM   960  C CG1 . VAL A 1 120 ? -7.083  -3.795  1.267   1.00 22.93 ? 120 VAL A CG1 1 
ATOM   961  C CG2 . VAL A 1 120 ? -8.967  -2.130  0.890   1.00 22.77 ? 120 VAL A CG2 1 
ATOM   962  N N   . TYR A 1 121 ? -6.628  -1.699  4.487   1.00 20.62 ? 121 TYR A N   1 
ATOM   963  C CA  . TYR A 1 121 ? -5.590  -1.553  5.482   1.00 20.83 ? 121 TYR A CA  1 
ATOM   964  C C   . TYR A 1 121 ? -6.025  -2.201  6.790   1.00 20.53 ? 121 TYR A C   1 
ATOM   965  O O   . TYR A 1 121 ? -5.280  -2.998  7.359   1.00 21.22 ? 121 TYR A O   1 
ATOM   966  C CB  . TYR A 1 121 ? -5.239  -0.065  5.692   1.00 19.08 ? 121 TYR A CB  1 
ATOM   967  C CG  . TYR A 1 121 ? -4.450  0.646   4.614   1.00 17.62 ? 121 TYR A CG  1 
ATOM   968  C CD1 . TYR A 1 121 ? -4.827  1.914   4.175   1.00 16.71 ? 121 TYR A CD1 1 
ATOM   969  C CD2 . TYR A 1 121 ? -3.270  0.117   4.106   1.00 14.21 ? 121 TYR A CD2 1 
ATOM   970  C CE1 . TYR A 1 121 ? -4.064  2.621   3.199   1.00 20.13 ? 121 TYR A CE1 1 
ATOM   971  C CE2 . TYR A 1 121 ? -2.519  0.805   3.152   1.00 19.11 ? 121 TYR A CE2 1 
ATOM   972  C CZ  . TYR A 1 121 ? -2.911  2.062   2.705   1.00 15.71 ? 121 TYR A CZ  1 
ATOM   973  O OH  . TYR A 1 121 ? -2.139  2.735   1.789   1.00 16.21 ? 121 TYR A OH  1 
ATOM   974  N N   . LYS A 1 122 ? -7.228  -1.872  7.260   1.00 20.21 ? 122 LYS A N   1 
ATOM   975  C CA  . LYS A 1 122 ? -7.669  -2.309  8.576   1.00 21.29 ? 122 LYS A CA  1 
ATOM   976  C C   . LYS A 1 122 ? -7.734  -3.866  8.627   1.00 21.51 ? 122 LYS A C   1 
ATOM   977  O O   . LYS A 1 122 ? -7.197  -4.515  9.524   1.00 21.60 ? 122 LYS A O   1 
ATOM   978  C CB  . LYS A 1 122 ? -9.016  -1.646  8.943   1.00 21.58 ? 122 LYS A CB  1 
ATOM   979  C CG  . LYS A 1 122 ? -9.659  -2.249  10.201  1.00 24.06 ? 122 LYS A CG  1 
ATOM   980  C CD  . LYS A 1 122 ? -11.040 -1.606  10.542  1.00 30.35 ? 122 LYS A CD  1 
ATOM   981  C CE  . LYS A 1 122 ? -11.445 -2.065  11.919  1.00 34.35 ? 122 LYS A CE  1 
ATOM   982  N NZ  . LYS A 1 122 ? -12.882 -2.448  11.954  1.00 40.36 ? 122 LYS A NZ  1 
ATOM   983  N N   . GLU A 1 123 ? -8.287  -4.439  7.575   1.00 21.83 ? 123 GLU A N   1 
ATOM   984  C CA  . GLU A 1 123 ? -8.403  -5.898  7.439   1.00 24.20 ? 123 GLU A CA  1 
ATOM   985  C C   . GLU A 1 123 ? -7.034  -6.608  7.328   1.00 23.04 ? 123 GLU A C   1 
ATOM   986  O O   . GLU A 1 123 ? -6.814  -7.601  7.996   1.00 23.23 ? 123 GLU A O   1 
ATOM   987  C CB  . GLU A 1 123 ? -9.246  -6.205  6.214   1.00 24.22 ? 123 GLU A CB  1 
ATOM   988  C CG  . GLU A 1 123 ? -9.880  -7.562  6.226   1.00 30.15 ? 123 GLU A CG  1 
ATOM   989  C CD  . GLU A 1 123 ? -10.387 -7.915  4.850   1.00 38.01 ? 123 GLU A CD  1 
ATOM   990  O OE1 . GLU A 1 123 ? -10.693 -9.120  4.639   1.00 40.70 ? 123 GLU A OE1 1 
ATOM   991  O OE2 . GLU A 1 123 ? -10.428 -6.981  3.983   1.00 40.04 ? 123 GLU A OE2 1 
ATOM   992  N N   . ALA A 1 124 ? -6.107  -6.071  6.546   1.00 23.15 ? 124 ALA A N   1 
ATOM   993  C CA  . ALA A 1 124 ? -4.763  -6.722  6.429   1.00 25.03 ? 124 ALA A CA  1 
ATOM   994  C C   . ALA A 1 124 ? -4.049  -6.690  7.764   1.00 26.28 ? 124 ALA A C   1 
ATOM   995  O O   . ALA A 1 124 ? -3.376  -7.648  8.142   1.00 26.83 ? 124 ALA A O   1 
ATOM   996  C CB  . ALA A 1 124 ? -3.914  -6.055  5.370   1.00 24.03 ? 124 ALA A CB  1 
ATOM   997  N N   . MET A 1 125 ? -4.217  -5.567  8.461   1.00 28.79 ? 125 MET A N   1 
ATOM   998  C CA  . MET A 1 125 ? -3.520  -5.267  9.705   1.00 30.73 ? 125 MET A CA  1 
ATOM   999  C C   . MET A 1 125 ? -4.064  -6.108  10.824  1.00 33.03 ? 125 MET A C   1 
ATOM   1000 O O   . MET A 1 125 ? -3.332  -6.463  11.747  1.00 34.48 ? 125 MET A O   1 
ATOM   1001 C CB  . MET A 1 125 ? -3.635  -3.775  10.062  1.00 30.62 ? 125 MET A CB  1 
ATOM   1002 C CG  . MET A 1 125 ? -2.878  -2.803  9.124   1.00 29.92 ? 125 MET A CG  1 
ATOM   1003 S SD  . MET A 1 125 ? -3.384  -1.057  9.436   1.00 31.16 ? 125 MET A SD  1 
ATOM   1004 C CE  . MET A 1 125 ? -2.857  -0.968  11.146  1.00 22.56 ? 125 MET A CE  1 
ATOM   1005 N N   . ASN A 1 126 ? -5.349  -6.428  10.740  1.00 35.40 ? 126 ASN A N   1 
ATOM   1006 C CA  . ASN A 1 126 ? -5.998  -7.284  11.731  1.00 37.61 ? 126 ASN A CA  1 
ATOM   1007 C C   . ASN A 1 126 ? -5.939  -8.775  11.380  1.00 38.29 ? 126 ASN A C   1 
ATOM   1008 O O   . ASN A 1 126 ? -6.456  -9.614  12.118  1.00 38.54 ? 126 ASN A O   1 
ATOM   1009 C CB  . ASN A 1 126 ? -7.441  -6.811  11.983  1.00 37.75 ? 126 ASN A CB  1 
ATOM   1010 C CG  . ASN A 1 126 ? -7.493  -5.509  12.794  1.00 41.42 ? 126 ASN A CG  1 
ATOM   1011 O OD1 . ASN A 1 126 ? -6.899  -5.408  13.872  1.00 45.38 ? 126 ASN A OD1 1 
ATOM   1012 N ND2 . ASN A 1 126 ? -8.190  -4.510  12.274  1.00 45.79 ? 126 ASN A ND2 1 
ATOM   1013 N N   . HIS A 1 127 ? -5.290  -9.086  10.271  1.00 39.07 ? 127 HIS A N   1 
ATOM   1014 C CA  . HIS A 1 127 ? -5.266  -10.441 9.727   1.00 40.52 ? 127 HIS A CA  1 
ATOM   1015 C C   . HIS A 1 127 ? -4.101  -11.149 10.416  1.00 39.55 ? 127 HIS A C   1 
ATOM   1016 O O   . HIS A 1 127 ? -2.972  -10.711 10.281  1.00 39.48 ? 127 HIS A O   1 
ATOM   1017 C CB  . HIS A 1 127 ? -5.120  -10.325 8.186   1.00 41.96 ? 127 HIS A CB  1 
ATOM   1018 C CG  . HIS A 1 127 ? -4.817  -11.607 7.440   1.00 46.13 ? 127 HIS A CG  1 
ATOM   1019 N ND1 . HIS A 1 127 ? -3.907  -11.651 6.397   1.00 47.42 ? 127 HIS A ND1 1 
ATOM   1020 C CD2 . HIS A 1 127 ? -5.327  -12.863 7.543   1.00 48.96 ? 127 HIS A CD2 1 
ATOM   1021 C CE1 . HIS A 1 127 ? -3.851  -12.878 5.906   1.00 48.42 ? 127 HIS A CE1 1 
ATOM   1022 N NE2 . HIS A 1 127 ? -4.701  -13.633 6.581   1.00 48.67 ? 127 HIS A NE2 1 
ATOM   1023 N N   . PRO A 1 128 ? -4.360  -12.218 11.199  1.00 38.93 ? 128 PRO A N   1 
ATOM   1024 C CA  . PRO A 1 128 ? -3.161  -12.827 11.848  1.00 37.73 ? 128 PRO A CA  1 
ATOM   1025 C C   . PRO A 1 128 ? -2.042  -13.277 10.859  1.00 35.50 ? 128 PRO A C   1 
ATOM   1026 O O   . PRO A 1 128 ? -2.319  -13.562 9.695   1.00 35.87 ? 128 PRO A O   1 
ATOM   1027 C CB  . PRO A 1 128 ? -3.741  -13.996 12.684  1.00 37.87 ? 128 PRO A CB  1 
ATOM   1028 C CG  . PRO A 1 128 ? -5.103  -14.289 12.096  1.00 39.37 ? 128 PRO A CG  1 
ATOM   1029 C CD  . PRO A 1 128 ? -5.608  -12.950 11.518  1.00 39.07 ? 128 PRO A CD  1 
ATOM   1030 N N   . GLY A 1 129 ? -0.792  -13.294 11.311  1.00 33.05 ? 129 GLY A N   1 
ATOM   1031 C CA  . GLY A 1 129 ? 0.313   -13.782 10.482  1.00 29.53 ? 129 GLY A CA  1 
ATOM   1032 C C   . GLY A 1 129 ? 1.394   -12.720 10.398  1.00 27.37 ? 129 GLY A C   1 
ATOM   1033 O O   . GLY A 1 129 ? 1.372   -11.722 11.107  1.00 26.96 ? 129 GLY A O   1 
ATOM   1034 N N   . HIS A 1 130 ? 2.345   -12.935 9.512   1.00 26.40 ? 130 HIS A N   1 
ATOM   1035 C CA  . HIS A 1 130 ? 3.543   -12.133 9.440   1.00 24.56 ? 130 HIS A CA  1 
ATOM   1036 C C   . HIS A 1 130 ? 3.224   -10.952 8.487   1.00 23.71 ? 130 HIS A C   1 
ATOM   1037 O O   . HIS A 1 130 ? 2.800   -11.138 7.337   1.00 22.62 ? 130 HIS A O   1 
ATOM   1038 C CB  . HIS A 1 130 ? 4.715   -13.047 8.986   1.00 25.38 ? 130 HIS A CB  1 
ATOM   1039 C CG  . HIS A 1 130 ? 6.046   -12.362 8.846   1.00 24.47 ? 130 HIS A CG  1 
ATOM   1040 N ND1 . HIS A 1 130 ? 6.304   -11.090 9.322   1.00 26.56 ? 130 HIS A ND1 1 
ATOM   1041 C CD2 . HIS A 1 130 ? 7.205   -12.792 8.287   1.00 22.84 ? 130 HIS A CD2 1 
ATOM   1042 C CE1 . HIS A 1 130 ? 7.554   -10.756 9.045   1.00 23.78 ? 130 HIS A CE1 1 
ATOM   1043 N NE2 . HIS A 1 130 ? 8.122   -11.771 8.416   1.00 28.08 ? 130 HIS A NE2 1 
ATOM   1044 N N   . LEU A 1 131 ? 3.384   -9.728  8.987   1.00 21.15 ? 131 LEU A N   1 
ATOM   1045 C CA  . LEU A 1 131 ? 3.002   -8.593  8.152   1.00 19.84 ? 131 LEU A CA  1 
ATOM   1046 C C   . LEU A 1 131 ? 3.820   -7.356  8.508   1.00 18.35 ? 131 LEU A C   1 
ATOM   1047 O O   . LEU A 1 131 ? 4.177   -7.108  9.699   1.00 17.18 ? 131 LEU A O   1 
ATOM   1048 C CB  . LEU A 1 131 ? 1.469   -8.299  8.284   1.00 20.39 ? 131 LEU A CB  1 
ATOM   1049 C CG  . LEU A 1 131 ? 0.895   -7.066  7.563   1.00 22.39 ? 131 LEU A CG  1 
ATOM   1050 C CD1 . LEU A 1 131 ? 0.492   -7.511  6.193   1.00 24.89 ? 131 LEU A CD1 1 
ATOM   1051 C CD2 . LEU A 1 131 ? -0.312  -6.456  8.313   1.00 22.19 ? 131 LEU A CD2 1 
ATOM   1052 N N   . LYS A 1 132 ? 4.125   -6.589  7.465   1.00 17.50 ? 132 LYS A N   1 
ATOM   1053 C CA  . LYS A 1 132 ? 4.798   -5.307  7.643   1.00 17.32 ? 132 LYS A CA  1 
ATOM   1054 C C   . LYS A 1 132 ? 4.009   -4.161  7.140   1.00 18.15 ? 132 LYS A C   1 
ATOM   1055 O O   . LYS A 1 132 ? 3.312   -4.276  6.152   1.00 18.74 ? 132 LYS A O   1 
ATOM   1056 C CB  . LYS A 1 132 ? 6.096   -5.258  6.867   1.00 17.72 ? 132 LYS A CB  1 
ATOM   1057 C CG  . LYS A 1 132 ? 7.177   -6.106  7.377   1.00 17.91 ? 132 LYS A CG  1 
ATOM   1058 C CD  . LYS A 1 132 ? 8.382   -5.704  6.553   1.00 21.17 ? 132 LYS A CD  1 
ATOM   1059 C CE  . LYS A 1 132 ? 9.580   -6.483  6.927   1.00 21.39 ? 132 LYS A CE  1 
ATOM   1060 N NZ  . LYS A 1 132 ? 9.238   -7.828  6.520   1.00 21.55 ? 132 LYS A NZ  1 
ATOM   1061 N N   . LEU A 1 133 ? 4.237   -3.016  7.779   1.00 18.93 ? 133 LEU A N   1 
ATOM   1062 C CA  . LEU A 1 133 ? 3.619   -1.780  7.424   1.00 19.40 ? 133 LEU A CA  1 
ATOM   1063 C C   . LEU A 1 133 ? 4.719   -0.749  7.112   1.00 19.04 ? 133 LEU A C   1 
ATOM   1064 O O   . LEU A 1 133 ? 5.536   -0.458  7.957   1.00 19.15 ? 133 LEU A O   1 
ATOM   1065 C CB  . LEU A 1 133 ? 2.787   -1.278  8.613   1.00 18.97 ? 133 LEU A CB  1 
ATOM   1066 C CG  . LEU A 1 133 ? 1.392   -1.796  8.958   1.00 21.19 ? 133 LEU A CG  1 
ATOM   1067 C CD1 . LEU A 1 133 ? 0.927   -3.190  8.382   1.00 20.61 ? 133 LEU A CD1 1 
ATOM   1068 C CD2 . LEU A 1 133 ? 1.173   -1.665  10.420  1.00 16.90 ? 133 LEU A CD2 1 
ATOM   1069 N N   . PHE A 1 134 ? 4.728   -0.244  5.874   1.00 17.90 ? 134 PHE A N   1 
ATOM   1070 C CA  . PHE A 1 134 ? 5.572   0.878   5.510   1.00 16.04 ? 134 PHE A CA  1 
ATOM   1071 C C   . PHE A 1 134 ? 4.773   2.149   5.576   1.00 16.55 ? 134 PHE A C   1 
ATOM   1072 O O   . PHE A 1 134 ? 4.013   2.429   4.680   1.00 16.12 ? 134 PHE A O   1 
ATOM   1073 C CB  . PHE A 1 134 ? 6.203   0.650   4.122   1.00 15.49 ? 134 PHE A CB  1 
ATOM   1074 C CG  . PHE A 1 134 ? 7.117   -0.564  4.078   1.00 14.87 ? 134 PHE A CG  1 
ATOM   1075 C CD1 . PHE A 1 134 ? 6.572   -1.860  4.167   1.00 14.09 ? 134 PHE A CD1 1 
ATOM   1076 C CD2 . PHE A 1 134 ? 8.495   -0.418  3.944   1.00 15.12 ? 134 PHE A CD2 1 
ATOM   1077 C CE1 . PHE A 1 134 ? 7.381   -2.979  4.144   1.00 12.34 ? 134 PHE A CE1 1 
ATOM   1078 C CE2 . PHE A 1 134 ? 9.325   -1.563  3.922   1.00 17.53 ? 134 PHE A CE2 1 
ATOM   1079 C CZ  . PHE A 1 134 ? 8.759   -2.835  4.021   1.00 15.54 ? 134 PHE A CZ  1 
ATOM   1080 N N   . VAL A 1 135 ? 5.066   2.949   6.613   1.00 17.26 ? 135 VAL A N   1 
ATOM   1081 C CA  . VAL A 1 135 ? 4.304   4.135   7.009   1.00 17.34 ? 135 VAL A CA  1 
ATOM   1082 C C   . VAL A 1 135 ? 5.169   5.393   6.899   1.00 17.45 ? 135 VAL A C   1 
ATOM   1083 O O   . VAL A 1 135 ? 6.098   5.574   7.656   1.00 17.56 ? 135 VAL A O   1 
ATOM   1084 C CB  . VAL A 1 135 ? 3.829   3.988   8.481   1.00 14.43 ? 135 VAL A CB  1 
ATOM   1085 C CG1 . VAL A 1 135 ? 3.049   5.236   8.934   1.00 17.28 ? 135 VAL A CG1 1 
ATOM   1086 C CG2 . VAL A 1 135 ? 2.976   2.744   8.613   1.00 14.30 ? 135 VAL A CG2 1 
ATOM   1087 N N   . THR A 1 136 ? 4.857   6.236   5.925   1.00 18.64 ? 136 THR A N   1 
ATOM   1088 C CA  . THR A 1 136 ? 5.368   7.613   5.868   1.00 18.74 ? 136 THR A CA  1 
ATOM   1089 C C   . THR A 1 136 ? 4.541   8.535   6.783   1.00 18.94 ? 136 THR A C   1 
ATOM   1090 O O   . THR A 1 136 ? 3.337   8.737   6.559   1.00 20.64 ? 136 THR A O   1 
ATOM   1091 C CB  . THR A 1 136 ? 5.368   8.201   4.404   1.00 18.24 ? 136 THR A CB  1 
ATOM   1092 O OG1 . THR A 1 136 ? 6.038   7.301   3.507   1.00 18.59 ? 136 THR A OG1 1 
ATOM   1093 C CG2 . THR A 1 136 ? 6.081   9.562   4.396   1.00 19.22 ? 136 THR A CG2 1 
ATOM   1094 N N   . ARG A 1 137 ? 5.196   9.088   7.814   1.00 18.26 ? 137 ARG A N   1 
ATOM   1095 C CA  . ARG A 1 137 ? 4.591   10.031  8.769   1.00 18.27 ? 137 ARG A CA  1 
ATOM   1096 C C   . ARG A 1 137 ? 4.775   11.409  8.245   1.00 18.22 ? 137 ARG A C   1 
ATOM   1097 O O   . ARG A 1 137 ? 5.902   11.901  8.185   1.00 20.75 ? 137 ARG A O   1 
ATOM   1098 C CB  . ARG A 1 137 ? 5.257   9.892   10.142  1.00 17.09 ? 137 ARG A CB  1 
ATOM   1099 C CG  . ARG A 1 137 ? 5.143   8.484   10.669  1.00 14.41 ? 137 ARG A CG  1 
ATOM   1100 C CD  . ARG A 1 137 ? 3.773   8.296   11.425  1.00 13.87 ? 137 ARG A CD  1 
ATOM   1101 N NE  . ARG A 1 137 ? 3.643   7.011   12.110  1.00 15.84 ? 137 ARG A NE  1 
ATOM   1102 C CZ  . ARG A 1 137 ? 2.502   6.558   12.634  1.00 18.77 ? 137 ARG A CZ  1 
ATOM   1103 N NH1 . ARG A 1 137 ? 1.397   7.281   12.596  1.00 20.05 ? 137 ARG A NH1 1 
ATOM   1104 N NH2 . ARG A 1 137 ? 2.472   5.415   13.266  1.00 19.10 ? 137 ARG A NH2 1 
ATOM   1105 N N   . ILE A 1 138 ? 3.683   11.986  7.753   1.00 19.12 ? 138 ILE A N   1 
ATOM   1106 C CA  . ILE A 1 138 ? 3.655   13.355  7.275   1.00 19.87 ? 138 ILE A CA  1 
ATOM   1107 C C   . ILE A 1 138 ? 3.398   14.141  8.533   1.00 21.12 ? 138 ILE A C   1 
ATOM   1108 O O   . ILE A 1 138 ? 2.329   14.000  9.181   1.00 20.94 ? 138 ILE A O   1 
ATOM   1109 C CB  . ILE A 1 138 ? 2.450   13.621  6.371   1.00 19.91 ? 138 ILE A CB  1 
ATOM   1110 C CG1 . ILE A 1 138 ? 2.376   12.652  5.180   1.00 20.31 ? 138 ILE A CG1 1 
ATOM   1111 C CG2 . ILE A 1 138 ? 2.483   15.027  5.895   1.00 21.27 ? 138 ILE A CG2 1 
ATOM   1112 C CD1 . ILE A 1 138 ? 3.464   12.825  4.118   1.00 19.74 ? 138 ILE A CD1 1 
ATOM   1113 N N   . MET A 1 139 ? 4.324   15.014  8.880   1.00 21.87 ? 139 MET A N   1 
ATOM   1114 C CA  . MET A 1 139 ? 4.300   15.503  10.251  1.00 23.36 ? 139 MET A CA  1 
ATOM   1115 C C   . MET A 1 139 ? 3.622   16.847  10.436  1.00 23.05 ? 139 MET A C   1 
ATOM   1116 O O   . MET A 1 139 ? 4.120   17.698  11.172  1.00 23.51 ? 139 MET A O   1 
ATOM   1117 C CB  . MET A 1 139 ? 5.708   15.435  10.828  1.00 24.31 ? 139 MET A CB  1 
ATOM   1118 C CG  . MET A 1 139 ? 6.139   14.001  10.989  1.00 25.87 ? 139 MET A CG  1 
ATOM   1119 S SD  . MET A 1 139 ? 7.773   14.056  11.642  1.00 36.79 ? 139 MET A SD  1 
ATOM   1120 C CE  . MET A 1 139 ? 8.710   14.446  10.167  1.00 17.62 ? 139 MET A CE  1 
ATOM   1121 N N   . GLN A 1 140 ? 2.465   16.976  9.773   1.00 23.72 ? 140 GLN A N   1 
ATOM   1122 C CA  . GLN A 1 140 ? 1.464   18.040  9.956   1.00 23.81 ? 140 GLN A CA  1 
ATOM   1123 C C   . GLN A 1 140 ? 0.059   17.459  9.949   1.00 24.22 ? 140 GLN A C   1 
ATOM   1124 O O   . GLN A 1 140 ? -0.155  16.283  9.583   1.00 24.93 ? 140 GLN A O   1 
ATOM   1125 C CB  . GLN A 1 140 ? 1.554   19.051  8.824   1.00 23.98 ? 140 GLN A CB  1 
ATOM   1126 C CG  . GLN A 1 140 ? 2.940   19.464  8.447   1.00 24.38 ? 140 GLN A CG  1 
ATOM   1127 C CD  . GLN A 1 140 ? 2.907   20.698  7.605   1.00 28.28 ? 140 GLN A CD  1 
ATOM   1128 O OE1 . GLN A 1 140 ? 1.825   21.130  7.131   1.00 27.11 ? 140 GLN A OE1 1 
ATOM   1129 N NE2 . GLN A 1 140 ? 4.072   21.297  7.405   1.00 26.56 ? 140 GLN A NE2 1 
ATOM   1130 N N   . ASP A 1 141 ? -0.904  18.268  10.388  1.00 24.34 ? 141 ASP A N   1 
ATOM   1131 C CA  . ASP A 1 141 ? -2.314  17.970  10.231  1.00 24.34 ? 141 ASP A CA  1 
ATOM   1132 C C   . ASP A 1 141 ? -2.744  18.495  8.878   1.00 23.89 ? 141 ASP A C   1 
ATOM   1133 O O   . ASP A 1 141 ? -2.379  19.608  8.499   1.00 23.57 ? 141 ASP A O   1 
ATOM   1134 C CB  . ASP A 1 141 ? -3.149  18.685  11.282  1.00 25.02 ? 141 ASP A CB  1 
ATOM   1135 C CG  . ASP A 1 141 ? -2.999  18.097  12.673  1.00 28.48 ? 141 ASP A CG  1 
ATOM   1136 O OD1 . ASP A 1 141 ? -2.372  17.031  12.855  1.00 31.23 ? 141 ASP A OD1 1 
ATOM   1137 O OD2 . ASP A 1 141 ? -3.499  18.746  13.613  1.00 33.20 ? 141 ASP A OD2 1 
ATOM   1138 N N   . PHE A 1 142 ? -3.452  17.664  8.132   1.00 23.28 ? 142 PHE A N   1 
ATOM   1139 C CA  . PHE A 1 142 ? -4.114  18.103  6.893   1.00 22.52 ? 142 PHE A CA  1 
ATOM   1140 C C   . PHE A 1 142 ? -5.581  17.651  6.925   1.00 23.05 ? 142 PHE A C   1 
ATOM   1141 O O   . PHE A 1 142 ? -5.924  16.507  7.380   1.00 21.73 ? 142 PHE A O   1 
ATOM   1142 C CB  . PHE A 1 142 ? -3.437  17.561  5.652   1.00 21.42 ? 142 PHE A CB  1 
ATOM   1143 C CG  . PHE A 1 142 ? -2.093  18.192  5.315   1.00 20.13 ? 142 PHE A CG  1 
ATOM   1144 C CD1 . PHE A 1 142 ? -2.022  19.335  4.523   1.00 20.00 ? 142 PHE A CD1 1 
ATOM   1145 C CD2 . PHE A 1 142 ? -0.892  17.568  5.702   1.00 19.15 ? 142 PHE A CD2 1 
ATOM   1146 C CE1 . PHE A 1 142 ? -0.792  19.889  4.160   1.00 21.13 ? 142 PHE A CE1 1 
ATOM   1147 C CE2 . PHE A 1 142 ? 0.374   18.104  5.347   1.00 16.18 ? 142 PHE A CE2 1 
ATOM   1148 C CZ  . PHE A 1 142 ? 0.429   19.263  4.583   1.00 15.64 ? 142 PHE A CZ  1 
ATOM   1149 N N   . GLU A 1 143 ? -6.460  18.532  6.430   1.00 23.19 ? 143 GLU A N   1 
ATOM   1150 C CA  . GLU A 1 143 ? -7.878  18.243  6.418   1.00 22.64 ? 143 GLU A CA  1 
ATOM   1151 C C   . GLU A 1 143 ? -8.076  17.035  5.481   1.00 21.44 ? 143 GLU A C   1 
ATOM   1152 O O   . GLU A 1 143 ? -7.549  16.988  4.394   1.00 20.98 ? 143 GLU A O   1 
ATOM   1153 C CB  . GLU A 1 143 ? -8.691  19.471  5.987   1.00 24.21 ? 143 GLU A CB  1 
ATOM   1154 C CG  . GLU A 1 143 ? -10.177 19.221  5.848   1.00 22.57 ? 143 GLU A CG  1 
ATOM   1155 C CD  . GLU A 1 143 ? -10.874 20.204  4.946   1.00 26.22 ? 143 GLU A CD  1 
ATOM   1156 O OE1 . GLU A 1 143 ? -11.996 20.563  5.316   1.00 27.44 ? 143 GLU A OE1 1 
ATOM   1157 O OE2 . GLU A 1 143 ? -10.360 20.599  3.872   1.00 22.87 ? 143 GLU A OE2 1 
ATOM   1158 N N   . SER A 1 144 ? -8.788  16.036  5.984   1.00 20.88 ? 144 SER A N   1 
ATOM   1159 C CA  . SER A 1 144 ? -8.859  14.737  5.349   1.00 21.34 ? 144 SER A CA  1 
ATOM   1160 C C   . SER A 1 144 ? -10.256 14.232  5.541   1.00 21.31 ? 144 SER A C   1 
ATOM   1161 O O   . SER A 1 144 ? -10.941 14.667  6.485   1.00 21.26 ? 144 SER A O   1 
ATOM   1162 C CB  . SER A 1 144 ? -7.918  13.703  6.023   1.00 20.86 ? 144 SER A CB  1 
ATOM   1163 O OG  . SER A 1 144 ? -6.594  14.135  6.133   1.00 16.19 ? 144 SER A OG  1 
ATOM   1164 N N   . ASP A 1 145 ? -10.664 13.277  4.697   1.00 20.77 ? 145 ASP A N   1 
ATOM   1165 C CA  . ASP A 1 145 ? -11.955 12.629  4.926   1.00 20.73 ? 145 ASP A CA  1 
ATOM   1166 C C   . ASP A 1 145 ? -11.846 11.103  4.984   1.00 20.74 ? 145 ASP A C   1 
ATOM   1167 O O   . ASP A 1 145 ? -12.837 10.392  5.227   1.00 20.84 ? 145 ASP A O   1 
ATOM   1168 C CB  . ASP A 1 145 ? -13.009 13.123  3.904   1.00 20.67 ? 145 ASP A CB  1 
ATOM   1169 C CG  . ASP A 1 145 ? -12.745 12.622  2.472   1.00 18.61 ? 145 ASP A CG  1 
ATOM   1170 O OD1 . ASP A 1 145 ? -11.765 11.860  2.256   1.00 16.63 ? 145 ASP A OD1 1 
ATOM   1171 O OD2 . ASP A 1 145 ? -13.486 12.993  1.538   1.00 14.16 ? 145 ASP A OD2 1 
ATOM   1172 N N   . THR A 1 146 ? -10.639 10.593  4.758   1.00 20.98 ? 146 THR A N   1 
ATOM   1173 C CA  . THR A 1 146 ? -10.366 9.159   4.939   1.00 21.37 ? 146 THR A CA  1 
ATOM   1174 C C   . THR A 1 146 ? -9.092  9.003   5.782   1.00 20.00 ? 146 THR A C   1 
ATOM   1175 O O   . THR A 1 146 ? -8.153  9.831   5.739   1.00 18.91 ? 146 THR A O   1 
ATOM   1176 C CB  . THR A 1 146 ? -10.369 8.367   3.582   1.00 21.98 ? 146 THR A CB  1 
ATOM   1177 O OG1 . THR A 1 146 ? -9.138  8.536   2.852   1.00 25.29 ? 146 THR A OG1 1 
ATOM   1178 C CG2 . THR A 1 146 ? -11.456 8.888   2.711   1.00 22.14 ? 146 THR A CG2 1 
ATOM   1179 N N   . PHE A 1 147 ? -9.129  7.998   6.634   1.00 18.96 ? 147 PHE A N   1 
ATOM   1180 C CA  . PHE A 1 147 ? -8.206  7.871   7.728   1.00 18.87 ? 147 PHE A CA  1 
ATOM   1181 C C   . PHE A 1 147 ? -7.536  6.486   7.775   1.00 19.24 ? 147 PHE A C   1 
ATOM   1182 O O   . PHE A 1 147 ? -8.164  5.454   7.457   1.00 20.36 ? 147 PHE A O   1 
ATOM   1183 C CB  . PHE A 1 147 ? -8.898  8.248   9.052   1.00 19.40 ? 147 PHE A CB  1 
ATOM   1184 C CG  . PHE A 1 147 ? -9.285  9.700   9.129   1.00 22.45 ? 147 PHE A CG  1 
ATOM   1185 C CD1 . PHE A 1 147 ? -10.509 10.145  8.617   1.00 24.57 ? 147 PHE A CD1 1 
ATOM   1186 C CD2 . PHE A 1 147 ? -8.402  10.648  9.642   1.00 23.32 ? 147 PHE A CD2 1 
ATOM   1187 C CE1 . PHE A 1 147 ? -10.845 11.522  8.668   1.00 26.14 ? 147 PHE A CE1 1 
ATOM   1188 C CE2 . PHE A 1 147 ? -8.738  12.003  9.683   1.00 23.31 ? 147 PHE A CE2 1 
ATOM   1189 C CZ  . PHE A 1 147 ? -9.958  12.442  9.184   1.00 22.49 ? 147 PHE A CZ  1 
ATOM   1190 N N   . PHE A 1 148 ? -6.262  6.469   8.136   1.00 20.00 ? 148 PHE A N   1 
ATOM   1191 C CA  . PHE A 1 148 ? -5.575  5.207   8.415   1.00 19.96 ? 148 PHE A CA  1 
ATOM   1192 C C   . PHE A 1 148 ? -6.053  4.540   9.733   1.00 20.23 ? 148 PHE A C   1 
ATOM   1193 O O   . PHE A 1 148 ? -6.271  5.225   10.737  1.00 19.28 ? 148 PHE A O   1 
ATOM   1194 C CB  . PHE A 1 148 ? -4.074  5.424   8.423   1.00 19.24 ? 148 PHE A CB  1 
ATOM   1195 C CG  . PHE A 1 148 ? -3.275  4.138   8.356   1.00 17.73 ? 148 PHE A CG  1 
ATOM   1196 C CD1 . PHE A 1 148 ? -3.315  3.358   7.232   1.00 16.03 ? 148 PHE A CD1 1 
ATOM   1197 C CD2 . PHE A 1 148 ? -2.526  3.715   9.434   1.00 18.44 ? 148 PHE A CD2 1 
ATOM   1198 C CE1 . PHE A 1 148 ? -2.571  2.179   7.120   1.00 20.91 ? 148 PHE A CE1 1 
ATOM   1199 C CE2 . PHE A 1 148 ? -1.789  2.547   9.370   1.00 15.01 ? 148 PHE A CE2 1 
ATOM   1200 C CZ  . PHE A 1 148 ? -1.808  1.748   8.205   1.00 18.24 ? 148 PHE A CZ  1 
ATOM   1201 N N   . PRO A 1 149 ? -6.185  3.195   9.752   1.00 20.67 ? 149 PRO A N   1 
ATOM   1202 C CA  . PRO A 1 149 ? -6.550  2.585   11.028  1.00 20.86 ? 149 PRO A CA  1 
ATOM   1203 C C   . PRO A 1 149 ? -5.478  2.748   12.101  1.00 21.48 ? 149 PRO A C   1 
ATOM   1204 O O   . PRO A 1 149 ? -4.266  2.921   11.812  1.00 20.35 ? 149 PRO A O   1 
ATOM   1205 C CB  . PRO A 1 149 ? -6.707  1.088   10.679  1.00 21.03 ? 149 PRO A CB  1 
ATOM   1206 C CG  . PRO A 1 149 ? -6.935  1.056   9.257   1.00 18.81 ? 149 PRO A CG  1 
ATOM   1207 C CD  . PRO A 1 149 ? -6.152  2.190   8.686   1.00 21.16 ? 149 PRO A CD  1 
ATOM   1208 N N   . GLU A 1 150 ? -5.938  2.649   13.352  1.00 22.76 ? 150 GLU A N   1 
ATOM   1209 C CA  . GLU A 1 150 ? -5.053  2.603   14.520  1.00 23.89 ? 150 GLU A CA  1 
ATOM   1210 C C   . GLU A 1 150 ? -3.935  1.591   14.401  1.00 22.59 ? 150 GLU A C   1 
ATOM   1211 O O   . GLU A 1 150 ? -4.203  0.439   14.128  1.00 23.26 ? 150 GLU A O   1 
ATOM   1212 C CB  . GLU A 1 150 ? -5.876  2.263   15.787  1.00 25.02 ? 150 GLU A CB  1 
ATOM   1213 C CG  . GLU A 1 150 ? -4.981  2.411   17.037  1.00 28.46 ? 150 GLU A CG  1 
ATOM   1214 C CD  . GLU A 1 150 ? -5.633  2.002   18.339  1.00 29.18 ? 150 GLU A CD  1 
ATOM   1215 O OE1 . GLU A 1 150 ? -4.933  2.063   19.382  1.00 30.20 ? 150 GLU A OE1 1 
ATOM   1216 O OE2 . GLU A 1 150 ? -6.826  1.626   18.306  1.00 32.45 ? 150 GLU A OE2 1 
ATOM   1217 N N   . ILE A 1 151 ? -2.680  1.979   14.617  1.00 21.90 ? 151 ILE A N   1 
ATOM   1218 C CA  . ILE A 1 151 ? -1.631  0.925   14.637  1.00 19.11 ? 151 ILE A CA  1 
ATOM   1219 C C   . ILE A 1 151 ? -1.477  0.456   16.099  1.00 19.18 ? 151 ILE A C   1 
ATOM   1220 O O   . ILE A 1 151 ? -1.133  1.256   16.962  1.00 19.25 ? 151 ILE A O   1 
ATOM   1221 C CB  . ILE A 1 151 ? -0.292  1.412   14.037  1.00 18.89 ? 151 ILE A CB  1 
ATOM   1222 C CG1 . ILE A 1 151 ? -0.520  1.790   12.554  1.00 18.55 ? 151 ILE A CG1 1 
ATOM   1223 C CG2 . ILE A 1 151 ? 0.838   0.352   14.271  1.00 15.21 ? 151 ILE A CG2 1 
ATOM   1224 C CD1 . ILE A 1 151 ? 0.631   2.458   11.897  1.00 24.23 ? 151 ILE A CD1 1 
ATOM   1225 N N   . ASP A 1 152 ? -1.801  -0.812  16.348  1.00 18.22 ? 152 ASP A N   1 
ATOM   1226 C CA  . ASP A 1 152 ? -1.632  -1.459  17.636  1.00 18.75 ? 152 ASP A CA  1 
ATOM   1227 C C   . ASP A 1 152 ? -0.158  -1.806  17.899  1.00 18.20 ? 152 ASP A C   1 
ATOM   1228 O O   . ASP A 1 152 ? 0.315   -2.825  17.442  1.00 15.92 ? 152 ASP A O   1 
ATOM   1229 C CB  . ASP A 1 152 ? -2.463  -2.760  17.682  1.00 18.51 ? 152 ASP A CB  1 
ATOM   1230 C CG  . ASP A 1 152 ? -2.379  -3.456  19.047  1.00 19.77 ? 152 ASP A CG  1 
ATOM   1231 O OD1 . ASP A 1 152 ? -3.023  -4.490  19.185  1.00 23.40 ? 152 ASP A OD1 1 
ATOM   1232 O OD2 . ASP A 1 152 ? -1.720  -2.950  19.979  1.00 18.18 ? 152 ASP A OD2 1 
ATOM   1233 N N   . LEU A 1 153 ? 0.524   -0.976  18.702  1.00 17.61 ? 153 LEU A N   1 
ATOM   1234 C CA  . LEU A 1 153 ? 1.942   -1.091  18.925  1.00 17.87 ? 153 LEU A CA  1 
ATOM   1235 C C   . LEU A 1 153 ? 2.270   -2.271  19.871  1.00 19.31 ? 153 LEU A C   1 
ATOM   1236 O O   . LEU A 1 153 ? 3.435   -2.668  19.958  1.00 19.01 ? 153 LEU A O   1 
ATOM   1237 C CB  . LEU A 1 153 ? 2.535   0.243   19.438  1.00 17.99 ? 153 LEU A CB  1 
ATOM   1238 C CG  . LEU A 1 153 ? 2.264   1.482   18.561  1.00 14.56 ? 153 LEU A CG  1 
ATOM   1239 C CD1 . LEU A 1 153 ? 2.644   2.761   19.315  1.00 13.39 ? 153 LEU A CD1 1 
ATOM   1240 C CD2 . LEU A 1 153 ? 3.080   1.341   17.266  1.00 10.69 ? 153 LEU A CD2 1 
ATOM   1241 N N   . GLU A 1 154 ? 1.263   -2.868  20.503  1.00 20.11 ? 154 GLU A N   1 
ATOM   1242 C CA  . GLU A 1 154 ? 1.508   -4.090  21.297  1.00 23.04 ? 154 GLU A CA  1 
ATOM   1243 C C   . GLU A 1 154 ? 1.914   -5.190  20.293  1.00 23.64 ? 154 GLU A C   1 
ATOM   1244 O O   . GLU A 1 154 ? 2.708   -6.074  20.620  1.00 23.87 ? 154 GLU A O   1 
ATOM   1245 C CB  . GLU A 1 154 ? 0.281   -4.584  22.125  1.00 22.70 ? 154 GLU A CB  1 
ATOM   1246 C CG  . GLU A 1 154 ? -0.369  -3.575  23.141  1.00 27.29 ? 154 GLU A CG  1 
ATOM   1247 C CD  . GLU A 1 154 ? 0.069   -3.792  24.638  1.00 29.62 ? 154 GLU A CD  1 
ATOM   1248 O OE1 . GLU A 1 154 ? -0.797  -3.493  25.562  1.00 24.40 ? 154 GLU A OE1 1 
ATOM   1249 O OE2 . GLU A 1 154 ? 1.248   -4.291  24.849  1.00 25.83 ? 154 GLU A OE2 1 
ATOM   1250 N N   . LYS A 1 155 ? 1.350   -5.135  19.083  1.00 23.94 ? 155 LYS A N   1 
ATOM   1251 C CA  . LYS A 1 155 ? 1.612   -6.155  18.074  1.00 24.73 ? 155 LYS A CA  1 
ATOM   1252 C C   . LYS A 1 155 ? 2.692   -5.717  17.060  1.00 24.28 ? 155 LYS A C   1 
ATOM   1253 O O   . LYS A 1 155 ? 3.601   -6.523  16.706  1.00 22.58 ? 155 LYS A O   1 
ATOM   1254 C CB  . LYS A 1 155 ? 0.327   -6.474  17.319  1.00 25.63 ? 155 LYS A CB  1 
ATOM   1255 C CG  . LYS A 1 155 ? -0.637  -7.457  17.987  1.00 29.76 ? 155 LYS A CG  1 
ATOM   1256 C CD  . LYS A 1 155 ? -2.049  -7.351  17.278  1.00 36.34 ? 155 LYS A CD  1 
ATOM   1257 C CE  . LYS A 1 155 ? -1.949  -7.327  15.740  1.00 37.76 ? 155 LYS A CE  1 
ATOM   1258 N NZ  . LYS A 1 155 ? -3.085  -6.631  15.038  1.00 35.42 ? 155 LYS A NZ  1 
ATOM   1259 N N   . TYR A 1 156 ? 2.562   -4.472  16.571  1.00 22.69 ? 156 TYR A N   1 
ATOM   1260 C CA  . TYR A 1 156 ? 3.429   -3.927  15.521  1.00 20.22 ? 156 TYR A CA  1 
ATOM   1261 C C   . TYR A 1 156 ? 4.612   -3.254  16.089  1.00 19.64 ? 156 TYR A C   1 
ATOM   1262 O O   . TYR A 1 156 ? 4.521   -2.166  16.674  1.00 17.71 ? 156 TYR A O   1 
ATOM   1263 C CB  . TYR A 1 156 ? 2.688   -2.926  14.631  1.00 20.65 ? 156 TYR A CB  1 
ATOM   1264 C CG  . TYR A 1 156 ? 1.776   -3.582  13.671  1.00 21.17 ? 156 TYR A CG  1 
ATOM   1265 C CD1 . TYR A 1 156 ? 0.410   -3.673  13.961  1.00 21.36 ? 156 TYR A CD1 1 
ATOM   1266 C CD2 . TYR A 1 156 ? 2.270   -4.181  12.498  1.00 21.76 ? 156 TYR A CD2 1 
ATOM   1267 C CE1 . TYR A 1 156 ? -0.457  -4.358  13.100  1.00 25.37 ? 156 TYR A CE1 1 
ATOM   1268 C CE2 . TYR A 1 156 ? 1.415   -4.845  11.602  1.00 22.49 ? 156 TYR A CE2 1 
ATOM   1269 C CZ  . TYR A 1 156 ? 0.044   -4.918  11.930  1.00 24.91 ? 156 TYR A CZ  1 
ATOM   1270 O OH  . TYR A 1 156 ? -0.842  -5.541  11.105  1.00 27.84 ? 156 TYR A OH  1 
ATOM   1271 N N   . LYS A 1 157 ? 5.769   -3.877  15.878  1.00 19.16 ? 157 LYS A N   1 
ATOM   1272 C CA  . LYS A 1 157 ? 6.981   -3.311  16.331  1.00 18.40 ? 157 LYS A CA  1 
ATOM   1273 C C   . LYS A 1 157 ? 7.600   -2.342  15.279  1.00 17.04 ? 157 LYS A C   1 
ATOM   1274 O O   . LYS A 1 157 ? 7.839   -2.724  14.114  1.00 17.24 ? 157 LYS A O   1 
ATOM   1275 C CB  . LYS A 1 157 ? 7.927   -4.471  16.747  1.00 19.15 ? 157 LYS A CB  1 
ATOM   1276 C CG  . LYS A 1 157 ? 9.372   -4.049  16.677  1.00 25.07 ? 157 LYS A CG  1 
ATOM   1277 C CD  . LYS A 1 157 ? 10.373  -4.889  17.472  1.00 33.18 ? 157 LYS A CD  1 
ATOM   1278 C CE  . LYS A 1 157 ? 11.729  -4.226  17.299  1.00 33.74 ? 157 LYS A CE  1 
ATOM   1279 N NZ  . LYS A 1 157 ? 12.823  -5.235  17.276  1.00 37.09 ? 157 LYS A NZ  1 
ATOM   1280 N N   . LEU A 1 158 ? 7.883   -1.110  15.692  1.00 15.01 ? 158 LEU A N   1 
ATOM   1281 C CA  . LEU A 1 158 ? 8.654   -0.173  14.842  1.00 16.04 ? 158 LEU A CA  1 
ATOM   1282 C C   . LEU A 1 158 ? 10.105  -0.672  14.739  1.00 16.01 ? 158 LEU A C   1 
ATOM   1283 O O   . LEU A 1 158 ? 10.785  -0.835  15.743  1.00 16.45 ? 158 LEU A O   1 
ATOM   1284 C CB  . LEU A 1 158 ? 8.576   1.220   15.469  1.00 15.76 ? 158 LEU A CB  1 
ATOM   1285 C CG  . LEU A 1 158 ? 9.338   2.384   14.872  1.00 15.56 ? 158 LEU A CG  1 
ATOM   1286 C CD1 . LEU A 1 158 ? 8.964   2.570   13.407  1.00 8.53  ? 158 LEU A CD1 1 
ATOM   1287 C CD2 . LEU A 1 158 ? 9.026   3.596   15.690  1.00 12.54 ? 158 LEU A CD2 1 
ATOM   1288 N N   . LEU A 1 159 ? 10.561  -0.988  13.541  1.00 17.21 ? 159 LEU A N   1 
ATOM   1289 C CA  . LEU A 1 159 ? 11.957  -1.370  13.352  1.00 18.11 ? 159 LEU A CA  1 
ATOM   1290 C C   . LEU A 1 159 ? 12.898  -0.142  13.407  1.00 18.88 ? 159 LEU A C   1 
ATOM   1291 O O   . LEU A 1 159 ? 12.586  0.930   12.847  1.00 19.10 ? 159 LEU A O   1 
ATOM   1292 C CB  . LEU A 1 159 ? 12.120  -2.154  12.042  1.00 17.14 ? 159 LEU A CB  1 
ATOM   1293 C CG  . LEU A 1 159 ? 11.143  -3.285  11.804  1.00 19.12 ? 159 LEU A CG  1 
ATOM   1294 C CD1 . LEU A 1 159 ? 11.530  -3.845  10.420  1.00 18.38 ? 159 LEU A CD1 1 
ATOM   1295 C CD2 . LEU A 1 159 ? 11.058  -4.376  12.901  1.00 19.04 ? 159 LEU A CD2 1 
ATOM   1296 N N   . PRO A 1 160 ? 14.073  -0.292  14.056  1.00 19.54 ? 160 PRO A N   1 
ATOM   1297 C CA  . PRO A 1 160 ? 14.959  0.896   14.259  1.00 18.83 ? 160 PRO A CA  1 
ATOM   1298 C C   . PRO A 1 160 ? 15.648  1.374   12.963  1.00 18.03 ? 160 PRO A C   1 
ATOM   1299 O O   . PRO A 1 160 ? 16.132  2.522   12.882  1.00 17.89 ? 160 PRO A O   1 
ATOM   1300 C CB  . PRO A 1 160 ? 15.963  0.443   15.356  1.00 19.84 ? 160 PRO A CB  1 
ATOM   1301 C CG  . PRO A 1 160 ? 15.759  -1.134  15.486  1.00 19.14 ? 160 PRO A CG  1 
ATOM   1302 C CD  . PRO A 1 160 ? 14.718  -1.565  14.462  1.00 20.30 ? 160 PRO A CD  1 
ATOM   1303 N N   . GLU A 1 161 ? 15.625  0.526   11.941  1.00 17.66 ? 161 GLU A N   1 
ATOM   1304 C CA  . GLU A 1 161 ? 16.008  0.911   10.599  1.00 17.56 ? 161 GLU A CA  1 
ATOM   1305 C C   . GLU A 1 161 ? 15.626  -0.233  9.644   1.00 17.38 ? 161 GLU A C   1 
ATOM   1306 O O   . GLU A 1 161 ? 15.165  -1.289  10.058  1.00 16.23 ? 161 GLU A O   1 
ATOM   1307 C CB  . GLU A 1 161 ? 17.518  1.273   10.500  1.00 19.01 ? 161 GLU A CB  1 
ATOM   1308 C CG  . GLU A 1 161 ? 18.485  0.126   10.992  1.00 21.40 ? 161 GLU A CG  1 
ATOM   1309 C CD  . GLU A 1 161 ? 19.937  0.453   10.855  1.00 25.48 ? 161 GLU A CD  1 
ATOM   1310 O OE1 . GLU A 1 161 ? 20.290  1.581   10.451  1.00 28.53 ? 161 GLU A OE1 1 
ATOM   1311 O OE2 . GLU A 1 161 ? 20.742  -0.410  11.197  1.00 27.53 ? 161 GLU A OE2 1 
ATOM   1312 N N   . TYR A 1 162 ? 15.735  0.019   8.356   1.00 18.11 ? 162 TYR A N   1 
ATOM   1313 C CA  . TYR A 1 162 ? 15.339  -1.008  7.377   1.00 19.18 ? 162 TYR A CA  1 
ATOM   1314 C C   . TYR A 1 162 ? 16.109  -0.719  6.106   1.00 19.29 ? 162 TYR A C   1 
ATOM   1315 O O   . TYR A 1 162 ? 16.122  0.434   5.676   1.00 19.30 ? 162 TYR A O   1 
ATOM   1316 C CB  . TYR A 1 162 ? 13.807  -1.001  7.112   1.00 17.50 ? 162 TYR A CB  1 
ATOM   1317 C CG  . TYR A 1 162 ? 13.364  -2.297  6.499   1.00 17.73 ? 162 TYR A CG  1 
ATOM   1318 C CD1 . TYR A 1 162 ? 13.211  -3.445  7.291   1.00 16.21 ? 162 TYR A CD1 1 
ATOM   1319 C CD2 . TYR A 1 162 ? 13.108  -2.396  5.125   1.00 15.01 ? 162 TYR A CD2 1 
ATOM   1320 C CE1 . TYR A 1 162 ? 12.855  -4.623  6.748   1.00 14.29 ? 162 TYR A CE1 1 
ATOM   1321 C CE2 . TYR A 1 162 ? 12.731  -3.618  4.568   1.00 18.57 ? 162 TYR A CE2 1 
ATOM   1322 C CZ  . TYR A 1 162 ? 12.614  -4.712  5.391   1.00 18.19 ? 162 TYR A CZ  1 
ATOM   1323 O OH  . TYR A 1 162 ? 12.228  -5.918  4.853   1.00 22.03 ? 162 TYR A OH  1 
ATOM   1324 N N   . PRO A 1 163 ? 16.756  -1.765  5.508   1.00 19.83 ? 163 PRO A N   1 
ATOM   1325 C CA  . PRO A 1 163 ? 17.500  -1.539  4.242   1.00 20.22 ? 163 PRO A CA  1 
ATOM   1326 C C   . PRO A 1 163 ? 16.651  -0.866  3.145   1.00 19.81 ? 163 PRO A C   1 
ATOM   1327 O O   . PRO A 1 163 ? 15.539  -1.313  2.872   1.00 19.29 ? 163 PRO A O   1 
ATOM   1328 C CB  . PRO A 1 163 ? 17.894  -2.957  3.783   1.00 19.97 ? 163 PRO A CB  1 
ATOM   1329 C CG  . PRO A 1 163 ? 17.855  -3.813  5.084   1.00 17.69 ? 163 PRO A CG  1 
ATOM   1330 C CD  . PRO A 1 163 ? 16.739  -3.198  5.916   1.00 19.31 ? 163 PRO A CD  1 
ATOM   1331 N N   . GLY A 1 164 ? 17.174  0.194   2.539   1.00 18.76 ? 164 GLY A N   1 
ATOM   1332 C CA  . GLY A 1 164 ? 16.524  0.781   1.387   1.00 19.63 ? 164 GLY A CA  1 
ATOM   1333 C C   . GLY A 1 164 ? 15.545  1.856   1.793   1.00 20.77 ? 164 GLY A C   1 
ATOM   1334 O O   . GLY A 1 164 ? 14.899  2.445   0.936   1.00 22.03 ? 164 GLY A O   1 
ATOM   1335 N N   . VAL A 1 165 ? 15.458  2.111   3.101   1.00 19.64 ? 165 VAL A N   1 
ATOM   1336 C CA  . VAL A 1 165 ? 14.548  3.122   3.657   1.00 19.59 ? 165 VAL A CA  1 
ATOM   1337 C C   . VAL A 1 165 ? 15.338  4.154   4.443   1.00 17.86 ? 165 VAL A C   1 
ATOM   1338 O O   . VAL A 1 165 ? 15.991  3.837   5.445   1.00 18.08 ? 165 VAL A O   1 
ATOM   1339 C CB  . VAL A 1 165 ? 13.477  2.486   4.634   1.00 18.33 ? 165 VAL A CB  1 
ATOM   1340 C CG1 . VAL A 1 165 ? 12.577  3.584   5.147   1.00 15.58 ? 165 VAL A CG1 1 
ATOM   1341 C CG2 . VAL A 1 165 ? 12.649  1.391   3.936   1.00 21.54 ? 165 VAL A CG2 1 
ATOM   1342 N N   . LEU A 1 166 ? 15.265  5.408   4.050   1.00 19.30 ? 166 LEU A N   1 
ATOM   1343 C CA  . LEU A 1 166 ? 15.955  6.482   4.847   1.00 19.33 ? 166 LEU A CA  1 
ATOM   1344 C C   . LEU A 1 166 ? 15.366  6.695   6.257   1.00 19.16 ? 166 LEU A C   1 
ATOM   1345 O O   . LEU A 1 166 ? 14.128  6.861   6.411   1.00 19.50 ? 166 LEU A O   1 
ATOM   1346 C CB  . LEU A 1 166 ? 15.889  7.787   4.071   1.00 18.94 ? 166 LEU A CB  1 
ATOM   1347 C CG  . LEU A 1 166 ? 16.866  8.252   2.984   1.00 21.82 ? 166 LEU A CG  1 
ATOM   1348 C CD1 . LEU A 1 166 ? 17.822  7.183   2.427   1.00 25.73 ? 166 LEU A CD1 1 
ATOM   1349 C CD2 . LEU A 1 166 ? 16.109  9.047   1.895   1.00 21.51 ? 166 LEU A CD2 1 
ATOM   1350 N N   . SER A 1 167 ? 16.229  6.784   7.278   1.00 19.25 ? 167 SER A N   1 
ATOM   1351 C CA  . SER A 1 167 ? 15.807  6.859   8.699   1.00 20.04 ? 167 SER A CA  1 
ATOM   1352 C C   . SER A 1 167 ? 15.609  8.279   9.236   1.00 20.62 ? 167 SER A C   1 
ATOM   1353 O O   . SER A 1 167 ? 15.131  8.450   10.384  1.00 19.48 ? 167 SER A O   1 
ATOM   1354 C CB  . SER A 1 167 ? 16.845  6.213   9.637   1.00 19.35 ? 167 SER A CB  1 
ATOM   1355 O OG  . SER A 1 167 ? 16.805  4.833   9.464   1.00 23.38 ? 167 SER A OG  1 
ATOM   1356 N N   . ASP A 1 168 ? 16.051  9.270   8.451   1.00 19.23 ? 168 ASP A N   1 
ATOM   1357 C CA  . ASP A 1 168 ? 16.097  10.644  8.908   1.00 20.16 ? 168 ASP A CA  1 
ATOM   1358 C C   . ASP A 1 168 ? 14.960  11.467  8.282   1.00 18.53 ? 168 ASP A C   1 
ATOM   1359 O O   . ASP A 1 168 ? 14.202  10.945  7.445   1.00 17.74 ? 168 ASP A O   1 
ATOM   1360 C CB  . ASP A 1 168 ? 17.481  11.255  8.632   1.00 20.12 ? 168 ASP A CB  1 
ATOM   1361 C CG  . ASP A 1 168 ? 17.828  11.341  7.126   1.00 25.34 ? 168 ASP A CG  1 
ATOM   1362 O OD1 . ASP A 1 168 ? 18.570  12.276  6.757   1.00 30.73 ? 168 ASP A OD1 1 
ATOM   1363 O OD2 . ASP A 1 168 ? 17.366  10.524  6.303   1.00 29.02 ? 168 ASP A OD2 1 
ATOM   1364 N N   . VAL A 1 169 ? 14.825  12.721  8.691   1.00 18.26 ? 169 VAL A N   1 
ATOM   1365 C CA  . VAL A 1 169 ? 13.641  13.520  8.284   1.00 18.06 ? 169 VAL A CA  1 
ATOM   1366 C C   . VAL A 1 169 ? 13.824  14.063  6.849   1.00 19.14 ? 169 VAL A C   1 
ATOM   1367 O O   . VAL A 1 169 ? 14.907  14.543  6.490   1.00 18.44 ? 169 VAL A O   1 
ATOM   1368 C CB  . VAL A 1 169 ? 13.358  14.718  9.248   1.00 18.89 ? 169 VAL A CB  1 
ATOM   1369 C CG1 . VAL A 1 169 ? 12.174  15.579  8.733   1.00 19.73 ? 169 VAL A CG1 1 
ATOM   1370 C CG2 . VAL A 1 169 ? 13.113  14.251  10.726  1.00 16.72 ? 169 VAL A CG2 1 
ATOM   1371 N N   . GLN A 1 170 ? 12.760  13.979  6.059   1.00 19.39 ? 170 GLN A N   1 
ATOM   1372 C CA  . GLN A 1 170 ? 12.697  14.413  4.695   1.00 19.84 ? 170 GLN A CA  1 
ATOM   1373 C C   . GLN A 1 170 ? 11.860  15.679  4.672   1.00 20.43 ? 170 GLN A C   1 
ATOM   1374 O O   . GLN A 1 170 ? 11.026  15.935  5.561   1.00 22.54 ? 170 GLN A O   1 
ATOM   1375 C CB  . GLN A 1 170 ? 11.995  13.354  3.834   1.00 19.44 ? 170 GLN A CB  1 
ATOM   1376 C CG  . GLN A 1 170 ? 12.484  11.952  4.039   1.00 18.01 ? 170 GLN A CG  1 
ATOM   1377 C CD  . GLN A 1 170 ? 13.943  11.775  3.665   1.00 18.88 ? 170 GLN A CD  1 
ATOM   1378 O OE1 . GLN A 1 170 ? 14.321  11.986  2.540   1.00 16.82 ? 170 GLN A OE1 1 
ATOM   1379 N NE2 . GLN A 1 170 ? 14.762  11.355  4.624   1.00 20.50 ? 170 GLN A NE2 1 
ATOM   1380 N N   . GLU A 1 171 ? 12.069  16.502  3.672   1.00 20.96 ? 171 GLU A N   1 
ATOM   1381 C CA  . GLU A 1 171 ? 11.187  17.640  3.517   1.00 21.20 ? 171 GLU A CA  1 
ATOM   1382 C C   . GLU A 1 171 ? 10.978  17.983  2.052   1.00 22.24 ? 171 GLU A C   1 
ATOM   1383 O O   . GLU A 1 171 ? 11.925  18.093  1.277   1.00 22.07 ? 171 GLU A O   1 
ATOM   1384 C CB  . GLU A 1 171 ? 11.697  18.844  4.347   1.00 22.08 ? 171 GLU A CB  1 
ATOM   1385 C CG  . GLU A 1 171 ? 10.753  20.055  4.307   1.00 23.08 ? 171 GLU A CG  1 
ATOM   1386 C CD  . GLU A 1 171 ? 11.209  21.241  5.147   1.00 28.03 ? 171 GLU A CD  1 
ATOM   1387 O OE1 . GLU A 1 171 ? 10.540  22.304  5.087   1.00 30.70 ? 171 GLU A OE1 1 
ATOM   1388 O OE2 . GLU A 1 171 ? 12.179  21.112  5.902   1.00 23.28 ? 171 GLU A OE2 1 
ATOM   1389 N N   . GLU A 1 172 ? 9.704   18.154  1.699   1.00 22.54 ? 172 GLU A N   1 
ATOM   1390 C CA  . GLU A 1 172 ? 9.306   18.650  0.411   1.00 23.27 ? 172 GLU A CA  1 
ATOM   1391 C C   . GLU A 1 172 ? 8.168   19.622  0.567   1.00 24.22 ? 172 GLU A C   1 
ATOM   1392 O O   . GLU A 1 172 ? 7.243   19.394  1.361   1.00 24.67 ? 172 GLU A O   1 
ATOM   1393 C CB  . GLU A 1 172 ? 8.877   17.504  -0.482  1.00 23.34 ? 172 GLU A CB  1 
ATOM   1394 C CG  . GLU A 1 172 ? 10.067  16.663  -0.905  1.00 23.90 ? 172 GLU A CG  1 
ATOM   1395 C CD  . GLU A 1 172 ? 9.654   15.534  -1.789  1.00 25.08 ? 172 GLU A CD  1 
ATOM   1396 O OE1 . GLU A 1 172 ? 9.147   14.519  -1.274  1.00 25.48 ? 172 GLU A OE1 1 
ATOM   1397 O OE2 . GLU A 1 172 ? 9.835   15.654  -3.002  1.00 24.43 ? 172 GLU A OE2 1 
ATOM   1398 N N   . LYS A 1 173 ? 8.264   20.708  -0.200  1.00 24.43 ? 173 LYS A N   1 
ATOM   1399 C CA  . LYS A 1 173 ? 7.300   21.799  -0.222  1.00 23.87 ? 173 LYS A CA  1 
ATOM   1400 C C   . LYS A 1 173 ? 7.017   22.348  1.138   1.00 23.94 ? 173 LYS A C   1 
ATOM   1401 O O   . LYS A 1 173 ? 5.893   22.761  1.427   1.00 24.69 ? 173 LYS A O   1 
ATOM   1402 C CB  . LYS A 1 173 ? 6.039   21.377  -0.934  1.00 24.69 ? 173 LYS A CB  1 
ATOM   1403 C CG  . LYS A 1 173 ? 6.282   20.797  -2.297  1.00 22.83 ? 173 LYS A CG  1 
ATOM   1404 C CD  . LYS A 1 173 ? 4.981   20.942  -3.037  1.00 29.55 ? 173 LYS A CD  1 
ATOM   1405 C CE  . LYS A 1 173 ? 5.107   20.628  -4.535  1.00 29.80 ? 173 LYS A CE  1 
ATOM   1406 N NZ  . LYS A 1 173 ? 3.741   20.331  -5.032  1.00 23.28 ? 173 LYS A NZ  1 
ATOM   1407 N N   . GLY A 1 174 ? 8.049   22.319  1.984   1.00 23.28 ? 174 GLY A N   1 
ATOM   1408 C CA  . GLY A 1 174 ? 8.002   22.911  3.309   1.00 22.20 ? 174 GLY A CA  1 
ATOM   1409 C C   . GLY A 1 174 ? 7.237   22.011  4.279   1.00 22.11 ? 174 GLY A C   1 
ATOM   1410 O O   . GLY A 1 174 ? 6.882   22.443  5.378   1.00 20.59 ? 174 GLY A O   1 
ATOM   1411 N N   . ILE A 1 175 ? 7.006   20.765  3.857   1.00 21.34 ? 175 ILE A N   1 
ATOM   1412 C CA  . ILE A 1 175 ? 6.332   19.719  4.656   1.00 21.25 ? 175 ILE A CA  1 
ATOM   1413 C C   . ILE A 1 175 ? 7.361   18.650  4.987   1.00 20.14 ? 175 ILE A C   1 
ATOM   1414 O O   . ILE A 1 175 ? 7.931   18.083  4.068   1.00 20.36 ? 175 ILE A O   1 
ATOM   1415 C CB  . ILE A 1 175 ? 5.151   19.102  3.905   1.00 20.91 ? 175 ILE A CB  1 
ATOM   1416 C CG1 . ILE A 1 175 ? 4.132   20.214  3.598   1.00 20.65 ? 175 ILE A CG1 1 
ATOM   1417 C CG2 . ILE A 1 175 ? 4.433   17.999  4.784   1.00 21.22 ? 175 ILE A CG2 1 
ATOM   1418 C CD1 . ILE A 1 175 ? 3.404   20.043  2.341   1.00 17.01 ? 175 ILE A CD1 1 
ATOM   1419 N N   . LYS A 1 176 ? 7.605   18.462  6.293   1.00 19.44 ? 176 LYS A N   1 
ATOM   1420 C CA  . LYS A 1 176 ? 8.479   17.425  6.853   1.00 19.23 ? 176 LYS A CA  1 
ATOM   1421 C C   . LYS A 1 176 ? 7.756   16.070  6.994   1.00 18.36 ? 176 LYS A C   1 
ATOM   1422 O O   . LYS A 1 176 ? 6.527   15.984  7.288   1.00 17.94 ? 176 LYS A O   1 
ATOM   1423 C CB  . LYS A 1 176 ? 9.073   17.852  8.214   1.00 19.12 ? 176 LYS A CB  1 
ATOM   1424 C CG  . LYS A 1 176 ? 10.090  19.020  8.086   1.00 21.82 ? 176 LYS A CG  1 
ATOM   1425 C CD  . LYS A 1 176 ? 10.489  19.539  9.454   1.00 28.09 ? 176 LYS A CD  1 
ATOM   1426 C CE  . LYS A 1 176 ? 11.369  20.818  9.335   1.00 30.77 ? 176 LYS A CE  1 
ATOM   1427 N NZ  . LYS A 1 176 ? 12.519  20.615  10.242  1.00 30.68 ? 176 LYS A NZ  1 
ATOM   1428 N N   . TYR A 1 177 ? 8.492   15.028  6.671   1.00 16.72 ? 177 TYR A N   1 
ATOM   1429 C CA  . TYR A 1 177 ? 7.952   13.666  6.774   1.00 16.24 ? 177 TYR A CA  1 
ATOM   1430 C C   . TYR A 1 177 ? 9.102   12.660  7.036   1.00 16.19 ? 177 TYR A C   1 
ATOM   1431 O O   . TYR A 1 177 ? 10.270  12.982  6.828   1.00 15.29 ? 177 TYR A O   1 
ATOM   1432 C CB  . TYR A 1 177 ? 7.115   13.328  5.520   1.00 15.89 ? 177 TYR A CB  1 
ATOM   1433 C CG  . TYR A 1 177 ? 7.869   13.281  4.166   1.00 18.06 ? 177 TYR A CG  1 
ATOM   1434 C CD1 . TYR A 1 177 ? 8.412   12.090  3.702   1.00 19.56 ? 177 TYR A CD1 1 
ATOM   1435 C CD2 . TYR A 1 177 ? 8.019   14.443  3.334   1.00 18.82 ? 177 TYR A CD2 1 
ATOM   1436 C CE1 . TYR A 1 177 ? 9.113   12.027  2.486   1.00 18.14 ? 177 TYR A CE1 1 
ATOM   1437 C CE2 . TYR A 1 177 ? 8.728   14.381  2.078   1.00 19.18 ? 177 TYR A CE2 1 
ATOM   1438 C CZ  . TYR A 1 177 ? 9.278   13.157  1.684   1.00 19.79 ? 177 TYR A CZ  1 
ATOM   1439 O OH  . TYR A 1 177 ? 9.956   12.991  0.469   1.00 22.36 ? 177 TYR A OH  1 
ATOM   1440 N N   . LYS A 1 178 ? 8.773   11.449  7.485   1.00 16.39 ? 178 LYS A N   1 
ATOM   1441 C CA  . LYS A 1 178 ? 9.805   10.447  7.742   1.00 16.43 ? 178 LYS A CA  1 
ATOM   1442 C C   . LYS A 1 178 ? 9.215   9.086   7.463   1.00 16.18 ? 178 LYS A C   1 
ATOM   1443 O O   . LYS A 1 178 ? 7.988   8.892   7.495   1.00 16.54 ? 178 LYS A O   1 
ATOM   1444 C CB  . LYS A 1 178 ? 10.297  10.578  9.216   1.00 15.86 ? 178 LYS A CB  1 
ATOM   1445 C CG  . LYS A 1 178 ? 9.141   10.398  10.244  1.00 19.04 ? 178 LYS A CG  1 
ATOM   1446 C CD  . LYS A 1 178 ? 9.578   10.499  11.713  1.00 22.74 ? 178 LYS A CD  1 
ATOM   1447 C CE  . LYS A 1 178 ? 8.364   10.599  12.603  1.00 25.78 ? 178 LYS A CE  1 
ATOM   1448 N NZ  . LYS A 1 178 ? 8.878   10.662  13.974  1.00 26.30 ? 178 LYS A NZ  1 
ATOM   1449 N N   . PHE A 1 179 ? 10.095  8.140   7.166   1.00 16.18 ? 179 PHE A N   1 
ATOM   1450 C CA  . PHE A 1 179 ? 9.688   6.824   6.720   1.00 16.44 ? 179 PHE A CA  1 
ATOM   1451 C C   . PHE A 1 179 ? 9.879   5.827   7.868   1.00 15.86 ? 179 PHE A C   1 
ATOM   1452 O O   . PHE A 1 179 ? 10.963  5.727   8.406   1.00 17.69 ? 179 PHE A O   1 
ATOM   1453 C CB  . PHE A 1 179 ? 10.588  6.338   5.544   1.00 13.86 ? 179 PHE A CB  1 
ATOM   1454 C CG  . PHE A 1 179 ? 10.591  7.258   4.319   1.00 18.00 ? 179 PHE A CG  1 
ATOM   1455 C CD1 . PHE A 1 179 ? 11.799  7.846   3.868   1.00 16.20 ? 179 PHE A CD1 1 
ATOM   1456 C CD2 . PHE A 1 179 ? 9.417   7.530   3.610   1.00 17.00 ? 179 PHE A CD2 1 
ATOM   1457 C CE1 . PHE A 1 179 ? 11.809  8.686   2.728   1.00 19.66 ? 179 PHE A CE1 1 
ATOM   1458 C CE2 . PHE A 1 179 ? 9.427   8.360   2.469   1.00 18.03 ? 179 PHE A CE2 1 
ATOM   1459 C CZ  . PHE A 1 179 ? 10.595  8.941   2.028   1.00 16.70 ? 179 PHE A CZ  1 
ATOM   1460 N N   . GLU A 1 180 ? 8.891   4.996   8.128   1.00 16.76 ? 180 GLU A N   1 
ATOM   1461 C CA  . GLU A 1 180 ? 8.967   4.018   9.256   1.00 16.84 ? 180 GLU A CA  1 
ATOM   1462 C C   . GLU A 1 180 ? 8.543   2.642   8.747   1.00 16.92 ? 180 GLU A C   1 
ATOM   1463 O O   . GLU A 1 180 ? 7.892   2.505   7.713   1.00 15.98 ? 180 GLU A O   1 
ATOM   1464 C CB  . GLU A 1 180 ? 8.029   4.390   10.389  1.00 17.22 ? 180 GLU A CB  1 
ATOM   1465 C CG  . GLU A 1 180 ? 8.275   5.750   10.974  1.00 14.60 ? 180 GLU A CG  1 
ATOM   1466 C CD  . GLU A 1 180 ? 7.281   6.060   12.081  1.00 18.08 ? 180 GLU A CD  1 
ATOM   1467 O OE1 . GLU A 1 180 ? 7.700   6.764   12.997  1.00 14.52 ? 180 GLU A OE1 1 
ATOM   1468 O OE2 . GLU A 1 180 ? 6.103   5.584   12.079  1.00 22.70 ? 180 GLU A OE2 1 
ATOM   1469 N N   . VAL A 1 181 ? 8.984   1.612   9.443   1.00 16.69 ? 181 VAL A N   1 
ATOM   1470 C CA  . VAL A 1 181 ? 8.643   0.223   9.072   1.00 16.67 ? 181 VAL A CA  1 
ATOM   1471 C C   . VAL A 1 181 ? 8.266   -0.431  10.389  1.00 17.12 ? 181 VAL A C   1 
ATOM   1472 O O   . VAL A 1 181 ? 9.016   -0.343  11.395  1.00 18.82 ? 181 VAL A O   1 
ATOM   1473 C CB  . VAL A 1 181 ? 9.840   -0.576  8.343   1.00 16.68 ? 181 VAL A CB  1 
ATOM   1474 C CG1 . VAL A 1 181 ? 9.356   -1.918  7.806   1.00 12.18 ? 181 VAL A CG1 1 
ATOM   1475 C CG2 . VAL A 1 181 ? 10.439  0.215   7.205   1.00 15.73 ? 181 VAL A CG2 1 
ATOM   1476 N N   . TYR A 1 182 ? 7.111   -1.073  10.377  1.00 17.56 ? 182 TYR A N   1 
ATOM   1477 C CA  . TYR A 1 182 ? 6.585   -1.776  11.494  1.00 16.94 ? 182 TYR A CA  1 
ATOM   1478 C C   . TYR A 1 182 ? 6.444   -3.205  11.020  1.00 17.95 ? 182 TYR A C   1 
ATOM   1479 O O   . TYR A 1 182 ? 6.147   -3.462  9.808   1.00 17.10 ? 182 TYR A O   1 
ATOM   1480 C CB  . TYR A 1 182 ? 5.174   -1.262  11.805  1.00 16.61 ? 182 TYR A CB  1 
ATOM   1481 C CG  . TYR A 1 182 ? 5.149   0.132   12.335  1.00 16.83 ? 182 TYR A CG  1 
ATOM   1482 C CD1 . TYR A 1 182 ? 5.210   1.243   11.485  1.00 17.81 ? 182 TYR A CD1 1 
ATOM   1483 C CD2 . TYR A 1 182 ? 5.153   0.345   13.688  1.00 16.25 ? 182 TYR A CD2 1 
ATOM   1484 C CE1 . TYR A 1 182 ? 5.191   2.533   12.015  1.00 14.14 ? 182 TYR A CE1 1 
ATOM   1485 C CE2 . TYR A 1 182 ? 5.153   1.560   14.204  1.00 15.13 ? 182 TYR A CE2 1 
ATOM   1486 C CZ  . TYR A 1 182 ? 5.195   2.671   13.370  1.00 18.61 ? 182 TYR A CZ  1 
ATOM   1487 O OH  . TYR A 1 182 ? 5.169   3.920   13.954  1.00 16.20 ? 182 TYR A OH  1 
ATOM   1488 N N   . GLU A 1 183 ? 6.585   -4.118  11.972  1.00 18.63 ? 183 GLU A N   1 
ATOM   1489 C CA  . GLU A 1 183 ? 6.523   -5.519  11.694  1.00 19.84 ? 183 GLU A CA  1 
ATOM   1490 C C   . GLU A 1 183 ? 5.797   -6.253  12.778  1.00 21.23 ? 183 GLU A C   1 
ATOM   1491 O O   . GLU A 1 183 ? 6.073   -6.107  13.983  1.00 21.42 ? 183 GLU A O   1 
ATOM   1492 C CB  . GLU A 1 183 ? 7.959   -6.067  11.524  1.00 18.85 ? 183 GLU A CB  1 
ATOM   1493 C CG  . GLU A 1 183 ? 7.956   -7.540  11.143  1.00 21.18 ? 183 GLU A CG  1 
ATOM   1494 C CD  . GLU A 1 183 ? 9.358   -8.046  10.775  1.00 22.69 ? 183 GLU A CD  1 
ATOM   1495 O OE1 . GLU A 1 183 ? 9.423   -9.071  10.086  1.00 21.06 ? 183 GLU A OE1 1 
ATOM   1496 O OE2 . GLU A 1 183 ? 10.376  -7.416  11.169  1.00 22.42 ? 183 GLU A OE2 1 
ATOM   1497 N N   . LYS A 1 184 ? 4.852   -7.069  12.358  1.00 22.96 ? 184 LYS A N   1 
ATOM   1498 C CA  . LYS A 1 184 ? 4.248   -7.986  13.292  1.00 25.79 ? 184 LYS A CA  1 
ATOM   1499 C C   . LYS A 1 184 ? 4.364   -9.440  12.816  1.00 26.92 ? 184 LYS A C   1 
ATOM   1500 O O   . LYS A 1 184 ? 4.557   -9.717  11.631  1.00 26.78 ? 184 LYS A O   1 
ATOM   1501 C CB  . LYS A 1 184 ? 2.829   -7.547  13.641  1.00 24.49 ? 184 LYS A CB  1 
ATOM   1502 C CG  . LYS A 1 184 ? 1.785   -8.523  13.346  1.00 28.91 ? 184 LYS A CG  1 
ATOM   1503 C CD  . LYS A 1 184 ? 1.004   -8.122  12.158  1.00 28.76 ? 184 LYS A CD  1 
ATOM   1504 C CE  . LYS A 1 184 ? -0.474  -8.497  12.336  1.00 27.56 ? 184 LYS A CE  1 
ATOM   1505 N NZ  . LYS A 1 184 ? -0.710  -9.916  12.018  1.00 25.34 ? 184 LYS A NZ  1 
ATOM   1506 N N   . ASN A 1 185 ? 4.283   -10.365 13.783  1.00 29.98 ? 185 ASN A N   1 
ATOM   1507 C CA  . ASN A 1 185 ? 4.104   -11.790 13.503  1.00 31.47 ? 185 ASN A CA  1 
ATOM   1508 C C   . ASN A 1 185 ? 3.239   -12.395 14.567  1.00 31.79 ? 185 ASN A C   1 
ATOM   1509 O O   . ASN A 1 185 ? 3.714   -12.640 15.615  1.00 33.36 ? 185 ASN A O   1 
ATOM   1510 C CB  . ASN A 1 185 ? 5.460   -12.482 13.536  1.00 31.82 ? 185 ASN A CB  1 
ATOM   1511 C CG  . ASN A 1 185 ? 5.465   -13.805 12.826  1.00 33.86 ? 185 ASN A CG  1 
ATOM   1512 O OD1 . ASN A 1 185 ? 6.163   -14.725 13.253  1.00 39.35 ? 185 ASN A OD1 1 
ATOM   1513 N ND2 . ASN A 1 185 ? 4.688   -13.928 11.737  1.00 33.27 ? 185 ASN A ND2 1 
ATOM   1514 N N   . ASP A 1 186 ? 1.966   -12.624 14.319  1.00 34.27 ? 186 ASP A N   1 
ATOM   1515 C CA  . ASP A 1 186 ? 1.102   -13.210 15.351  1.00 35.71 ? 186 ASP A CA  1 
ATOM   1516 C C   . ASP A 1 186 ? 0.278   -14.346 14.765  1.00 36.18 ? 186 ASP A C   1 
ATOM   1517 O O   . ASP A 1 186 ? -0.913  -14.555 15.079  1.00 36.23 ? 186 ASP A O   1 
ATOM   1518 C CB  . ASP A 1 186 ? 0.248   -12.137 16.094  1.00 35.68 ? 186 ASP A CB  1 
ATOM   1519 C CG  . ASP A 1 186 ? -0.750  -11.410 15.177  1.00 38.37 ? 186 ASP A CG  1 
ATOM   1520 O OD1 . ASP A 1 186 ? -0.708  -11.628 13.928  1.00 41.01 ? 186 ASP A OD1 1 
ATOM   1521 O OD2 . ASP A 1 186 ? -1.586  -10.627 15.699  1.00 38.10 ? 186 ASP A OD2 1 
ATOM   1522 O OXT . ASP A 1 186 ? 0.842   -15.085 13.941  1.00 37.49 ? 186 ASP A OXT 1 
HETATM 1523 P PA  . NDP B 2 .   ? -10.890 1.922   -1.174  1.00 21.97 ? 187 NDP A PA  1 
HETATM 1524 O O1A . NDP B 2 .   ? -10.790 0.775   -0.231  1.00 22.62 ? 187 NDP A O1A 1 
HETATM 1525 O O2A . NDP B 2 .   ? -9.694  2.245   -1.974  1.00 22.03 ? 187 NDP A O2A 1 
HETATM 1526 O O5B . NDP B 2 .   ? -12.046 1.604   -2.075  1.00 24.23 ? 187 NDP A O5B 1 
HETATM 1527 C C5B . NDP B 2 .   ? -13.278 1.198   -1.485  1.00 32.40 ? 187 NDP A C5B 1 
HETATM 1528 C C4B . NDP B 2 .   ? -14.043 0.228   -2.385  1.00 36.27 ? 187 NDP A C4B 1 
HETATM 1529 O O4B . NDP B 2 .   ? -13.293 -1.008  -2.830  1.00 36.95 ? 187 NDP A O4B 1 
HETATM 1530 C C3B . NDP B 2 .   ? -15.229 -0.256  -1.509  1.00 36.46 ? 187 NDP A C3B 1 
HETATM 1531 O O3B . NDP B 2 .   ? -16.333 0.676   -1.637  1.00 39.33 ? 187 NDP A O3B 1 
HETATM 1532 C C2B . NDP B 2 .   ? -15.499 -1.592  -2.198  1.00 35.84 ? 187 NDP A C2B 1 
HETATM 1533 O O2B . NDP B 2 .   ? -15.946 -1.371  -3.541  1.00 28.02 ? 187 NDP A O2B 1 
HETATM 1534 C C1B . NDP B 2 .   ? -14.067 -2.135  -2.416  1.00 36.26 ? 187 NDP A C1B 1 
HETATM 1535 N N9A . NDP B 2 .   ? -13.381 -2.735  -1.236  1.00 39.74 ? 187 NDP A N9A 1 
HETATM 1536 C C8A . NDP B 2 .   ? -12.694 -2.190  -0.209  1.00 37.14 ? 187 NDP A C8A 1 
HETATM 1537 N N7A . NDP B 2 .   ? -12.276 -3.210  0.587   1.00 41.19 ? 187 NDP A N7A 1 
HETATM 1538 C C5A . NDP B 2 .   ? -12.664 -4.387  0.051   1.00 40.27 ? 187 NDP A C5A 1 
HETATM 1539 C C6A . NDP B 2 .   ? -12.541 -5.771  0.367   1.00 41.86 ? 187 NDP A C6A 1 
HETATM 1540 N N6A . NDP B 2 .   ? -11.886 -6.288  1.419   1.00 41.80 ? 187 NDP A N6A 1 
HETATM 1541 N N1A . NDP B 2 .   ? -13.111 -6.648  -0.475  1.00 42.21 ? 187 NDP A N1A 1 
HETATM 1542 C C2A . NDP B 2 .   ? -13.772 -6.246  -1.570  1.00 42.03 ? 187 NDP A C2A 1 
HETATM 1543 N N3A . NDP B 2 .   ? -13.933 -4.981  -1.920  1.00 39.67 ? 187 NDP A N3A 1 
HETATM 1544 C C4A . NDP B 2 .   ? -13.376 -4.048  -1.115  1.00 40.72 ? 187 NDP A C4A 1 
HETATM 1545 O O3  . NDP B 2 .   ? -11.432 3.273   -0.445  1.00 26.12 ? 187 NDP A O3  1 
HETATM 1546 P PN  . NDP B 2 .   ? -10.905 4.565   0.593   1.00 33.86 ? 187 NDP A PN  1 
HETATM 1547 O O1N . NDP B 2 .   ? -11.900 5.639   0.339   1.00 35.79 ? 187 NDP A O1N 1 
HETATM 1548 O O2N . NDP B 2 .   ? -10.707 4.084   2.001   1.00 29.20 ? 187 NDP A O2N 1 
HETATM 1549 O O5D . NDP B 2 .   ? -9.439  5.127   0.033   1.00 35.36 ? 187 NDP A O5D 1 
HETATM 1550 C C5D . NDP B 2 .   ? -9.136  5.668   -1.297  1.00 39.26 ? 187 NDP A C5D 1 
HETATM 1551 C C4D . NDP B 2 .   ? -8.844  7.144   -1.073  1.00 42.29 ? 187 NDP A C4D 1 
HETATM 1552 O O4D . NDP B 2 .   ? -7.830  7.378   -0.009  1.00 41.99 ? 187 NDP A O4D 1 
HETATM 1553 C C3D . NDP B 2 .   ? -8.358  7.999   -2.221  1.00 43.44 ? 187 NDP A C3D 1 
HETATM 1554 O O3D . NDP B 2 .   ? -8.710  9.307   -1.740  1.00 47.85 ? 187 NDP A O3D 1 
HETATM 1555 C C2D . NDP B 2 .   ? -6.840  7.865   -2.215  1.00 42.72 ? 187 NDP A C2D 1 
HETATM 1556 O O2D . NDP B 2 .   ? -6.211  9.079   -2.575  1.00 42.48 ? 187 NDP A O2D 1 
HETATM 1557 C C1D . NDP B 2 .   ? -6.541  7.752   -0.729  1.00 42.89 ? 187 NDP A C1D 1 
HETATM 1558 N N1N . NDP B 2 .   ? -5.414  6.839   -0.481  1.00 38.50 ? 187 NDP A N1N 1 
HETATM 1559 C C2N . NDP B 2 .   ? -4.320  7.408   0.137   1.00 37.49 ? 187 NDP A C2N 1 
HETATM 1560 C C3N . NDP B 2 .   ? -3.219  6.624   0.442   1.00 35.54 ? 187 NDP A C3N 1 
HETATM 1561 C C7N . NDP B 2 .   ? -2.030  7.290   1.163   1.00 32.38 ? 187 NDP A C7N 1 
HETATM 1562 O O7N . NDP B 2 .   ? -2.008  8.642   1.538   1.00 30.72 ? 187 NDP A O7N 1 
HETATM 1563 N N7N . NDP B 2 .   ? -1.107  6.422   1.555   1.00 21.69 ? 187 NDP A N7N 1 
HETATM 1564 C C4N . NDP B 2 .   ? -3.254  5.247   0.126   1.00 35.39 ? 187 NDP A C4N 1 
HETATM 1565 C C5N . NDP B 2 .   ? -4.377  4.671   -0.493  1.00 35.28 ? 187 NDP A C5N 1 
HETATM 1566 C C6N . NDP B 2 .   ? -5.474  5.459   -0.797  1.00 37.30 ? 187 NDP A C6N 1 
HETATM 1567 P P2B . NDP B 2 .   ? -17.289 -1.893  -3.964  1.00 26.85 ? 187 NDP A P2B 1 
HETATM 1568 O O1X . NDP B 2 .   ? -17.309 -3.357  -3.459  1.00 23.36 ? 187 NDP A O1X 1 
HETATM 1569 O O2X . NDP B 2 .   ? -17.107 -1.825  -5.623  1.00 28.18 ? 187 NDP A O2X 1 
HETATM 1570 O O3X . NDP B 2 .   ? -18.351 -1.001  -3.464  1.00 22.83 ? 187 NDP A O3X 1 
HETATM 1571 N N1  . D2H C 3 .   ? 2.781   7.245   -0.423  1.00 18.76 ? 188 D2H A N1  1 
HETATM 1572 C C2  . D2H C 3 .   ? 3.038   6.127   0.306   1.00 19.62 ? 188 D2H A C2  1 
HETATM 1573 N N3  . D2H C 3 .   ? 2.196   5.062   0.308   1.00 19.38 ? 188 D2H A N3  1 
HETATM 1574 C C4  . D2H C 3 .   ? 1.060   5.106   -0.401  1.00 21.75 ? 188 D2H A C4  1 
HETATM 1575 C C5  . D2H C 3 .   ? 0.772   6.263   -1.151  1.00 24.66 ? 188 D2H A C5  1 
HETATM 1576 C C6  . D2H C 3 .   ? 1.679   7.347   -1.147  1.00 22.64 ? 188 D2H A C6  1 
HETATM 1577 C CAA . D2H C 3 .   ? -1.961  3.537   -4.812  1.00 27.98 ? 188 D2H A CAA 1 
HETATM 1578 C CAB . D2H C 3 .   ? 0.536   10.800  -5.235  1.00 31.74 ? 188 D2H A CAB 1 
HETATM 1579 C CAC . D2H C 3 .   ? -0.457  6.065   -6.384  1.00 33.46 ? 188 D2H A CAC 1 
HETATM 1580 N NAD . D2H C 3 .   ? 4.149   6.113   1.003   1.00 19.12 ? 188 D2H A NAD 1 
HETATM 1581 N NAE . D2H C 3 .   ? 1.509   8.469   -1.837  1.00 20.95 ? 188 D2H A NAE 1 
HETATM 1582 C CAF . D2H C 3 .   ? -1.108  6.971   -2.640  1.00 28.86 ? 188 D2H A CAF 1 
HETATM 1583 C CAG . D2H C 3 .   ? -3.674  10.392  -5.157  1.00 30.16 ? 188 D2H A CAG 1 
HETATM 1584 C CAH . D2H C 3 .   ? -4.277  9.190   -4.755  1.00 29.64 ? 188 D2H A CAH 1 
HETATM 1585 C CAI . D2H C 3 .   ? -2.285  10.496  -5.202  1.00 30.31 ? 188 D2H A CAI 1 
HETATM 1586 C CAJ . D2H C 3 .   ? -3.494  8.098   -4.399  1.00 29.28 ? 188 D2H A CAJ 1 
HETATM 1587 C CAK . D2H C 3 .   ? -0.887  4.801   -1.451  1.00 24.95 ? 188 D2H A CAK 1 
HETATM 1588 C CAL . D2H C 3 .   ? -2.223  4.978   -5.136  1.00 31.14 ? 188 D2H A CAL 1 
HETATM 1589 O OAO . D2H C 3 .   ? -0.121  9.532   -4.891  1.00 30.97 ? 188 D2H A OAO 1 
HETATM 1590 O OAP . D2H C 3 .   ? 0.027   4.199   -0.587  1.00 21.17 ? 188 D2H A OAP 1 
HETATM 1591 C CAQ . D2H C 3 .   ? -1.335  7.029   -4.035  1.00 29.11 ? 188 D2H A CAQ 1 
HETATM 1592 C CAS . D2H C 3 .   ? -0.435  6.019   -1.815  1.00 27.03 ? 188 D2H A CAS 1 
HETATM 1593 C CAU . D2H C 3 .   ? -1.491  9.411   -4.835  1.00 29.19 ? 188 D2H A CAU 1 
HETATM 1594 C CAV . D2H C 3 .   ? -2.091  8.172   -4.443  1.00 30.34 ? 188 D2H A CAV 1 
HETATM 1595 C CAY . D2H C 3 .   ? -0.956  5.808   -4.961  1.00 31.81 ? 188 D2H A CAY 1 
HETATM 1596 S S   . SO4 D 4 .   ? 19.798  6.055   6.792   1.00 62.83 ? 189 SO4 A S   1 
HETATM 1597 O O1  . SO4 D 4 .   ? 21.178  6.516   6.667   1.00 65.25 ? 189 SO4 A O1  1 
HETATM 1598 O O2  . SO4 D 4 .   ? 18.896  7.214   6.825   1.00 62.35 ? 189 SO4 A O2  1 
HETATM 1599 O O3  . SO4 D 4 .   ? 19.493  5.263   5.594   1.00 62.73 ? 189 SO4 A O3  1 
HETATM 1600 O O4  . SO4 D 4 .   ? 19.729  5.256   8.032   1.00 63.60 ? 189 SO4 A O4  1 
HETATM 1601 S S   . SO4 E 4 .   ? 10.982  21.916  -1.993  1.00 66.36 ? 190 SO4 A S   1 
HETATM 1602 O O1  . SO4 E 4 .   ? 12.427  21.873  -2.215  1.00 66.32 ? 190 SO4 A O1  1 
HETATM 1603 O O2  . SO4 E 4 .   ? 10.730  21.966  -0.542  1.00 67.73 ? 190 SO4 A O2  1 
HETATM 1604 O O3  . SO4 E 4 .   ? 10.440  23.104  -2.666  1.00 65.04 ? 190 SO4 A O3  1 
HETATM 1605 O O4  . SO4 E 4 .   ? 10.364  20.716  -2.544  1.00 63.49 ? 190 SO4 A O4  1 
HETATM 1606 O O   . HOH F 5 .   ? 3.739   3.768   -12.682 1.00 13.32 ? 191 HOH A O   1 
HETATM 1607 O O   . HOH F 5 .   ? 12.648  8.578   7.619   1.00 12.96 ? 192 HOH A O   1 
HETATM 1608 O O   . HOH F 5 .   ? -13.004 -12.790 -5.394  1.00 21.91 ? 193 HOH A O   1 
HETATM 1609 O O   . HOH F 5 .   ? 4.983   4.373   16.420  1.00 15.64 ? 194 HOH A O   1 
HETATM 1610 O O   . HOH F 5 .   ? 7.887   3.721   5.171   1.00 15.60 ? 195 HOH A O   1 
HETATM 1611 O O   . HOH F 5 .   ? 5.527   4.553   3.582   1.00 16.25 ? 196 HOH A O   1 
HETATM 1612 O O   . HOH F 5 .   ? 13.829  6.044   1.837   1.00 18.08 ? 197 HOH A O   1 
HETATM 1613 O O   . HOH F 5 .   ? -1.656  0.622   19.380  1.00 53.00 ? 198 HOH A O   1 
HETATM 1614 O O   . HOH F 5 .   ? 13.254  4.048   8.958   1.00 21.23 ? 199 HOH A O   1 
HETATM 1615 O O   . HOH F 5 .   ? 7.198   -5.590  -9.281  1.00 20.60 ? 200 HOH A O   1 
HETATM 1616 O O   . HOH F 5 .   ? -11.715 -6.537  -17.660 1.00 25.59 ? 201 HOH A O   1 
HETATM 1617 O O   . HOH F 5 .   ? -0.133  3.648   17.025  1.00 19.31 ? 202 HOH A O   1 
HETATM 1618 O O   . HOH F 5 .   ? -10.799 8.149   -3.012  1.00 26.05 ? 203 HOH A O   1 
HETATM 1619 O O   . HOH F 5 .   ? -0.841  1.185   20.655  1.00 19.16 ? 204 HOH A O   1 
HETATM 1620 O O   . HOH F 5 .   ? 2.477   5.036   16.498  1.00 23.51 ? 205 HOH A O   1 
HETATM 1621 O O   . HOH F 5 .   ? -2.498  2.821   19.217  1.00 21.30 ? 206 HOH A O   1 
HETATM 1622 O O   . HOH F 5 .   ? -0.527  5.256   14.106  1.00 20.58 ? 207 HOH A O   1 
HETATM 1623 O O   . HOH F 5 .   ? 12.630  7.326   10.734  1.00 17.70 ? 208 HOH A O   1 
HETATM 1624 O O   . HOH F 5 .   ? -2.993  -2.141  14.148  1.00 23.48 ? 209 HOH A O   1 
HETATM 1625 O O   . HOH F 5 .   ? -9.608  2.269   -14.961 1.00 15.01 ? 210 HOH A O   1 
HETATM 1626 O O   . HOH F 5 .   ? 0.935   9.917   11.628  1.00 15.94 ? 211 HOH A O   1 
HETATM 1627 O O   . HOH F 5 .   ? 15.407  3.100   7.744   1.00 16.51 ? 212 HOH A O   1 
HETATM 1628 O O   . HOH F 5 .   ? 2.423   11.132  -0.905  1.00 26.49 ? 213 HOH A O   1 
HETATM 1629 O O   . HOH F 5 .   ? 2.929   12.873  -3.175  1.00 25.31 ? 214 HOH A O   1 
HETATM 1630 O O   . HOH F 5 .   ? 6.702   11.539  -8.282  1.00 26.93 ? 215 HOH A O   1 
HETATM 1631 O O   . HOH F 5 .   ? 12.113  11.688  0.503   1.00 23.95 ? 216 HOH A O   1 
HETATM 1632 O O   . HOH F 5 .   ? 14.876  -0.059  -3.213  1.00 24.84 ? 217 HOH A O   1 
HETATM 1633 O O   . HOH F 5 .   ? -6.172  18.600  2.892   1.00 19.73 ? 218 HOH A O   1 
HETATM 1634 O O   . HOH F 5 .   ? -11.560 6.772   6.972   1.00 23.41 ? 219 HOH A O   1 
HETATM 1635 O O   . HOH F 5 .   ? -6.606  19.280  9.842   1.00 26.67 ? 220 HOH A O   1 
HETATM 1636 O O   . HOH F 5 .   ? -15.234 -3.275  -17.372 1.00 30.11 ? 221 HOH A O   1 
HETATM 1637 O O   . HOH F 5 .   ? 10.395  -7.730  13.860  1.00 21.92 ? 222 HOH A O   1 
HETATM 1638 O O   . HOH F 5 .   ? -14.302 -0.880  -17.901 1.00 67.97 ? 223 HOH A O   1 
HETATM 1639 O O   . HOH F 5 .   ? -9.365  1.041   13.669  1.00 25.14 ? 224 HOH A O   1 
HETATM 1640 O O   . HOH F 5 .   ? 11.639  1.941   10.522  1.00 19.15 ? 225 HOH A O   1 
HETATM 1641 O O   . HOH F 5 .   ? 6.579   18.911  10.768  1.00 17.42 ? 226 HOH A O   1 
HETATM 1642 O O   . HOH F 5 .   ? 2.536   11.870  10.822  1.00 14.89 ? 227 HOH A O   1 
HETATM 1643 O O   . HOH F 5 .   ? 6.630   17.545  -4.785  1.00 32.00 ? 228 HOH A O   1 
HETATM 1644 O O   . HOH F 5 .   ? -5.403  -4.305  -18.755 1.00 21.67 ? 229 HOH A O   1 
HETATM 1645 O O   . HOH F 5 .   ? -10.184 9.931   -7.174  1.00 25.21 ? 230 HOH A O   1 
HETATM 1646 O O   . HOH F 5 .   ? -13.565 8.620   6.713   1.00 29.24 ? 231 HOH A O   1 
HETATM 1647 O O   . HOH F 5 .   ? 16.595  14.085  10.472  1.00 23.11 ? 232 HOH A O   1 
HETATM 1648 O O   . HOH F 5 .   ? 3.430   -5.319  -14.938 1.00 18.79 ? 233 HOH A O   1 
HETATM 1649 O O   . HOH F 5 .   ? -7.460  -7.492  -17.179 1.00 24.18 ? 234 HOH A O   1 
HETATM 1650 O O   . HOH F 5 .   ? 17.596  4.248   -0.086  1.00 23.47 ? 235 HOH A O   1 
HETATM 1651 O O   . HOH F 5 .   ? 6.206   -8.625  5.317   1.00 21.15 ? 236 HOH A O   1 
HETATM 1652 O O   . HOH F 5 .   ? 15.680  17.034  10.860  1.00 26.65 ? 237 HOH A O   1 
HETATM 1653 O O   . HOH F 5 .   ? -11.727 8.974   -11.253 1.00 34.15 ? 238 HOH A O   1 
HETATM 1654 O O   . HOH F 5 .   ? -11.088 10.453  -0.054  1.00 29.46 ? 239 HOH A O   1 
HETATM 1655 O O   . HOH F 5 .   ? -6.181  5.062   15.615  1.00 39.14 ? 240 HOH A O   1 
HETATM 1656 O O   . HOH F 5 .   ? -10.143 -13.316 -9.635  1.00 34.51 ? 241 HOH A O   1 
HETATM 1657 O O   . HOH F 5 .   ? 8.035   -7.940  14.823  1.00 22.51 ? 242 HOH A O   1 
HETATM 1658 O O   . HOH F 5 .   ? 10.730  -3.625  -2.275  1.00 24.32 ? 243 HOH A O   1 
HETATM 1659 O O   . HOH F 5 .   ? 5.753   -0.534  -18.467 1.00 25.57 ? 244 HOH A O   1 
HETATM 1660 O O   . HOH F 5 .   ? -11.175 7.740   -5.877  1.00 26.17 ? 245 HOH A O   1 
# 
loop_
_pdbx_poly_seq_scheme.asym_id 
_pdbx_poly_seq_scheme.entity_id 
_pdbx_poly_seq_scheme.seq_id 
_pdbx_poly_seq_scheme.mon_id 
_pdbx_poly_seq_scheme.ndb_seq_num 
_pdbx_poly_seq_scheme.pdb_seq_num 
_pdbx_poly_seq_scheme.auth_seq_num 
_pdbx_poly_seq_scheme.pdb_mon_id 
_pdbx_poly_seq_scheme.auth_mon_id 
_pdbx_poly_seq_scheme.pdb_strand_id 
_pdbx_poly_seq_scheme.pdb_ins_code 
_pdbx_poly_seq_scheme.hetero 
A 1 1   VAL 1   1   1   VAL VAL A . n 
A 1 2   GLY 2   2   2   GLY GLY A . n 
A 1 3   SER 3   3   3   SER SER A . n 
A 1 4   LEU 4   4   4   LEU LEU A . n 
A 1 5   ASN 5   5   5   ASN ASN A . n 
A 1 6   CYS 6   6   6   CYS CYS A . n 
A 1 7   ILE 7   7   7   ILE ILE A . n 
A 1 8   VAL 8   8   8   VAL VAL A . n 
A 1 9   ALA 9   9   9   ALA ALA A . n 
A 1 10  VAL 10  10  10  VAL VAL A . n 
A 1 11  SER 11  11  11  SER SER A . n 
A 1 12  GLN 12  12  12  GLN GLN A . n 
A 1 13  ASN 13  13  13  ASN ASN A . n 
A 1 14  MET 14  14  14  MET MET A . n 
A 1 15  GLY 15  15  15  GLY GLY A . n 
A 1 16  ILE 16  16  16  ILE ILE A . n 
A 1 17  GLY 17  17  17  GLY GLY A . n 
A 1 18  LYS 18  18  18  LYS LYS A . n 
A 1 19  ASN 19  19  19  ASN ASN A . n 
A 1 20  GLY 20  20  20  GLY GLY A . n 
A 1 21  ASP 21  21  21  ASP ASP A . n 
A 1 22  LEU 22  22  22  LEU LEU A . n 
A 1 23  PRO 23  23  23  PRO PRO A . n 
A 1 24  TRP 24  24  24  TRP TRP A . n 
A 1 25  PRO 25  25  25  PRO PRO A . n 
A 1 26  PRO 26  26  26  PRO PRO A . n 
A 1 27  LEU 27  27  27  LEU LEU A . n 
A 1 28  ARG 28  28  28  ARG ARG A . n 
A 1 29  ASN 29  29  29  ASN ASN A . n 
A 1 30  GLU 30  30  30  GLU GLU A . n 
A 1 31  PHE 31  31  31  PHE PHE A . n 
A 1 32  ARG 32  32  32  ARG ARG A . n 
A 1 33  TYR 33  33  33  TYR TYR A . n 
A 1 34  PHE 34  34  34  PHE PHE A . n 
A 1 35  GLN 35  35  35  GLN GLN A . n 
A 1 36  ARG 36  36  36  ARG ARG A . n 
A 1 37  MET 37  37  37  MET MET A . n 
A 1 38  THR 38  38  38  THR THR A . n 
A 1 39  THR 39  39  39  THR THR A . n 
A 1 40  THR 40  40  40  THR THR A . n 
A 1 41  SER 41  41  41  SER SER A . n 
A 1 42  SER 42  42  42  SER SER A . n 
A 1 43  VAL 43  43  43  VAL VAL A . n 
A 1 44  GLU 44  44  44  GLU GLU A . n 
A 1 45  GLY 45  45  45  GLY GLY A . n 
A 1 46  LYS 46  46  46  LYS LYS A . n 
A 1 47  GLN 47  47  47  GLN GLN A . n 
A 1 48  ASN 48  48  48  ASN ASN A . n 
A 1 49  LEU 49  49  49  LEU LEU A . n 
A 1 50  VAL 50  50  50  VAL VAL A . n 
A 1 51  ILE 51  51  51  ILE ILE A . n 
A 1 52  MET 52  52  52  MET MET A . n 
A 1 53  GLY 53  53  53  GLY GLY A . n 
A 1 54  LYS 54  54  54  LYS LYS A . n 
A 1 55  LYS 55  55  55  LYS LYS A . n 
A 1 56  THR 56  56  56  THR THR A . n 
A 1 57  TRP 57  57  57  TRP TRP A . n 
A 1 58  PHE 58  58  58  PHE PHE A . n 
A 1 59  SER 59  59  59  SER SER A . n 
A 1 60  ILE 60  60  60  ILE ILE A . n 
A 1 61  PRO 61  61  61  PRO PRO A . n 
A 1 62  GLU 62  62  62  GLU GLU A . n 
A 1 63  LYS 63  63  63  LYS LYS A . n 
A 1 64  ASN 64  64  64  ASN ASN A . n 
A 1 65  ARG 65  65  65  ARG ARG A . n 
A 1 66  PRO 66  66  66  PRO PRO A . n 
A 1 67  LEU 67  67  67  LEU LEU A . n 
A 1 68  LYS 68  68  68  LYS LYS A . n 
A 1 69  GLY 69  69  69  GLY GLY A . n 
A 1 70  ARG 70  70  70  ARG ARG A . n 
A 1 71  ILE 71  71  71  ILE ILE A . n 
A 1 72  ASN 72  72  72  ASN ASN A . n 
A 1 73  LEU 73  73  73  LEU LEU A . n 
A 1 74  VAL 74  74  74  VAL VAL A . n 
A 1 75  LEU 75  75  75  LEU LEU A . n 
A 1 76  SER 76  76  76  SER SER A . n 
A 1 77  ARG 77  77  77  ARG ARG A . n 
A 1 78  GLU 78  78  78  GLU GLU A . n 
A 1 79  LEU 79  79  79  LEU LEU A . n 
A 1 80  LYS 80  80  80  LYS LYS A . n 
A 1 81  GLU 81  81  81  GLU GLU A . n 
A 1 82  PRO 82  82  82  PRO PRO A . n 
A 1 83  PRO 83  83  83  PRO PRO A . n 
A 1 84  GLN 84  84  84  GLN GLN A . n 
A 1 85  GLY 85  85  85  GLY GLY A . n 
A 1 86  ALA 86  86  86  ALA ALA A . n 
A 1 87  HIS 87  87  87  HIS HIS A . n 
A 1 88  PHE 88  88  88  PHE PHE A . n 
A 1 89  LEU 89  89  89  LEU LEU A . n 
A 1 90  SER 90  90  90  SER SER A . n 
A 1 91  ARG 91  91  91  ARG ARG A . n 
A 1 92  SER 92  92  92  SER SER A . n 
A 1 93  LEU 93  93  93  LEU LEU A . n 
A 1 94  ASP 94  94  94  ASP ASP A . n 
A 1 95  ASP 95  95  95  ASP ASP A . n 
A 1 96  ALA 96  96  96  ALA ALA A . n 
A 1 97  LEU 97  97  97  LEU LEU A . n 
A 1 98  LYS 98  98  98  LYS LYS A . n 
A 1 99  LEU 99  99  99  LEU LEU A . n 
A 1 100 THR 100 100 100 THR THR A . n 
A 1 101 GLU 101 101 101 GLU GLU A . n 
A 1 102 GLN 102 102 102 GLN GLN A . n 
A 1 103 PRO 103 103 103 PRO PRO A . n 
A 1 104 GLU 104 104 104 GLU GLU A . n 
A 1 105 LEU 105 105 105 LEU LEU A . n 
A 1 106 ALA 106 106 106 ALA ALA A . n 
A 1 107 ASN 107 107 107 ASN ASN A . n 
A 1 108 LYS 108 108 108 LYS LYS A . n 
A 1 109 VAL 109 109 109 VAL VAL A . n 
A 1 110 ASP 110 110 110 ASP ASP A . n 
A 1 111 MET 111 111 111 MET MET A . n 
A 1 112 VAL 112 112 112 VAL VAL A . n 
A 1 113 TRP 113 113 113 TRP TRP A . n 
A 1 114 ILE 114 114 114 ILE ILE A . n 
A 1 115 VAL 115 115 115 VAL VAL A . n 
A 1 116 GLY 116 116 116 GLY GLY A . n 
A 1 117 GLY 117 117 117 GLY GLY A . n 
A 1 118 SER 118 118 118 SER SER A . n 
A 1 119 SER 119 119 119 SER SER A . n 
A 1 120 VAL 120 120 120 VAL VAL A . n 
A 1 121 TYR 121 121 121 TYR TYR A . n 
A 1 122 LYS 122 122 122 LYS LYS A . n 
A 1 123 GLU 123 123 123 GLU GLU A . n 
A 1 124 ALA 124 124 124 ALA ALA A . n 
A 1 125 MET 125 125 125 MET MET A . n 
A 1 126 ASN 126 126 126 ASN ASN A . n 
A 1 127 HIS 127 127 127 HIS HIS A . n 
A 1 128 PRO 128 128 128 PRO PRO A . n 
A 1 129 GLY 129 129 129 GLY GLY A . n 
A 1 130 HIS 130 130 130 HIS HIS A . n 
A 1 131 LEU 131 131 131 LEU LEU A . n 
A 1 132 LYS 132 132 132 LYS LYS A . n 
A 1 133 LEU 133 133 133 LEU LEU A . n 
A 1 134 PHE 134 134 134 PHE PHE A . n 
A 1 135 VAL 135 135 135 VAL VAL A . n 
A 1 136 THR 136 136 136 THR THR A . n 
A 1 137 ARG 137 137 137 ARG ARG A . n 
A 1 138 ILE 138 138 138 ILE ILE A . n 
A 1 139 MET 139 139 139 MET MET A . n 
A 1 140 GLN 140 140 140 GLN GLN A . n 
A 1 141 ASP 141 141 141 ASP ASP A . n 
A 1 142 PHE 142 142 142 PHE PHE A . n 
A 1 143 GLU 143 143 143 GLU GLU A . n 
A 1 144 SER 144 144 144 SER SER A . n 
A 1 145 ASP 145 145 145 ASP ASP A . n 
A 1 146 THR 146 146 146 THR THR A . n 
A 1 147 PHE 147 147 147 PHE PHE A . n 
A 1 148 PHE 148 148 148 PHE PHE A . n 
A 1 149 PRO 149 149 149 PRO PRO A . n 
A 1 150 GLU 150 150 150 GLU GLU A . n 
A 1 151 ILE 151 151 151 ILE ILE A . n 
A 1 152 ASP 152 152 152 ASP ASP A . n 
A 1 153 LEU 153 153 153 LEU LEU A . n 
A 1 154 GLU 154 154 154 GLU GLU A . n 
A 1 155 LYS 155 155 155 LYS LYS A . n 
A 1 156 TYR 156 156 156 TYR TYR A . n 
A 1 157 LYS 157 157 157 LYS LYS A . n 
A 1 158 LEU 158 158 158 LEU LEU A . n 
A 1 159 LEU 159 159 159 LEU LEU A . n 
A 1 160 PRO 160 160 160 PRO PRO A . n 
A 1 161 GLU 161 161 161 GLU GLU A . n 
A 1 162 TYR 162 162 162 TYR TYR A . n 
A 1 163 PRO 163 163 163 PRO PRO A . n 
A 1 164 GLY 164 164 164 GLY GLY A . n 
A 1 165 VAL 165 165 165 VAL VAL A . n 
A 1 166 LEU 166 166 166 LEU LEU A . n 
A 1 167 SER 167 167 167 SER SER A . n 
A 1 168 ASP 168 168 168 ASP ASP A . n 
A 1 169 VAL 169 169 169 VAL VAL A . n 
A 1 170 GLN 170 170 170 GLN GLN A . n 
A 1 171 GLU 171 171 171 GLU GLU A . n 
A 1 172 GLU 172 172 172 GLU GLU A . n 
A 1 173 LYS 173 173 173 LYS LYS A . n 
A 1 174 GLY 174 174 174 GLY GLY A . n 
A 1 175 ILE 175 175 175 ILE ILE A . n 
A 1 176 LYS 176 176 176 LYS LYS A . n 
A 1 177 TYR 177 177 177 TYR TYR A . n 
A 1 178 LYS 178 178 178 LYS LYS A . n 
A 1 179 PHE 179 179 179 PHE PHE A . n 
A 1 180 GLU 180 180 180 GLU GLU A . n 
A 1 181 VAL 181 181 181 VAL VAL A . n 
A 1 182 TYR 182 182 182 TYR TYR A . n 
A 1 183 GLU 183 183 183 GLU GLU A . n 
A 1 184 LYS 184 184 184 LYS LYS A . n 
A 1 185 ASN 185 185 185 ASN ASN A . n 
A 1 186 ASP 186 186 186 ASP ASP A . n 
# 
loop_
_pdbx_nonpoly_scheme.asym_id 
_pdbx_nonpoly_scheme.entity_id 
_pdbx_nonpoly_scheme.mon_id 
_pdbx_nonpoly_scheme.ndb_seq_num 
_pdbx_nonpoly_scheme.pdb_seq_num 
_pdbx_nonpoly_scheme.auth_seq_num 
_pdbx_nonpoly_scheme.pdb_mon_id 
_pdbx_nonpoly_scheme.auth_mon_id 
_pdbx_nonpoly_scheme.pdb_strand_id 
_pdbx_nonpoly_scheme.pdb_ins_code 
B 2 NDP 1  187 1  NDP NDP A . 
C 3 D2H 1  188 1  D2H D2H A . 
D 4 SO4 1  189 1  SO4 SO4 A . 
E 4 SO4 1  190 2  SO4 SO4 A . 
F 5 HOH 1  191 1  HOH HOH A . 
F 5 HOH 2  192 3  HOH HOH A . 
F 5 HOH 3  193 4  HOH HOH A . 
F 5 HOH 4  194 5  HOH HOH A . 
F 5 HOH 5  195 6  HOH HOH A . 
F 5 HOH 6  196 7  HOH HOH A . 
F 5 HOH 7  197 8  HOH HOH A . 
F 5 HOH 8  198 9  HOH HOH A . 
F 5 HOH 9  199 10 HOH HOH A . 
F 5 HOH 10 200 11 HOH HOH A . 
F 5 HOH 11 201 12 HOH HOH A . 
F 5 HOH 12 202 13 HOH HOH A . 
F 5 HOH 13 203 14 HOH HOH A . 
F 5 HOH 14 204 15 HOH HOH A . 
F 5 HOH 15 205 16 HOH HOH A . 
F 5 HOH 16 206 19 HOH HOH A . 
F 5 HOH 17 207 20 HOH HOH A . 
F 5 HOH 18 208 21 HOH HOH A . 
F 5 HOH 19 209 22 HOH HOH A . 
F 5 HOH 20 210 23 HOH HOH A . 
F 5 HOH 21 211 24 HOH HOH A . 
F 5 HOH 22 212 25 HOH HOH A . 
F 5 HOH 23 213 26 HOH HOH A . 
F 5 HOH 24 214 27 HOH HOH A . 
F 5 HOH 25 215 28 HOH HOH A . 
F 5 HOH 26 216 29 HOH HOH A . 
F 5 HOH 27 217 30 HOH HOH A . 
F 5 HOH 28 218 31 HOH HOH A . 
F 5 HOH 29 219 32 HOH HOH A . 
F 5 HOH 30 220 33 HOH HOH A . 
F 5 HOH 31 221 34 HOH HOH A . 
F 5 HOH 32 222 35 HOH HOH A . 
F 5 HOH 33 223 36 HOH HOH A . 
F 5 HOH 34 224 37 HOH HOH A . 
F 5 HOH 35 225 38 HOH HOH A . 
F 5 HOH 36 226 39 HOH HOH A . 
F 5 HOH 37 227 40 HOH HOH A . 
F 5 HOH 38 228 41 HOH HOH A . 
F 5 HOH 39 229 42 HOH HOH A . 
F 5 HOH 40 230 43 HOH HOH A . 
F 5 HOH 41 231 44 HOH HOH A . 
F 5 HOH 42 232 45 HOH HOH A . 
F 5 HOH 43 233 46 HOH HOH A . 
F 5 HOH 44 234 47 HOH HOH A . 
F 5 HOH 45 235 48 HOH HOH A . 
F 5 HOH 46 236 49 HOH HOH A . 
F 5 HOH 47 237 50 HOH HOH A . 
F 5 HOH 48 238 51 HOH HOH A . 
F 5 HOH 49 239 52 HOH HOH A . 
F 5 HOH 50 240 53 HOH HOH A . 
F 5 HOH 51 241 54 HOH HOH A . 
F 5 HOH 52 242 55 HOH HOH A . 
F 5 HOH 53 243 56 HOH HOH A . 
F 5 HOH 54 244 57 HOH HOH A . 
F 5 HOH 55 245 58 HOH HOH A . 
# 
_pdbx_struct_assembly.id                   1 
_pdbx_struct_assembly.details              author_and_software_defined_assembly 
_pdbx_struct_assembly.method_details       PISA 
_pdbx_struct_assembly.oligomeric_details   monomeric 
_pdbx_struct_assembly.oligomeric_count     1 
# 
_pdbx_struct_assembly_gen.assembly_id       1 
_pdbx_struct_assembly_gen.oper_expression   1 
_pdbx_struct_assembly_gen.asym_id_list      A,B,C,D,E,F 
# 
_pdbx_struct_oper_list.id                   1 
_pdbx_struct_oper_list.type                 'identity operation' 
_pdbx_struct_oper_list.name                 1_555 
_pdbx_struct_oper_list.symmetry_operation   x,y,z 
_pdbx_struct_oper_list.matrix[1][1]         1.0000000000 
_pdbx_struct_oper_list.matrix[1][2]         0.0000000000 
_pdbx_struct_oper_list.matrix[1][3]         0.0000000000 
_pdbx_struct_oper_list.vector[1]            0.0000000000 
_pdbx_struct_oper_list.matrix[2][1]         0.0000000000 
_pdbx_struct_oper_list.matrix[2][2]         1.0000000000 
_pdbx_struct_oper_list.matrix[2][3]         0.0000000000 
_pdbx_struct_oper_list.vector[2]            0.0000000000 
_pdbx_struct_oper_list.matrix[3][1]         0.0000000000 
_pdbx_struct_oper_list.matrix[3][2]         0.0000000000 
_pdbx_struct_oper_list.matrix[3][3]         1.0000000000 
_pdbx_struct_oper_list.vector[3]            0.0000000000 
# 
loop_
_pdbx_audit_revision_history.ordinal 
_pdbx_audit_revision_history.data_content_type 
_pdbx_audit_revision_history.major_revision 
_pdbx_audit_revision_history.minor_revision 
_pdbx_audit_revision_history.revision_date 
1 'Structure model' 1 0 2010-12-15 
2 'Structure model' 1 1 2011-07-13 
3 'Structure model' 1 2 2017-11-08 
4 'Structure model' 1 3 2023-09-06 
# 
_pdbx_audit_revision_details.ordinal             1 
_pdbx_audit_revision_details.revision_ordinal    1 
_pdbx_audit_revision_details.data_content_type   'Structure model' 
_pdbx_audit_revision_details.provider            repository 
_pdbx_audit_revision_details.type                'Initial release' 
_pdbx_audit_revision_details.description         ? 
_pdbx_audit_revision_details.details             ? 
# 
loop_
_pdbx_audit_revision_group.ordinal 
_pdbx_audit_revision_group.revision_ordinal 
_pdbx_audit_revision_group.data_content_type 
_pdbx_audit_revision_group.group 
1 2 'Structure model' 'Version format compliance' 
2 3 'Structure model' 'Refinement description'    
3 4 'Structure model' 'Data collection'           
4 4 'Structure model' 'Database references'       
5 4 'Structure model' 'Derived calculations'      
6 4 'Structure model' 'Refinement description'    
# 
loop_
_pdbx_audit_revision_category.ordinal 
_pdbx_audit_revision_category.revision_ordinal 
_pdbx_audit_revision_category.data_content_type 
_pdbx_audit_revision_category.category 
1 3 'Structure model' software                      
2 4 'Structure model' chem_comp_atom                
3 4 'Structure model' chem_comp_bond                
4 4 'Structure model' database_2                    
5 4 'Structure model' pdbx_initial_refinement_model 
6 4 'Structure model' struct_site                   
# 
loop_
_pdbx_audit_revision_item.ordinal 
_pdbx_audit_revision_item.revision_ordinal 
_pdbx_audit_revision_item.data_content_type 
_pdbx_audit_revision_item.item 
1 4 'Structure model' '_database_2.pdbx_DOI'                
2 4 'Structure model' '_database_2.pdbx_database_accession' 
3 4 'Structure model' '_struct_site.pdbx_auth_asym_id'      
4 4 'Structure model' '_struct_site.pdbx_auth_comp_id'      
5 4 'Structure model' '_struct_site.pdbx_auth_seq_id'       
# 
loop_
_software.name 
_software.classification 
_software.version 
_software.citation_id 
_software.pdbx_ordinal 
HKL-2000 'data collection' .        ? 1 
MOLREP   phasing           .        ? 2 
REFMAC   refinement        5.5.0088 ? 3 
MOSFLM   'data reduction'  .        ? 4 
SCALA    'data scaling'    .        ? 5 
# 
loop_
_pdbx_validate_close_contact.id 
_pdbx_validate_close_contact.PDB_model_num 
_pdbx_validate_close_contact.auth_atom_id_1 
_pdbx_validate_close_contact.auth_asym_id_1 
_pdbx_validate_close_contact.auth_comp_id_1 
_pdbx_validate_close_contact.auth_seq_id_1 
_pdbx_validate_close_contact.PDB_ins_code_1 
_pdbx_validate_close_contact.label_alt_id_1 
_pdbx_validate_close_contact.auth_atom_id_2 
_pdbx_validate_close_contact.auth_asym_id_2 
_pdbx_validate_close_contact.auth_comp_id_2 
_pdbx_validate_close_contact.auth_seq_id_2 
_pdbx_validate_close_contact.PDB_ins_code_2 
_pdbx_validate_close_contact.label_alt_id_2 
_pdbx_validate_close_contact.dist 
1 1 O  A HOH 198 ? ? O A HOH 204 ? ? 1.61 
2 1 CD A LYS 55  ? A O A HOH 203 ? ? 2.17 
# 
loop_
_pdbx_validate_torsion.id 
_pdbx_validate_torsion.PDB_model_num 
_pdbx_validate_torsion.auth_comp_id 
_pdbx_validate_torsion.auth_asym_id 
_pdbx_validate_torsion.auth_seq_id 
_pdbx_validate_torsion.PDB_ins_code 
_pdbx_validate_torsion.label_alt_id 
_pdbx_validate_torsion.phi 
_pdbx_validate_torsion.psi 
1 1 PRO A 83  ? ? -49.73  156.86 
2 1 LEU A 105 ? ? -142.63 -8.81  
3 1 ASP A 110 ? ? -87.62  -99.02 
4 1 MET A 139 ? ? -97.94  44.28  
# 
loop_
_chem_comp_atom.comp_id 
_chem_comp_atom.atom_id 
_chem_comp_atom.type_symbol 
_chem_comp_atom.pdbx_aromatic_flag 
_chem_comp_atom.pdbx_stereo_config 
_chem_comp_atom.pdbx_ordinal 
ALA N    N N N 1   
ALA CA   C N S 2   
ALA C    C N N 3   
ALA O    O N N 4   
ALA CB   C N N 5   
ALA OXT  O N N 6   
ALA H    H N N 7   
ALA H2   H N N 8   
ALA HA   H N N 9   
ALA HB1  H N N 10  
ALA HB2  H N N 11  
ALA HB3  H N N 12  
ALA HXT  H N N 13  
ARG N    N N N 14  
ARG CA   C N S 15  
ARG C    C N N 16  
ARG O    O N N 17  
ARG CB   C N N 18  
ARG CG   C N N 19  
ARG CD   C N N 20  
ARG NE   N N N 21  
ARG CZ   C N N 22  
ARG NH1  N N N 23  
ARG NH2  N N N 24  
ARG OXT  O N N 25  
ARG H    H N N 26  
ARG H2   H N N 27  
ARG HA   H N N 28  
ARG HB2  H N N 29  
ARG HB3  H N N 30  
ARG HG2  H N N 31  
ARG HG3  H N N 32  
ARG HD2  H N N 33  
ARG HD3  H N N 34  
ARG HE   H N N 35  
ARG HH11 H N N 36  
ARG HH12 H N N 37  
ARG HH21 H N N 38  
ARG HH22 H N N 39  
ARG HXT  H N N 40  
ASN N    N N N 41  
ASN CA   C N S 42  
ASN C    C N N 43  
ASN O    O N N 44  
ASN CB   C N N 45  
ASN CG   C N N 46  
ASN OD1  O N N 47  
ASN ND2  N N N 48  
ASN OXT  O N N 49  
ASN H    H N N 50  
ASN H2   H N N 51  
ASN HA   H N N 52  
ASN HB2  H N N 53  
ASN HB3  H N N 54  
ASN HD21 H N N 55  
ASN HD22 H N N 56  
ASN HXT  H N N 57  
ASP N    N N N 58  
ASP CA   C N S 59  
ASP C    C N N 60  
ASP O    O N N 61  
ASP CB   C N N 62  
ASP CG   C N N 63  
ASP OD1  O N N 64  
ASP OD2  O N N 65  
ASP OXT  O N N 66  
ASP H    H N N 67  
ASP H2   H N N 68  
ASP HA   H N N 69  
ASP HB2  H N N 70  
ASP HB3  H N N 71  
ASP HD2  H N N 72  
ASP HXT  H N N 73  
CYS N    N N N 74  
CYS CA   C N R 75  
CYS C    C N N 76  
CYS O    O N N 77  
CYS CB   C N N 78  
CYS SG   S N N 79  
CYS OXT  O N N 80  
CYS H    H N N 81  
CYS H2   H N N 82  
CYS HA   H N N 83  
CYS HB2  H N N 84  
CYS HB3  H N N 85  
CYS HG   H N N 86  
CYS HXT  H N N 87  
D2H N1   N Y N 88  
D2H C2   C Y N 89  
D2H N3   N Y N 90  
D2H C4   C Y N 91  
D2H C5   C Y N 92  
D2H C6   C Y N 93  
D2H CAA  C N N 94  
D2H CAB  C N N 95  
D2H CAC  C N N 96  
D2H NAD  N N N 97  
D2H NAE  N N N 98  
D2H CAF  C N N 99  
D2H CAG  C Y N 100 
D2H CAH  C Y N 101 
D2H CAI  C Y N 102 
D2H CAJ  C Y N 103 
D2H CAK  C Y N 104 
D2H CAL  C N N 105 
D2H OAO  O N N 106 
D2H OAP  O Y N 107 
D2H CAQ  C N N 108 
D2H CAS  C Y N 109 
D2H CAU  C Y N 110 
D2H CAV  C Y N 111 
D2H CAY  C N R 112 
D2H HAA  H N N 113 
D2H HAAA H N N 114 
D2H HAAB H N N 115 
D2H HAB  H N N 116 
D2H HABA H N N 117 
D2H HABB H N N 118 
D2H HAC  H N N 119 
D2H HACA H N N 120 
D2H HACB H N N 121 
D2H HNAD H N N 122 
D2H HNAA H N N 123 
D2H HNAE H N N 124 
D2H HNAB H N N 125 
D2H HAF  H N N 126 
D2H HAG  H N N 127 
D2H HAH  H N N 128 
D2H HAI  H N N 129 
D2H HAJ  H N N 130 
D2H HAK  H N N 131 
D2H HAL  H N N 132 
D2H HALA H N N 133 
D2H HAY  H N N 134 
GLN N    N N N 135 
GLN CA   C N S 136 
GLN C    C N N 137 
GLN O    O N N 138 
GLN CB   C N N 139 
GLN CG   C N N 140 
GLN CD   C N N 141 
GLN OE1  O N N 142 
GLN NE2  N N N 143 
GLN OXT  O N N 144 
GLN H    H N N 145 
GLN H2   H N N 146 
GLN HA   H N N 147 
GLN HB2  H N N 148 
GLN HB3  H N N 149 
GLN HG2  H N N 150 
GLN HG3  H N N 151 
GLN HE21 H N N 152 
GLN HE22 H N N 153 
GLN HXT  H N N 154 
GLU N    N N N 155 
GLU CA   C N S 156 
GLU C    C N N 157 
GLU O    O N N 158 
GLU CB   C N N 159 
GLU CG   C N N 160 
GLU CD   C N N 161 
GLU OE1  O N N 162 
GLU OE2  O N N 163 
GLU OXT  O N N 164 
GLU H    H N N 165 
GLU H2   H N N 166 
GLU HA   H N N 167 
GLU HB2  H N N 168 
GLU HB3  H N N 169 
GLU HG2  H N N 170 
GLU HG3  H N N 171 
GLU HE2  H N N 172 
GLU HXT  H N N 173 
GLY N    N N N 174 
GLY CA   C N N 175 
GLY C    C N N 176 
GLY O    O N N 177 
GLY OXT  O N N 178 
GLY H    H N N 179 
GLY H2   H N N 180 
GLY HA2  H N N 181 
GLY HA3  H N N 182 
GLY HXT  H N N 183 
HIS N    N N N 184 
HIS CA   C N S 185 
HIS C    C N N 186 
HIS O    O N N 187 
HIS CB   C N N 188 
HIS CG   C Y N 189 
HIS ND1  N Y N 190 
HIS CD2  C Y N 191 
HIS CE1  C Y N 192 
HIS NE2  N Y N 193 
HIS OXT  O N N 194 
HIS H    H N N 195 
HIS H2   H N N 196 
HIS HA   H N N 197 
HIS HB2  H N N 198 
HIS HB3  H N N 199 
HIS HD1  H N N 200 
HIS HD2  H N N 201 
HIS HE1  H N N 202 
HIS HE2  H N N 203 
HIS HXT  H N N 204 
HOH O    O N N 205 
HOH H1   H N N 206 
HOH H2   H N N 207 
ILE N    N N N 208 
ILE CA   C N S 209 
ILE C    C N N 210 
ILE O    O N N 211 
ILE CB   C N S 212 
ILE CG1  C N N 213 
ILE CG2  C N N 214 
ILE CD1  C N N 215 
ILE OXT  O N N 216 
ILE H    H N N 217 
ILE H2   H N N 218 
ILE HA   H N N 219 
ILE HB   H N N 220 
ILE HG12 H N N 221 
ILE HG13 H N N 222 
ILE HG21 H N N 223 
ILE HG22 H N N 224 
ILE HG23 H N N 225 
ILE HD11 H N N 226 
ILE HD12 H N N 227 
ILE HD13 H N N 228 
ILE HXT  H N N 229 
LEU N    N N N 230 
LEU CA   C N S 231 
LEU C    C N N 232 
LEU O    O N N 233 
LEU CB   C N N 234 
LEU CG   C N N 235 
LEU CD1  C N N 236 
LEU CD2  C N N 237 
LEU OXT  O N N 238 
LEU H    H N N 239 
LEU H2   H N N 240 
LEU HA   H N N 241 
LEU HB2  H N N 242 
LEU HB3  H N N 243 
LEU HG   H N N 244 
LEU HD11 H N N 245 
LEU HD12 H N N 246 
LEU HD13 H N N 247 
LEU HD21 H N N 248 
LEU HD22 H N N 249 
LEU HD23 H N N 250 
LEU HXT  H N N 251 
LYS N    N N N 252 
LYS CA   C N S 253 
LYS C    C N N 254 
LYS O    O N N 255 
LYS CB   C N N 256 
LYS CG   C N N 257 
LYS CD   C N N 258 
LYS CE   C N N 259 
LYS NZ   N N N 260 
LYS OXT  O N N 261 
LYS H    H N N 262 
LYS H2   H N N 263 
LYS HA   H N N 264 
LYS HB2  H N N 265 
LYS HB3  H N N 266 
LYS HG2  H N N 267 
LYS HG3  H N N 268 
LYS HD2  H N N 269 
LYS HD3  H N N 270 
LYS HE2  H N N 271 
LYS HE3  H N N 272 
LYS HZ1  H N N 273 
LYS HZ2  H N N 274 
LYS HZ3  H N N 275 
LYS HXT  H N N 276 
MET N    N N N 277 
MET CA   C N S 278 
MET C    C N N 279 
MET O    O N N 280 
MET CB   C N N 281 
MET CG   C N N 282 
MET SD   S N N 283 
MET CE   C N N 284 
MET OXT  O N N 285 
MET H    H N N 286 
MET H2   H N N 287 
MET HA   H N N 288 
MET HB2  H N N 289 
MET HB3  H N N 290 
MET HG2  H N N 291 
MET HG3  H N N 292 
MET HE1  H N N 293 
MET HE2  H N N 294 
MET HE3  H N N 295 
MET HXT  H N N 296 
NDP PA   P N S 297 
NDP O1A  O N N 298 
NDP O2A  O N N 299 
NDP O5B  O N N 300 
NDP C5B  C N N 301 
NDP C4B  C N R 302 
NDP O4B  O N N 303 
NDP C3B  C N R 304 
NDP O3B  O N N 305 
NDP C2B  C N R 306 
NDP O2B  O N N 307 
NDP C1B  C N R 308 
NDP N9A  N Y N 309 
NDP C8A  C Y N 310 
NDP N7A  N Y N 311 
NDP C5A  C Y N 312 
NDP C6A  C Y N 313 
NDP N6A  N N N 314 
NDP N1A  N Y N 315 
NDP C2A  C Y N 316 
NDP N3A  N Y N 317 
NDP C4A  C Y N 318 
NDP O3   O N N 319 
NDP PN   P N S 320 
NDP O1N  O N N 321 
NDP O2N  O N N 322 
NDP O5D  O N N 323 
NDP C5D  C N N 324 
NDP C4D  C N R 325 
NDP O4D  O N N 326 
NDP C3D  C N S 327 
NDP O3D  O N N 328 
NDP C2D  C N R 329 
NDP O2D  O N N 330 
NDP C1D  C N R 331 
NDP N1N  N N N 332 
NDP C2N  C N N 333 
NDP C3N  C N N 334 
NDP C7N  C N N 335 
NDP O7N  O N N 336 
NDP N7N  N N N 337 
NDP C4N  C N N 338 
NDP C5N  C N N 339 
NDP C6N  C N N 340 
NDP P2B  P N N 341 
NDP O1X  O N N 342 
NDP O2X  O N N 343 
NDP O3X  O N N 344 
NDP HOA2 H N N 345 
NDP H51A H N N 346 
NDP H52A H N N 347 
NDP H4B  H N N 348 
NDP H3B  H N N 349 
NDP HO3A H N N 350 
NDP H2B  H N N 351 
NDP H1B  H N N 352 
NDP H8A  H N N 353 
NDP H61A H N N 354 
NDP H62A H N N 355 
NDP H2A  H N N 356 
NDP H21N H N N 357 
NDP H51N H N N 358 
NDP H52N H N N 359 
NDP H4D  H N N 360 
NDP H3D  H N N 361 
NDP HO3N H N N 362 
NDP H2D  H N N 363 
NDP HO2N H N N 364 
NDP H1D  H N N 365 
NDP H2N  H N N 366 
NDP H71N H N N 367 
NDP H72N H N N 368 
NDP H41N H N N 369 
NDP H42N H N N 370 
NDP H5N  H N N 371 
NDP H6N  H N N 372 
NDP HOP2 H N N 373 
NDP HOP3 H N N 374 
PHE N    N N N 375 
PHE CA   C N S 376 
PHE C    C N N 377 
PHE O    O N N 378 
PHE CB   C N N 379 
PHE CG   C Y N 380 
PHE CD1  C Y N 381 
PHE CD2  C Y N 382 
PHE CE1  C Y N 383 
PHE CE2  C Y N 384 
PHE CZ   C Y N 385 
PHE OXT  O N N 386 
PHE H    H N N 387 
PHE H2   H N N 388 
PHE HA   H N N 389 
PHE HB2  H N N 390 
PHE HB3  H N N 391 
PHE HD1  H N N 392 
PHE HD2  H N N 393 
PHE HE1  H N N 394 
PHE HE2  H N N 395 
PHE HZ   H N N 396 
PHE HXT  H N N 397 
PRO N    N N N 398 
PRO CA   C N S 399 
PRO C    C N N 400 
PRO O    O N N 401 
PRO CB   C N N 402 
PRO CG   C N N 403 
PRO CD   C N N 404 
PRO OXT  O N N 405 
PRO H    H N N 406 
PRO HA   H N N 407 
PRO HB2  H N N 408 
PRO HB3  H N N 409 
PRO HG2  H N N 410 
PRO HG3  H N N 411 
PRO HD2  H N N 412 
PRO HD3  H N N 413 
PRO HXT  H N N 414 
SER N    N N N 415 
SER CA   C N S 416 
SER C    C N N 417 
SER O    O N N 418 
SER CB   C N N 419 
SER OG   O N N 420 
SER OXT  O N N 421 
SER H    H N N 422 
SER H2   H N N 423 
SER HA   H N N 424 
SER HB2  H N N 425 
SER HB3  H N N 426 
SER HG   H N N 427 
SER HXT  H N N 428 
SO4 S    S N N 429 
SO4 O1   O N N 430 
SO4 O2   O N N 431 
SO4 O3   O N N 432 
SO4 O4   O N N 433 
THR N    N N N 434 
THR CA   C N S 435 
THR C    C N N 436 
THR O    O N N 437 
THR CB   C N R 438 
THR OG1  O N N 439 
THR CG2  C N N 440 
THR OXT  O N N 441 
THR H    H N N 442 
THR H2   H N N 443 
THR HA   H N N 444 
THR HB   H N N 445 
THR HG1  H N N 446 
THR HG21 H N N 447 
THR HG22 H N N 448 
THR HG23 H N N 449 
THR HXT  H N N 450 
TRP N    N N N 451 
TRP CA   C N S 452 
TRP C    C N N 453 
TRP O    O N N 454 
TRP CB   C N N 455 
TRP CG   C Y N 456 
TRP CD1  C Y N 457 
TRP CD2  C Y N 458 
TRP NE1  N Y N 459 
TRP CE2  C Y N 460 
TRP CE3  C Y N 461 
TRP CZ2  C Y N 462 
TRP CZ3  C Y N 463 
TRP CH2  C Y N 464 
TRP OXT  O N N 465 
TRP H    H N N 466 
TRP H2   H N N 467 
TRP HA   H N N 468 
TRP HB2  H N N 469 
TRP HB3  H N N 470 
TRP HD1  H N N 471 
TRP HE1  H N N 472 
TRP HE3  H N N 473 
TRP HZ2  H N N 474 
TRP HZ3  H N N 475 
TRP HH2  H N N 476 
TRP HXT  H N N 477 
TYR N    N N N 478 
TYR CA   C N S 479 
TYR C    C N N 480 
TYR O    O N N 481 
TYR CB   C N N 482 
TYR CG   C Y N 483 
TYR CD1  C Y N 484 
TYR CD2  C Y N 485 
TYR CE1  C Y N 486 
TYR CE2  C Y N 487 
TYR CZ   C Y N 488 
TYR OH   O N N 489 
TYR OXT  O N N 490 
TYR H    H N N 491 
TYR H2   H N N 492 
TYR HA   H N N 493 
TYR HB2  H N N 494 
TYR HB3  H N N 495 
TYR HD1  H N N 496 
TYR HD2  H N N 497 
TYR HE1  H N N 498 
TYR HE2  H N N 499 
TYR HH   H N N 500 
TYR HXT  H N N 501 
VAL N    N N N 502 
VAL CA   C N S 503 
VAL C    C N N 504 
VAL O    O N N 505 
VAL CB   C N N 506 
VAL CG1  C N N 507 
VAL CG2  C N N 508 
VAL OXT  O N N 509 
VAL H    H N N 510 
VAL H2   H N N 511 
VAL HA   H N N 512 
VAL HB   H N N 513 
VAL HG11 H N N 514 
VAL HG12 H N N 515 
VAL HG13 H N N 516 
VAL HG21 H N N 517 
VAL HG22 H N N 518 
VAL HG23 H N N 519 
VAL HXT  H N N 520 
# 
loop_
_chem_comp_bond.comp_id 
_chem_comp_bond.atom_id_1 
_chem_comp_bond.atom_id_2 
_chem_comp_bond.value_order 
_chem_comp_bond.pdbx_aromatic_flag 
_chem_comp_bond.pdbx_stereo_config 
_chem_comp_bond.pdbx_ordinal 
ALA N   CA   sing N N 1   
ALA N   H    sing N N 2   
ALA N   H2   sing N N 3   
ALA CA  C    sing N N 4   
ALA CA  CB   sing N N 5   
ALA CA  HA   sing N N 6   
ALA C   O    doub N N 7   
ALA C   OXT  sing N N 8   
ALA CB  HB1  sing N N 9   
ALA CB  HB2  sing N N 10  
ALA CB  HB3  sing N N 11  
ALA OXT HXT  sing N N 12  
ARG N   CA   sing N N 13  
ARG N   H    sing N N 14  
ARG N   H2   sing N N 15  
ARG CA  C    sing N N 16  
ARG CA  CB   sing N N 17  
ARG CA  HA   sing N N 18  
ARG C   O    doub N N 19  
ARG C   OXT  sing N N 20  
ARG CB  CG   sing N N 21  
ARG CB  HB2  sing N N 22  
ARG CB  HB3  sing N N 23  
ARG CG  CD   sing N N 24  
ARG CG  HG2  sing N N 25  
ARG CG  HG3  sing N N 26  
ARG CD  NE   sing N N 27  
ARG CD  HD2  sing N N 28  
ARG CD  HD3  sing N N 29  
ARG NE  CZ   sing N N 30  
ARG NE  HE   sing N N 31  
ARG CZ  NH1  sing N N 32  
ARG CZ  NH2  doub N N 33  
ARG NH1 HH11 sing N N 34  
ARG NH1 HH12 sing N N 35  
ARG NH2 HH21 sing N N 36  
ARG NH2 HH22 sing N N 37  
ARG OXT HXT  sing N N 38  
ASN N   CA   sing N N 39  
ASN N   H    sing N N 40  
ASN N   H2   sing N N 41  
ASN CA  C    sing N N 42  
ASN CA  CB   sing N N 43  
ASN CA  HA   sing N N 44  
ASN C   O    doub N N 45  
ASN C   OXT  sing N N 46  
ASN CB  CG   sing N N 47  
ASN CB  HB2  sing N N 48  
ASN CB  HB3  sing N N 49  
ASN CG  OD1  doub N N 50  
ASN CG  ND2  sing N N 51  
ASN ND2 HD21 sing N N 52  
ASN ND2 HD22 sing N N 53  
ASN OXT HXT  sing N N 54  
ASP N   CA   sing N N 55  
ASP N   H    sing N N 56  
ASP N   H2   sing N N 57  
ASP CA  C    sing N N 58  
ASP CA  CB   sing N N 59  
ASP CA  HA   sing N N 60  
ASP C   O    doub N N 61  
ASP C   OXT  sing N N 62  
ASP CB  CG   sing N N 63  
ASP CB  HB2  sing N N 64  
ASP CB  HB3  sing N N 65  
ASP CG  OD1  doub N N 66  
ASP CG  OD2  sing N N 67  
ASP OD2 HD2  sing N N 68  
ASP OXT HXT  sing N N 69  
CYS N   CA   sing N N 70  
CYS N   H    sing N N 71  
CYS N   H2   sing N N 72  
CYS CA  C    sing N N 73  
CYS CA  CB   sing N N 74  
CYS CA  HA   sing N N 75  
CYS C   O    doub N N 76  
CYS C   OXT  sing N N 77  
CYS CB  SG   sing N N 78  
CYS CB  HB2  sing N N 79  
CYS CB  HB3  sing N N 80  
CYS SG  HG   sing N N 81  
CYS OXT HXT  sing N N 82  
D2H N1  C2   doub Y N 83  
D2H N1  C6   sing Y N 84  
D2H C2  N3   sing Y N 85  
D2H C2  NAD  sing N N 86  
D2H N3  C4   doub Y N 87  
D2H C4  C5   sing Y N 88  
D2H C4  OAP  sing Y N 89  
D2H C5  C6   doub Y N 90  
D2H C5  CAS  sing Y N 91  
D2H C6  NAE  sing N N 92  
D2H CAA CAL  sing N N 93  
D2H CAB OAO  sing N N 94  
D2H CAC CAY  sing N N 95  
D2H CAF CAQ  doub N N 96  
D2H CAF CAS  sing N N 97  
D2H CAG CAH  doub Y N 98  
D2H CAG CAI  sing Y N 99  
D2H CAH CAJ  sing Y N 100 
D2H CAI CAU  doub Y N 101 
D2H CAJ CAV  doub Y N 102 
D2H CAK OAP  sing Y N 103 
D2H CAK CAS  doub Y N 104 
D2H CAL CAY  sing N N 105 
D2H OAO CAU  sing N N 106 
D2H CAQ CAV  sing N N 107 
D2H CAQ CAY  sing N N 108 
D2H CAU CAV  sing Y E 109 
D2H CAA HAA  sing N N 110 
D2H CAA HAAA sing N N 111 
D2H CAA HAAB sing N N 112 
D2H CAB HAB  sing N N 113 
D2H CAB HABA sing N N 114 
D2H CAB HABB sing N N 115 
D2H CAC HAC  sing N N 116 
D2H CAC HACA sing N N 117 
D2H CAC HACB sing N N 118 
D2H NAD HNAD sing N N 119 
D2H NAD HNAA sing N N 120 
D2H NAE HNAE sing N N 121 
D2H NAE HNAB sing N N 122 
D2H CAF HAF  sing N N 123 
D2H CAG HAG  sing N N 124 
D2H CAH HAH  sing N N 125 
D2H CAI HAI  sing N N 126 
D2H CAJ HAJ  sing N N 127 
D2H CAK HAK  sing N N 128 
D2H CAL HAL  sing N N 129 
D2H CAL HALA sing N N 130 
D2H CAY HAY  sing N N 131 
GLN N   CA   sing N N 132 
GLN N   H    sing N N 133 
GLN N   H2   sing N N 134 
GLN CA  C    sing N N 135 
GLN CA  CB   sing N N 136 
GLN CA  HA   sing N N 137 
GLN C   O    doub N N 138 
GLN C   OXT  sing N N 139 
GLN CB  CG   sing N N 140 
GLN CB  HB2  sing N N 141 
GLN CB  HB3  sing N N 142 
GLN CG  CD   sing N N 143 
GLN CG  HG2  sing N N 144 
GLN CG  HG3  sing N N 145 
GLN CD  OE1  doub N N 146 
GLN CD  NE2  sing N N 147 
GLN NE2 HE21 sing N N 148 
GLN NE2 HE22 sing N N 149 
GLN OXT HXT  sing N N 150 
GLU N   CA   sing N N 151 
GLU N   H    sing N N 152 
GLU N   H2   sing N N 153 
GLU CA  C    sing N N 154 
GLU CA  CB   sing N N 155 
GLU CA  HA   sing N N 156 
GLU C   O    doub N N 157 
GLU C   OXT  sing N N 158 
GLU CB  CG   sing N N 159 
GLU CB  HB2  sing N N 160 
GLU CB  HB3  sing N N 161 
GLU CG  CD   sing N N 162 
GLU CG  HG2  sing N N 163 
GLU CG  HG3  sing N N 164 
GLU CD  OE1  doub N N 165 
GLU CD  OE2  sing N N 166 
GLU OE2 HE2  sing N N 167 
GLU OXT HXT  sing N N 168 
GLY N   CA   sing N N 169 
GLY N   H    sing N N 170 
GLY N   H2   sing N N 171 
GLY CA  C    sing N N 172 
GLY CA  HA2  sing N N 173 
GLY CA  HA3  sing N N 174 
GLY C   O    doub N N 175 
GLY C   OXT  sing N N 176 
GLY OXT HXT  sing N N 177 
HIS N   CA   sing N N 178 
HIS N   H    sing N N 179 
HIS N   H2   sing N N 180 
HIS CA  C    sing N N 181 
HIS CA  CB   sing N N 182 
HIS CA  HA   sing N N 183 
HIS C   O    doub N N 184 
HIS C   OXT  sing N N 185 
HIS CB  CG   sing N N 186 
HIS CB  HB2  sing N N 187 
HIS CB  HB3  sing N N 188 
HIS CG  ND1  sing Y N 189 
HIS CG  CD2  doub Y N 190 
HIS ND1 CE1  doub Y N 191 
HIS ND1 HD1  sing N N 192 
HIS CD2 NE2  sing Y N 193 
HIS CD2 HD2  sing N N 194 
HIS CE1 NE2  sing Y N 195 
HIS CE1 HE1  sing N N 196 
HIS NE2 HE2  sing N N 197 
HIS OXT HXT  sing N N 198 
HOH O   H1   sing N N 199 
HOH O   H2   sing N N 200 
ILE N   CA   sing N N 201 
ILE N   H    sing N N 202 
ILE N   H2   sing N N 203 
ILE CA  C    sing N N 204 
ILE CA  CB   sing N N 205 
ILE CA  HA   sing N N 206 
ILE C   O    doub N N 207 
ILE C   OXT  sing N N 208 
ILE CB  CG1  sing N N 209 
ILE CB  CG2  sing N N 210 
ILE CB  HB   sing N N 211 
ILE CG1 CD1  sing N N 212 
ILE CG1 HG12 sing N N 213 
ILE CG1 HG13 sing N N 214 
ILE CG2 HG21 sing N N 215 
ILE CG2 HG22 sing N N 216 
ILE CG2 HG23 sing N N 217 
ILE CD1 HD11 sing N N 218 
ILE CD1 HD12 sing N N 219 
ILE CD1 HD13 sing N N 220 
ILE OXT HXT  sing N N 221 
LEU N   CA   sing N N 222 
LEU N   H    sing N N 223 
LEU N   H2   sing N N 224 
LEU CA  C    sing N N 225 
LEU CA  CB   sing N N 226 
LEU CA  HA   sing N N 227 
LEU C   O    doub N N 228 
LEU C   OXT  sing N N 229 
LEU CB  CG   sing N N 230 
LEU CB  HB2  sing N N 231 
LEU CB  HB3  sing N N 232 
LEU CG  CD1  sing N N 233 
LEU CG  CD2  sing N N 234 
LEU CG  HG   sing N N 235 
LEU CD1 HD11 sing N N 236 
LEU CD1 HD12 sing N N 237 
LEU CD1 HD13 sing N N 238 
LEU CD2 HD21 sing N N 239 
LEU CD2 HD22 sing N N 240 
LEU CD2 HD23 sing N N 241 
LEU OXT HXT  sing N N 242 
LYS N   CA   sing N N 243 
LYS N   H    sing N N 244 
LYS N   H2   sing N N 245 
LYS CA  C    sing N N 246 
LYS CA  CB   sing N N 247 
LYS CA  HA   sing N N 248 
LYS C   O    doub N N 249 
LYS C   OXT  sing N N 250 
LYS CB  CG   sing N N 251 
LYS CB  HB2  sing N N 252 
LYS CB  HB3  sing N N 253 
LYS CG  CD   sing N N 254 
LYS CG  HG2  sing N N 255 
LYS CG  HG3  sing N N 256 
LYS CD  CE   sing N N 257 
LYS CD  HD2  sing N N 258 
LYS CD  HD3  sing N N 259 
LYS CE  NZ   sing N N 260 
LYS CE  HE2  sing N N 261 
LYS CE  HE3  sing N N 262 
LYS NZ  HZ1  sing N N 263 
LYS NZ  HZ2  sing N N 264 
LYS NZ  HZ3  sing N N 265 
LYS OXT HXT  sing N N 266 
MET N   CA   sing N N 267 
MET N   H    sing N N 268 
MET N   H2   sing N N 269 
MET CA  C    sing N N 270 
MET CA  CB   sing N N 271 
MET CA  HA   sing N N 272 
MET C   O    doub N N 273 
MET C   OXT  sing N N 274 
MET CB  CG   sing N N 275 
MET CB  HB2  sing N N 276 
MET CB  HB3  sing N N 277 
MET CG  SD   sing N N 278 
MET CG  HG2  sing N N 279 
MET CG  HG3  sing N N 280 
MET SD  CE   sing N N 281 
MET CE  HE1  sing N N 282 
MET CE  HE2  sing N N 283 
MET CE  HE3  sing N N 284 
MET OXT HXT  sing N N 285 
NDP PA  O1A  doub N N 286 
NDP PA  O2A  sing N N 287 
NDP PA  O5B  sing N N 288 
NDP PA  O3   sing N N 289 
NDP O2A HOA2 sing N N 290 
NDP O5B C5B  sing N N 291 
NDP C5B C4B  sing N N 292 
NDP C5B H51A sing N N 293 
NDP C5B H52A sing N N 294 
NDP C4B O4B  sing N N 295 
NDP C4B C3B  sing N N 296 
NDP C4B H4B  sing N N 297 
NDP O4B C1B  sing N N 298 
NDP C3B O3B  sing N N 299 
NDP C3B C2B  sing N N 300 
NDP C3B H3B  sing N N 301 
NDP O3B HO3A sing N N 302 
NDP C2B O2B  sing N N 303 
NDP C2B C1B  sing N N 304 
NDP C2B H2B  sing N N 305 
NDP O2B P2B  sing N N 306 
NDP C1B N9A  sing N N 307 
NDP C1B H1B  sing N N 308 
NDP N9A C8A  sing Y N 309 
NDP N9A C4A  sing Y N 310 
NDP C8A N7A  doub Y N 311 
NDP C8A H8A  sing N N 312 
NDP N7A C5A  sing Y N 313 
NDP C5A C6A  sing Y N 314 
NDP C5A C4A  doub Y N 315 
NDP C6A N6A  sing N N 316 
NDP C6A N1A  doub Y N 317 
NDP N6A H61A sing N N 318 
NDP N6A H62A sing N N 319 
NDP N1A C2A  sing Y N 320 
NDP C2A N3A  doub Y N 321 
NDP C2A H2A  sing N N 322 
NDP N3A C4A  sing Y N 323 
NDP O3  PN   sing N N 324 
NDP PN  O1N  doub N N 325 
NDP PN  O2N  sing N N 326 
NDP PN  O5D  sing N N 327 
NDP O2N H21N sing N N 328 
NDP O5D C5D  sing N N 329 
NDP C5D C4D  sing N N 330 
NDP C5D H51N sing N N 331 
NDP C5D H52N sing N N 332 
NDP C4D O4D  sing N N 333 
NDP C4D C3D  sing N N 334 
NDP C4D H4D  sing N N 335 
NDP O4D C1D  sing N N 336 
NDP C3D O3D  sing N N 337 
NDP C3D C2D  sing N N 338 
NDP C3D H3D  sing N N 339 
NDP O3D HO3N sing N N 340 
NDP C2D O2D  sing N N 341 
NDP C2D C1D  sing N N 342 
NDP C2D H2D  sing N N 343 
NDP O2D HO2N sing N N 344 
NDP C1D N1N  sing N N 345 
NDP C1D H1D  sing N N 346 
NDP N1N C2N  sing N N 347 
NDP N1N C6N  sing N N 348 
NDP C2N C3N  doub N N 349 
NDP C2N H2N  sing N N 350 
NDP C3N C7N  sing N N 351 
NDP C3N C4N  sing N N 352 
NDP C7N O7N  doub N N 353 
NDP C7N N7N  sing N N 354 
NDP N7N H71N sing N N 355 
NDP N7N H72N sing N N 356 
NDP C4N C5N  sing N N 357 
NDP C4N H41N sing N N 358 
NDP C4N H42N sing N N 359 
NDP C5N C6N  doub N N 360 
NDP C5N H5N  sing N N 361 
NDP C6N H6N  sing N N 362 
NDP P2B O1X  doub N N 363 
NDP P2B O2X  sing N N 364 
NDP P2B O3X  sing N N 365 
NDP O2X HOP2 sing N N 366 
NDP O3X HOP3 sing N N 367 
PHE N   CA   sing N N 368 
PHE N   H    sing N N 369 
PHE N   H2   sing N N 370 
PHE CA  C    sing N N 371 
PHE CA  CB   sing N N 372 
PHE CA  HA   sing N N 373 
PHE C   O    doub N N 374 
PHE C   OXT  sing N N 375 
PHE CB  CG   sing N N 376 
PHE CB  HB2  sing N N 377 
PHE CB  HB3  sing N N 378 
PHE CG  CD1  doub Y N 379 
PHE CG  CD2  sing Y N 380 
PHE CD1 CE1  sing Y N 381 
PHE CD1 HD1  sing N N 382 
PHE CD2 CE2  doub Y N 383 
PHE CD2 HD2  sing N N 384 
PHE CE1 CZ   doub Y N 385 
PHE CE1 HE1  sing N N 386 
PHE CE2 CZ   sing Y N 387 
PHE CE2 HE2  sing N N 388 
PHE CZ  HZ   sing N N 389 
PHE OXT HXT  sing N N 390 
PRO N   CA   sing N N 391 
PRO N   CD   sing N N 392 
PRO N   H    sing N N 393 
PRO CA  C    sing N N 394 
PRO CA  CB   sing N N 395 
PRO CA  HA   sing N N 396 
PRO C   O    doub N N 397 
PRO C   OXT  sing N N 398 
PRO CB  CG   sing N N 399 
PRO CB  HB2  sing N N 400 
PRO CB  HB3  sing N N 401 
PRO CG  CD   sing N N 402 
PRO CG  HG2  sing N N 403 
PRO CG  HG3  sing N N 404 
PRO CD  HD2  sing N N 405 
PRO CD  HD3  sing N N 406 
PRO OXT HXT  sing N N 407 
SER N   CA   sing N N 408 
SER N   H    sing N N 409 
SER N   H2   sing N N 410 
SER CA  C    sing N N 411 
SER CA  CB   sing N N 412 
SER CA  HA   sing N N 413 
SER C   O    doub N N 414 
SER C   OXT  sing N N 415 
SER CB  OG   sing N N 416 
SER CB  HB2  sing N N 417 
SER CB  HB3  sing N N 418 
SER OG  HG   sing N N 419 
SER OXT HXT  sing N N 420 
SO4 S   O1   doub N N 421 
SO4 S   O2   doub N N 422 
SO4 S   O3   sing N N 423 
SO4 S   O4   sing N N 424 
THR N   CA   sing N N 425 
THR N   H    sing N N 426 
THR N   H2   sing N N 427 
THR CA  C    sing N N 428 
THR CA  CB   sing N N 429 
THR CA  HA   sing N N 430 
THR C   O    doub N N 431 
THR C   OXT  sing N N 432 
THR CB  OG1  sing N N 433 
THR CB  CG2  sing N N 434 
THR CB  HB   sing N N 435 
THR OG1 HG1  sing N N 436 
THR CG2 HG21 sing N N 437 
THR CG2 HG22 sing N N 438 
THR CG2 HG23 sing N N 439 
THR OXT HXT  sing N N 440 
TRP N   CA   sing N N 441 
TRP N   H    sing N N 442 
TRP N   H2   sing N N 443 
TRP CA  C    sing N N 444 
TRP CA  CB   sing N N 445 
TRP CA  HA   sing N N 446 
TRP C   O    doub N N 447 
TRP C   OXT  sing N N 448 
TRP CB  CG   sing N N 449 
TRP CB  HB2  sing N N 450 
TRP CB  HB3  sing N N 451 
TRP CG  CD1  doub Y N 452 
TRP CG  CD2  sing Y N 453 
TRP CD1 NE1  sing Y N 454 
TRP CD1 HD1  sing N N 455 
TRP CD2 CE2  doub Y N 456 
TRP CD2 CE3  sing Y N 457 
TRP NE1 CE2  sing Y N 458 
TRP NE1 HE1  sing N N 459 
TRP CE2 CZ2  sing Y N 460 
TRP CE3 CZ3  doub Y N 461 
TRP CE3 HE3  sing N N 462 
TRP CZ2 CH2  doub Y N 463 
TRP CZ2 HZ2  sing N N 464 
TRP CZ3 CH2  sing Y N 465 
TRP CZ3 HZ3  sing N N 466 
TRP CH2 HH2  sing N N 467 
TRP OXT HXT  sing N N 468 
TYR N   CA   sing N N 469 
TYR N   H    sing N N 470 
TYR N   H2   sing N N 471 
TYR CA  C    sing N N 472 
TYR CA  CB   sing N N 473 
TYR CA  HA   sing N N 474 
TYR C   O    doub N N 475 
TYR C   OXT  sing N N 476 
TYR CB  CG   sing N N 477 
TYR CB  HB2  sing N N 478 
TYR CB  HB3  sing N N 479 
TYR CG  CD1  doub Y N 480 
TYR CG  CD2  sing Y N 481 
TYR CD1 CE1  sing Y N 482 
TYR CD1 HD1  sing N N 483 
TYR CD2 CE2  doub Y N 484 
TYR CD2 HD2  sing N N 485 
TYR CE1 CZ   doub Y N 486 
TYR CE1 HE1  sing N N 487 
TYR CE2 CZ   sing Y N 488 
TYR CE2 HE2  sing N N 489 
TYR CZ  OH   sing N N 490 
TYR OH  HH   sing N N 491 
TYR OXT HXT  sing N N 492 
VAL N   CA   sing N N 493 
VAL N   H    sing N N 494 
VAL N   H2   sing N N 495 
VAL CA  C    sing N N 496 
VAL CA  CB   sing N N 497 
VAL CA  HA   sing N N 498 
VAL C   O    doub N N 499 
VAL C   OXT  sing N N 500 
VAL CB  CG1  sing N N 501 
VAL CB  CG2  sing N N 502 
VAL CB  HB   sing N N 503 
VAL CG1 HG11 sing N N 504 
VAL CG1 HG12 sing N N 505 
VAL CG1 HG13 sing N N 506 
VAL CG2 HG21 sing N N 507 
VAL CG2 HG22 sing N N 508 
VAL CG2 HG23 sing N N 509 
VAL OXT HXT  sing N N 510 
# 
loop_
_pdbx_entity_nonpoly.entity_id 
_pdbx_entity_nonpoly.name 
_pdbx_entity_nonpoly.comp_id 
2 'NADPH DIHYDRO-NICOTINAMIDE-ADENINE-DINUCLEOTIDE PHOSPHATE'                               NDP 
3 '5-[(1E,3R)-2-(2-methoxyphenyl)-3-methylpent-1-en-1-yl]furo[2,3-d]pyrimidine-2,4-diamine' D2H 
4 'SULFATE ION'                                                                             SO4 
5 water                                                                                     HOH 
# 
_pdbx_initial_refinement_model.id               1 
_pdbx_initial_refinement_model.entity_id_list   ? 
_pdbx_initial_refinement_model.type             'experimental model' 
_pdbx_initial_refinement_model.source_name      PDB 
_pdbx_initial_refinement_model.accession_code   1U72 
_pdbx_initial_refinement_model.details          'PDB entry 1u72' 
# 
